data_4BXH
#
_entry.id   4BXH
#
_cell.length_a   162.918
_cell.length_b   122.857
_cell.length_c   131.540
_cell.angle_alpha   90.00
_cell.angle_beta   90.00
_cell.angle_gamma   90.00
#
_symmetry.space_group_name_H-M   'P 21 21 2'
#
loop_
_entity.id
_entity.type
_entity.pdbx_description
1 polymer 'C4 PHOSPHOENOLPYRUVATE CARBOXYLASE'
2 polymer 'C4 PHOSPHOENOLPYRUVATE CARBOXYLASE'
3 non-polymer 1,2-ETHANEDIOL
4 non-polymer 'SULFATE ION'
5 water water
#
loop_
_entity_poly.entity_id
_entity_poly.type
_entity_poly.pdbx_seq_one_letter_code
_entity_poly.pdbx_strand_id
1 'polypeptide(L)'
;MGHHHHHHHHHHSSGHENLYFQGHMANRNVEKLASIDAQLRLLVPGKVSEDDKLVEYDALLLDKFLDILQDLHGEDLKEA
VQQCYELSAEYEGKHDPKKLEELGSLLTSLDTGDSIVIAKAFSHMLNLANLAEELQIAYRRRIKLKSGDFADEANATTES
DIEETFKRLVHKLNKSPEEVFDALKNQTVELVLTAHPTQSVRRSLLQKHGRIRNCLAQLYAKDITPDDKQELDEALHREI
QAAFRTDEIRRTPPTPQDEMRAGMSYFHETIWKGVPKFLRRVDTALKNIGINERFPYNAPLIQFSSWMGGDRDGNPRVTP
EVTRDVCLLARMMTSNMYFSQIEDLMIEMSMWRCNSELRVRAEELYRTARKDVKHYIEFWKRIPPNQPYRVILGDVRDKL
YNTRERSRHLLVDGKSDIPDEAVYTNVEQLLEPLELCYRSLCDCGDHVIADGSLLDFLRQVSTFGLSLVKLDIRQESDRH
TEVLDAITQHLGIGSYREWSEEKRQEWLLAELSGKRPLIGPDLPKTEEVKDCLDTFKVLAELPSDCFGAYIISMATSTSD
VLAVELLQREYHIKHPLRVVPLFEKLADLEAAPAAMTRLFSMDWYRNRIDGKQEVMIGYSDSGKDAGRFSAAWQLYKTQE
QIVKIAKEFGVKLVIFHGRGGTVGRGGGPTHLALLSQPPDTINGSLRVTVQGEVIEQSFGEEHLCFRTLQRFCAATLEHG
MNPPISPRPEWRELMDQMAVVATEEYRSVVFKEPRFVEYFRLATPELEFGRMNIGSRPSKRKPSGGIESLRAIPWIFSWT
QTRFHLPVWLGFGAAFKHAIQKDSKNLQMLQEMYKTWPFFRVTIDLVEMVFAKGNPGIAALNDKLLVSEDLRPFGESLRA
NYEETKNYLLKIAGHKDLLEGDPYLKQGIRLRDPYITTLNVCQAYTLKRIRDPNYHVTLRPHISKEYAAEPSKPADELIH
LNPTSEYAPGLEDTLILTMKGIAAGMQNTG
;
A
2 'polypeptide(L)'
;MGHHHHHHHHHHSSGHENLYFQGHMANRNVEKLASIDAQLRLLVPGKVSEDDKLVEYDALLLDKFLDILQDLHGEDLKEA
VQQCYELSAEYEGKHDPKKLEELGSLLTSLDTGDSIVIAKAFSHMLNLANLAEELQIAYRRRIKLKSGDFADEANATTES
DIEETFKRLVHKLNKSPEEVFDALKNQTVELVLTAHPTQSVRRSLLQKHGRIRNCLAQLYAKDITPDDKQELDEALHREI
QAAFRTDEIRRTPPTPQDEMRAGMSYFHETIWKGVPKFLRRVDTALKNIGINERFPYNAPLIQFSSWMGGDRDGNPRVTP
EVTRDVCLLARMMTSNMYFSQIEDLMIEMSMWRCNSELRVRAEELYRTARKDVKHYIEFWKRIPPNQPYRVILGDVRDKL
YNTRERSRHLLVDGKSDIPDEAVYTNVEQLLEPLELCYRSLCDCGDHVIADGSLLDFLRQVSTFGLSLVKLDIRQESDRH
TEVLDAITQHLGIGSYREWSEEKRQEWLLAELSGKRPLIGPDLPKTEEVKDCLDTFKVLAELPSDCFGAYIISMATSTSD
VLAVELLQREYHIKHPLRVVPLFEKLADLEAAPAAMTRLFSMDWYRNRIDGKQEVMIGYSDSGKDAGRFSAAWQLYKTQE
QIVKIAKEFGVKLVIFHGRGGTVGRGGGPTHLALLSQPPDTINGSLRVTVQGEVIEQSFGEEHLCFRTLQRFCAATLEHG
MNPPISPRPEWRELMDQMAVVATEEYRSVVFKEPRFVEYFRLATPELEFGRKNIGSRPSKRKPSGGIESLRAIPWIFSWT
QTRFHLPVWLGFGAAFKHAIQKDSKNLQMLQEMYKTWPFFRVTIDLVEMVFAKGNPGIAALNDKLLVSEDLRPFGESLRA
NYEETKNYLLKIAGHKDLLEGDPYLKQGIRLRDPYITTLNVCQAYTLKRIRDPNYHVTLRPHISKEYAAEPSKPADELIH
LNPTSEYAPGLEDTLILTMKGIAAGMQNTG
;
B
#
# COMPACT_ATOMS: atom_id res chain seq x y z
N LYS A 32 -29.25 12.88 22.97
CA LYS A 32 -29.13 12.05 21.74
C LYS A 32 -27.73 11.44 21.52
N LEU A 33 -27.80 10.24 20.96
CA LEU A 33 -26.66 9.49 20.44
C LEU A 33 -25.99 10.21 19.26
N ALA A 34 -26.82 10.57 18.27
CA ALA A 34 -26.43 11.34 17.08
C ALA A 34 -25.66 12.63 17.39
N SER A 35 -26.08 13.36 18.43
CA SER A 35 -25.39 14.61 18.77
C SER A 35 -23.97 14.33 19.32
N ILE A 36 -23.85 13.29 20.15
CA ILE A 36 -22.54 12.81 20.67
C ILE A 36 -21.65 12.25 19.53
N ASP A 37 -22.25 11.50 18.61
CA ASP A 37 -21.55 11.05 17.39
C ASP A 37 -20.93 12.24 16.62
N ALA A 38 -21.77 13.26 16.33
CA ALA A 38 -21.41 14.59 15.76
C ALA A 38 -20.17 15.26 16.36
N GLN A 39 -20.15 15.38 17.69
CA GLN A 39 -18.99 16.00 18.39
C GLN A 39 -17.75 15.13 18.20
N LEU A 40 -17.89 13.84 18.47
CA LEU A 40 -16.80 12.88 18.29
C LEU A 40 -16.27 12.85 16.85
N ARG A 41 -17.17 12.90 15.87
CA ARG A 41 -16.75 12.83 14.47
C ARG A 41 -15.88 14.05 14.05
N LEU A 42 -16.21 15.24 14.56
CA LEU A 42 -15.41 16.47 14.29
C LEU A 42 -13.94 16.32 14.69
N LEU A 43 -13.72 15.69 15.84
CA LEU A 43 -12.39 15.33 16.36
C LEU A 43 -11.52 14.48 15.43
N VAL A 44 -12.18 13.63 14.62
CA VAL A 44 -11.46 12.73 13.74
C VAL A 44 -12.06 12.60 12.33
N PRO A 45 -11.77 13.59 11.45
CA PRO A 45 -11.93 13.42 10.02
C PRO A 45 -11.09 12.28 9.47
N GLY A 46 -11.61 11.68 8.42
CA GLY A 46 -11.15 10.41 7.91
C GLY A 46 -12.25 9.83 7.02
N LYS A 47 -12.01 8.67 6.45
CA LYS A 47 -12.71 8.23 5.22
C LYS A 47 -13.53 6.95 5.47
N VAL A 48 -14.62 7.13 6.20
CA VAL A 48 -15.33 6.04 6.90
C VAL A 48 -15.96 5.04 5.94
N SER A 49 -15.34 3.86 5.89
CA SER A 49 -15.93 2.67 5.31
C SER A 49 -16.59 1.84 6.42
N GLU A 50 -17.07 0.67 6.06
CA GLU A 50 -18.03 -0.04 6.87
C GLU A 50 -17.37 -0.66 8.10
N ASP A 51 -16.09 -0.97 8.01
CA ASP A 51 -15.43 -1.62 9.12
C ASP A 51 -14.96 -0.55 10.10
N ASP A 52 -15.10 0.75 9.80
CA ASP A 52 -14.66 1.79 10.77
C ASP A 52 -15.80 2.26 11.68
N LYS A 53 -15.87 1.69 12.87
CA LYS A 53 -16.97 1.94 13.77
C LYS A 53 -16.54 2.58 15.06
N LEU A 54 -15.25 2.90 15.17
CA LEU A 54 -14.70 3.31 16.43
C LEU A 54 -15.44 4.56 17.00
N VAL A 55 -15.75 5.53 16.15
CA VAL A 55 -16.46 6.72 16.61
C VAL A 55 -17.85 6.37 17.14
N GLU A 56 -18.55 5.56 16.38
CA GLU A 56 -19.83 4.98 16.82
C GLU A 56 -19.73 4.26 18.17
N TYR A 57 -18.75 3.37 18.33
CA TYR A 57 -18.58 2.66 19.58
C TYR A 57 -18.42 3.70 20.69
N ASP A 58 -17.58 4.71 20.49
CA ASP A 58 -17.27 5.63 21.59
C ASP A 58 -18.49 6.44 21.97
N ALA A 59 -19.25 6.85 20.97
CA ALA A 59 -20.52 7.56 21.21
C ALA A 59 -21.50 6.74 21.99
N LEU A 60 -21.69 5.49 21.59
CA LEU A 60 -22.65 4.65 22.27
C LEU A 60 -22.22 4.47 23.74
N LEU A 61 -20.94 4.18 23.96
CA LEU A 61 -20.48 4.00 25.34
C LEU A 61 -20.61 5.28 26.17
N LEU A 62 -20.20 6.41 25.62
CA LEU A 62 -20.33 7.66 26.38
C LEU A 62 -21.80 7.95 26.70
N ASP A 63 -22.68 7.79 25.72
CA ASP A 63 -24.13 8.00 25.89
C ASP A 63 -24.70 7.14 27.05
N LYS A 64 -24.35 5.86 27.10
CA LYS A 64 -24.85 5.03 28.18
C LYS A 64 -24.25 5.38 29.52
N PHE A 65 -22.96 5.72 29.53
CA PHE A 65 -22.33 6.12 30.77
C PHE A 65 -22.90 7.42 31.30
N LEU A 66 -23.27 8.32 30.40
CA LEU A 66 -23.91 9.54 30.86
C LEU A 66 -25.27 9.21 31.56
N ASP A 67 -26.06 8.30 30.98
CA ASP A 67 -27.34 7.93 31.63
C ASP A 67 -27.04 7.41 33.05
N ILE A 68 -26.04 6.58 33.15
CA ILE A 68 -25.68 6.01 34.42
C ILE A 68 -25.26 7.06 35.43
N LEU A 69 -24.48 8.04 34.98
CA LEU A 69 -24.08 9.12 35.88
C LEU A 69 -25.31 9.87 36.35
N GLN A 70 -26.20 10.18 35.42
CA GLN A 70 -27.41 10.91 35.82
C GLN A 70 -28.15 10.13 36.90
N ASP A 71 -28.25 8.83 36.69
CA ASP A 71 -28.91 7.94 37.62
C ASP A 71 -28.29 7.83 38.97
N LEU A 72 -26.99 7.65 38.97
CA LEU A 72 -26.32 7.43 40.20
C LEU A 72 -26.10 8.73 40.96
N HIS A 73 -25.91 9.83 40.24
CA HIS A 73 -25.37 11.04 40.86
C HIS A 73 -26.15 12.30 40.58
N GLY A 74 -27.23 12.19 39.82
CA GLY A 74 -28.07 13.36 39.50
C GLY A 74 -27.75 14.02 38.18
N GLU A 75 -28.79 14.61 37.60
CA GLU A 75 -28.67 15.37 36.37
C GLU A 75 -27.60 16.46 36.41
N ASP A 76 -27.47 17.12 37.55
CA ASP A 76 -26.53 18.21 37.63
C ASP A 76 -25.10 17.71 37.40
N LEU A 77 -24.73 16.63 38.07
CA LEU A 77 -23.42 16.08 37.93
C LEU A 77 -23.22 15.58 36.49
N LYS A 78 -24.23 14.93 35.95
CA LYS A 78 -24.15 14.52 34.55
C LYS A 78 -23.84 15.72 33.64
N GLU A 79 -24.53 16.81 33.81
CA GLU A 79 -24.29 18.01 33.00
C GLU A 79 -22.88 18.58 33.16
N ALA A 80 -22.36 18.56 34.39
CA ALA A 80 -20.98 18.95 34.61
C ALA A 80 -19.98 18.08 33.84
N VAL A 81 -20.21 16.77 33.83
CA VAL A 81 -19.28 15.88 33.14
C VAL A 81 -19.34 16.18 31.66
N GLN A 82 -20.55 16.33 31.20
CA GLN A 82 -20.77 16.62 29.81
C GLN A 82 -20.07 17.85 29.41
N GLN A 83 -20.22 18.89 30.25
CA GLN A 83 -19.61 20.18 29.98
C GLN A 83 -18.08 20.08 29.98
N CYS A 84 -17.47 19.38 30.91
CA CYS A 84 -16.02 19.11 30.84
C CYS A 84 -15.67 18.44 29.54
N TYR A 85 -16.44 17.43 29.17
CA TYR A 85 -16.14 16.68 27.93
C TYR A 85 -16.22 17.62 26.72
N GLU A 86 -17.28 18.40 26.66
CA GLU A 86 -17.51 19.31 25.54
C GLU A 86 -16.40 20.33 25.40
N LEU A 87 -16.00 20.94 26.52
CA LEU A 87 -14.95 21.93 26.51
C LEU A 87 -13.64 21.33 26.08
N SER A 88 -13.34 20.12 26.58
CA SER A 88 -12.11 19.43 26.19
C SER A 88 -12.11 19.03 24.75
N ALA A 89 -13.25 18.57 24.25
CA ALA A 89 -13.35 18.16 22.83
C ALA A 89 -13.21 19.41 21.95
N GLU A 90 -13.87 20.47 22.32
CA GLU A 90 -13.65 21.69 21.55
C GLU A 90 -12.16 22.09 21.57
N TYR A 91 -11.54 22.09 22.74
CA TYR A 91 -10.13 22.46 22.82
C TYR A 91 -9.28 21.55 21.93
N GLU A 92 -9.52 20.26 21.94
CA GLU A 92 -8.74 19.39 21.07
C GLU A 92 -8.99 19.66 19.57
N GLY A 93 -10.14 20.26 19.23
CA GLY A 93 -10.43 20.63 17.85
C GLY A 93 -9.57 21.76 17.36
N LYS A 94 -9.78 22.95 17.91
CA LYS A 94 -9.07 24.12 17.48
C LYS A 94 -7.92 24.55 18.41
N HIS A 95 -7.71 23.91 19.54
CA HIS A 95 -6.68 24.35 20.50
C HIS A 95 -6.75 25.86 20.88
N ASP A 96 -7.96 26.36 21.08
CA ASP A 96 -8.15 27.69 21.61
C ASP A 96 -7.87 27.69 23.13
N PRO A 97 -6.82 28.38 23.60
CA PRO A 97 -6.51 28.51 25.04
C PRO A 97 -7.68 28.80 25.95
N LYS A 98 -8.62 29.58 25.41
CA LYS A 98 -9.81 29.97 26.12
C LYS A 98 -10.60 28.74 26.59
N LYS A 99 -10.69 27.74 25.76
CA LYS A 99 -11.37 26.52 26.19
C LYS A 99 -10.70 25.78 27.38
N LEU A 100 -9.36 25.75 27.43
CA LEU A 100 -8.61 25.23 28.60
C LEU A 100 -8.91 26.04 29.84
N GLU A 101 -8.95 27.37 29.72
CA GLU A 101 -9.25 28.23 30.88
C GLU A 101 -10.61 27.91 31.46
N GLU A 102 -11.63 27.81 30.58
CA GLU A 102 -13.01 27.57 31.03
C GLU A 102 -13.07 26.20 31.70
N LEU A 103 -12.41 25.24 31.09
CA LEU A 103 -12.30 23.93 31.68
C LEU A 103 -11.65 24.00 33.09
N GLY A 104 -10.56 24.78 33.20
CA GLY A 104 -9.93 25.06 34.49
C GLY A 104 -10.85 25.72 35.49
N SER A 105 -11.57 26.76 35.06
CA SER A 105 -12.50 27.46 35.97
C SER A 105 -13.54 26.53 36.49
N LEU A 106 -14.02 25.62 35.64
CA LEU A 106 -15.08 24.74 36.06
C LEU A 106 -14.51 23.77 37.07
N LEU A 107 -13.38 23.16 36.72
CA LEU A 107 -12.84 22.10 37.54
C LEU A 107 -12.30 22.57 38.86
N THR A 108 -11.67 23.74 38.90
CA THR A 108 -11.14 24.24 40.15
C THR A 108 -12.25 24.76 41.08
N SER A 109 -13.47 24.89 40.60
CA SER A 109 -14.57 25.31 41.45
C SER A 109 -15.26 24.11 42.19
N LEU A 110 -14.83 22.88 41.92
CA LEU A 110 -15.52 21.71 42.48
C LEU A 110 -14.96 21.32 43.82
N ASP A 111 -15.83 20.92 44.73
CA ASP A 111 -15.35 20.41 46.01
C ASP A 111 -14.71 19.04 45.84
N THR A 112 -14.20 18.53 46.93
CA THR A 112 -13.52 17.29 46.92
C THR A 112 -14.42 16.16 46.41
N GLY A 113 -15.63 16.11 46.91
CA GLY A 113 -16.57 15.02 46.58
C GLY A 113 -16.86 15.01 45.11
N ASP A 114 -17.17 16.17 44.55
CA ASP A 114 -17.45 16.29 43.14
C ASP A 114 -16.19 16.03 42.26
N SER A 115 -15.03 16.45 42.76
CA SER A 115 -13.80 16.21 42.03
C SER A 115 -13.53 14.75 41.84
N ILE A 116 -13.75 13.99 42.88
CA ILE A 116 -13.54 12.57 42.85
C ILE A 116 -14.47 11.89 41.87
N VAL A 117 -15.75 12.30 41.87
CA VAL A 117 -16.71 11.73 40.93
C VAL A 117 -16.28 12.03 39.48
N ILE A 118 -15.95 13.29 39.23
CA ILE A 118 -15.45 13.69 37.92
C ILE A 118 -14.17 12.90 37.50
N ALA A 119 -13.17 12.79 38.36
CA ALA A 119 -11.99 12.04 37.98
C ALA A 119 -12.27 10.55 37.76
N LYS A 120 -13.14 9.99 38.58
CA LYS A 120 -13.60 8.64 38.35
C LYS A 120 -14.31 8.49 37.00
N ALA A 121 -15.17 9.44 36.70
CA ALA A 121 -15.93 9.41 35.46
C ALA A 121 -14.98 9.44 34.26
N PHE A 122 -14.06 10.40 34.25
CA PHE A 122 -13.17 10.47 33.10
C PHE A 122 -12.20 9.30 33.01
N SER A 123 -11.72 8.79 34.14
CA SER A 123 -10.90 7.57 34.10
C SER A 123 -11.64 6.40 33.50
N HIS A 124 -12.91 6.27 33.89
CA HIS A 124 -13.72 5.19 33.43
C HIS A 124 -13.95 5.28 31.93
N MET A 125 -14.26 6.48 31.45
CA MET A 125 -14.45 6.68 30.01
C MET A 125 -13.18 6.28 29.24
N LEU A 126 -11.99 6.54 29.80
CA LEU A 126 -10.78 6.14 29.10
C LEU A 126 -10.74 4.65 28.97
N ASN A 127 -11.11 3.91 30.02
CA ASN A 127 -11.12 2.46 29.90
C ASN A 127 -12.12 1.97 28.86
N LEU A 128 -13.29 2.59 28.82
CA LEU A 128 -14.28 2.24 27.81
C LEU A 128 -13.76 2.51 26.39
N ALA A 129 -13.11 3.66 26.21
CA ALA A 129 -12.59 3.99 24.92
C ALA A 129 -11.55 2.97 24.49
N ASN A 130 -10.72 2.49 25.45
CA ASN A 130 -9.66 1.54 25.13
CA ASN A 130 -9.68 1.53 25.12
C ASN A 130 -10.30 0.23 24.69
N LEU A 131 -11.37 -0.18 25.38
CA LEU A 131 -12.04 -1.41 25.00
C LEU A 131 -12.63 -1.32 23.61
N ALA A 132 -13.26 -0.21 23.31
CA ALA A 132 -13.77 0.05 21.95
C ALA A 132 -12.66 -0.01 20.89
N GLU A 133 -11.50 0.56 21.22
CA GLU A 133 -10.43 0.58 20.26
C GLU A 133 -9.92 -0.82 20.01
N GLU A 134 -9.87 -1.63 21.07
CA GLU A 134 -9.49 -3.01 20.90
C GLU A 134 -10.41 -3.75 19.93
N LEU A 135 -11.70 -3.52 20.04
CA LEU A 135 -12.66 -4.16 19.22
C LEU A 135 -12.51 -3.68 17.78
N GLN A 136 -12.23 -2.41 17.60
CA GLN A 136 -11.95 -1.90 16.27
C GLN A 136 -10.68 -2.51 15.65
N ILE A 137 -9.60 -2.60 16.40
CA ILE A 137 -8.40 -3.26 15.87
C ILE A 137 -8.71 -4.74 15.54
N ALA A 138 -9.49 -5.42 16.36
CA ALA A 138 -9.76 -6.82 16.11
C ALA A 138 -10.51 -7.06 14.80
N TYR A 139 -11.44 -6.18 14.45
CA TYR A 139 -12.25 -6.38 13.26
C TYR A 139 -11.81 -5.50 12.08
N ARG A 140 -10.75 -4.70 12.20
CA ARG A 140 -10.32 -3.92 11.07
C ARG A 140 -9.88 -4.85 9.87
N ARG A 141 -10.35 -4.52 8.67
CA ARG A 141 -10.05 -5.33 7.49
C ARG A 141 -8.53 -5.39 7.16
N ARG A 142 -8.05 -6.61 6.90
CA ARG A 142 -6.70 -6.84 6.34
C ARG A 142 -6.56 -6.32 4.92
N ILE A 143 -5.42 -5.72 4.60
CA ILE A 143 -5.13 -5.36 3.20
C ILE A 143 -4.83 -6.64 2.42
N LYS A 144 -5.50 -6.82 1.32
CA LYS A 144 -5.38 -8.03 0.51
C LYS A 144 -4.04 -8.08 -0.21
N LEU A 145 -3.68 -7.05 -0.99
CA LEU A 145 -2.41 -7.01 -1.74
C LEU A 145 -1.37 -6.17 -1.04
N LYS A 146 -0.42 -6.84 -0.38
CA LYS A 146 0.61 -6.11 0.39
C LYS A 146 1.76 -5.71 -0.62
N SER A 147 2.27 -4.47 -0.53
CA SER A 147 3.38 -4.00 -1.39
C SER A 147 4.72 -4.74 -1.20
N GLY A 148 4.89 -5.56 -0.17
CA GLY A 148 6.17 -6.23 0.11
C GLY A 148 7.25 -5.42 0.86
N ASP A 149 7.19 -4.07 0.83
CA ASP A 149 8.10 -3.22 1.58
C ASP A 149 8.05 -3.58 3.11
N PHE A 150 9.21 -3.50 3.79
CA PHE A 150 9.30 -3.79 5.20
C PHE A 150 8.35 -2.90 5.99
N ALA A 151 8.02 -1.70 5.49
CA ALA A 151 7.03 -0.83 6.16
C ALA A 151 5.65 -1.43 6.37
N ASP A 152 5.27 -2.42 5.56
CA ASP A 152 4.03 -3.15 5.79
C ASP A 152 3.97 -3.91 7.11
N GLU A 153 5.14 -4.26 7.67
CA GLU A 153 5.23 -4.99 8.93
C GLU A 153 5.11 -4.10 10.16
N ALA A 154 4.96 -2.81 9.96
CA ALA A 154 4.66 -1.89 11.08
C ALA A 154 3.19 -1.72 11.40
N ASN A 155 2.32 -2.32 10.61
CA ASN A 155 0.91 -2.01 10.72
C ASN A 155 0.10 -3.31 10.68
N ALA A 156 -0.81 -3.47 11.67
CA ALA A 156 -1.56 -4.71 11.81
C ALA A 156 -2.40 -5.09 10.59
N THR A 157 -2.85 -4.11 9.80
CA THR A 157 -3.66 -4.40 8.64
C THR A 157 -2.83 -4.92 7.49
N THR A 158 -1.52 -4.63 7.52
CA THR A 158 -0.61 -5.05 6.44
C THR A 158 0.42 -6.12 6.80
N GLU A 159 0.67 -6.37 8.08
CA GLU A 159 1.77 -7.23 8.43
C GLU A 159 1.60 -8.68 7.94
N SER A 160 2.68 -9.41 7.85
CA SER A 160 2.63 -10.81 7.40
C SER A 160 2.16 -11.69 8.57
N ASP A 161 1.18 -12.52 8.26
CA ASP A 161 0.77 -13.51 9.21
C ASP A 161 1.78 -14.67 9.14
N ILE A 162 1.57 -15.72 9.89
CA ILE A 162 2.61 -16.75 9.95
C ILE A 162 2.73 -17.46 8.59
N GLU A 163 1.62 -17.71 7.91
CA GLU A 163 1.71 -18.37 6.59
C GLU A 163 2.41 -17.48 5.54
N GLU A 164 2.15 -16.18 5.56
CA GLU A 164 2.77 -15.29 4.62
C GLU A 164 4.23 -15.21 4.93
N THR A 165 4.56 -15.31 6.20
CA THR A 165 5.95 -15.34 6.56
C THR A 165 6.61 -16.62 5.97
N PHE A 166 6.01 -17.79 6.19
CA PHE A 166 6.50 -19.03 5.59
C PHE A 166 6.70 -18.83 4.08
N LYS A 167 5.68 -18.32 3.40
CA LYS A 167 5.78 -18.18 1.95
C LYS A 167 6.89 -17.25 1.49
N ARG A 168 7.12 -16.14 2.17
CA ARG A 168 8.17 -15.25 1.74
C ARG A 168 9.50 -15.96 1.92
N LEU A 169 9.65 -16.70 3.00
CA LEU A 169 10.93 -17.35 3.22
C LEU A 169 11.17 -18.40 2.12
N VAL A 170 10.12 -19.15 1.78
CA VAL A 170 10.23 -20.19 0.73
C VAL A 170 10.47 -19.62 -0.65
N HIS A 171 9.66 -18.64 -1.02
CA HIS A 171 9.68 -18.18 -2.42
C HIS A 171 10.64 -17.02 -2.66
N LYS A 172 10.92 -16.21 -1.66
CA LYS A 172 11.83 -15.11 -1.86
C LYS A 172 13.24 -15.35 -1.33
N LEU A 173 13.40 -16.15 -0.29
CA LEU A 173 14.72 -16.43 0.26
C LEU A 173 15.15 -17.84 -0.06
N ASN A 174 14.40 -18.51 -0.93
CA ASN A 174 14.72 -19.87 -1.34
C ASN A 174 15.02 -20.86 -0.23
N LYS A 175 14.27 -20.79 0.87
CA LYS A 175 14.30 -21.86 1.86
C LYS A 175 13.35 -22.95 1.42
N SER A 176 13.65 -24.21 1.74
CA SER A 176 12.69 -25.29 1.48
C SER A 176 11.64 -25.23 2.63
N PRO A 177 10.40 -25.74 2.40
CA PRO A 177 9.44 -25.92 3.50
C PRO A 177 10.05 -26.65 4.72
N GLU A 178 10.86 -27.69 4.47
CA GLU A 178 11.49 -28.44 5.54
C GLU A 178 12.46 -27.58 6.36
N GLU A 179 13.20 -26.69 5.72
CA GLU A 179 14.11 -25.81 6.46
C GLU A 179 13.38 -24.81 7.35
N VAL A 180 12.23 -24.34 6.87
CA VAL A 180 11.40 -23.44 7.62
C VAL A 180 10.78 -24.19 8.81
N PHE A 181 10.26 -25.36 8.56
CA PHE A 181 9.67 -26.19 9.61
C PHE A 181 10.71 -26.52 10.69
N ASP A 182 11.92 -26.80 10.25
CA ASP A 182 12.96 -27.20 11.19
C ASP A 182 13.46 -26.01 12.05
N ALA A 183 13.57 -24.85 11.46
CA ALA A 183 13.97 -23.67 12.21
C ALA A 183 12.88 -23.33 13.21
N LEU A 184 11.63 -23.37 12.84
CA LEU A 184 10.56 -23.06 13.82
C LEU A 184 10.55 -24.08 14.97
N LYS A 185 10.74 -25.36 14.68
CA LYS A 185 10.77 -26.35 15.73
C LYS A 185 11.85 -26.11 16.78
N ASN A 186 12.91 -25.41 16.40
CA ASN A 186 13.99 -25.17 17.33
C ASN A 186 13.95 -23.76 17.86
N GLN A 187 12.90 -23.01 17.54
CA GLN A 187 12.82 -21.61 17.92
C GLN A 187 12.21 -21.49 19.33
N THR A 188 12.58 -20.51 20.12
CA THR A 188 11.89 -20.22 21.37
C THR A 188 11.58 -18.72 21.42
N VAL A 189 10.34 -18.39 21.80
CA VAL A 189 9.92 -17.03 22.11
C VAL A 189 9.50 -16.96 23.57
N GLU A 190 10.20 -16.14 24.32
CA GLU A 190 9.94 -16.02 25.72
C GLU A 190 9.48 -14.56 26.02
N LEU A 191 8.28 -14.42 26.60
CA LEU A 191 7.71 -13.14 26.90
C LEU A 191 7.67 -13.00 28.39
N VAL A 192 8.29 -11.96 28.90
CA VAL A 192 8.46 -11.73 30.31
C VAL A 192 7.59 -10.61 30.78
N LEU A 193 6.64 -10.92 31.64
CA LEU A 193 5.62 -9.95 32.11
C LEU A 193 6.11 -9.17 33.29
N THR A 194 6.04 -7.86 33.22
CA THR A 194 6.40 -7.00 34.32
C THR A 194 5.16 -6.25 34.84
N ALA A 195 5.29 -5.71 36.04
CA ALA A 195 4.17 -5.08 36.73
C ALA A 195 3.75 -3.78 36.08
N HIS A 196 2.43 -3.57 36.09
CA HIS A 196 1.86 -2.31 35.72
C HIS A 196 2.51 -1.25 36.61
N PRO A 197 3.23 -0.32 36.02
CA PRO A 197 3.81 0.72 36.88
C PRO A 197 2.84 1.54 37.76
N THR A 198 1.54 1.61 37.45
CA THR A 198 0.60 2.45 38.21
C THR A 198 -0.69 1.87 38.74
N GLN A 199 -1.22 0.81 38.17
CA GLN A 199 -2.55 0.31 38.55
C GLN A 199 -2.65 -1.10 38.00
N SER A 200 -2.36 -2.09 38.82
CA SER A 200 -2.62 -3.47 38.47
C SER A 200 -4.14 -3.66 38.51
N VAL A 201 -4.73 -4.08 37.41
CA VAL A 201 -6.18 -4.23 37.34
C VAL A 201 -6.59 -5.61 37.88
N ARG A 202 -7.48 -5.60 38.85
CA ARG A 202 -7.99 -6.82 39.46
C ARG A 202 -8.86 -7.64 38.51
N ARG A 203 -8.81 -8.95 38.74
CA ARG A 203 -9.48 -9.96 37.92
C ARG A 203 -10.94 -9.64 37.72
N SER A 204 -11.59 -9.21 38.78
CA SER A 204 -13.02 -8.95 38.72
C SER A 204 -13.37 -7.87 37.73
N LEU A 205 -12.55 -6.84 37.69
CA LEU A 205 -12.85 -5.66 36.86
C LEU A 205 -12.51 -5.99 35.43
N LEU A 206 -11.42 -6.72 35.26
CA LEU A 206 -11.00 -7.21 33.97
C LEU A 206 -12.14 -7.95 33.31
N GLN A 207 -12.83 -8.77 34.08
CA GLN A 207 -13.89 -9.58 33.50
C GLN A 207 -15.08 -8.73 33.16
N LYS A 208 -15.32 -7.65 33.93
CA LYS A 208 -16.39 -6.70 33.56
C LYS A 208 -16.02 -6.04 32.28
N HIS A 209 -14.77 -5.68 32.11
CA HIS A 209 -14.36 -5.00 30.87
C HIS A 209 -14.58 -5.88 29.65
N GLY A 210 -14.27 -7.17 29.81
CA GLY A 210 -14.47 -8.15 28.78
C GLY A 210 -15.91 -8.25 28.38
N ARG A 211 -16.82 -8.23 29.36
CA ARG A 211 -18.27 -8.32 29.06
C ARG A 211 -18.80 -7.05 28.42
N ILE A 212 -18.26 -5.92 28.77
CA ILE A 212 -18.68 -4.66 28.11
C ILE A 212 -18.27 -4.77 26.62
N ARG A 213 -17.03 -5.20 26.38
CA ARG A 213 -16.47 -5.38 25.02
C ARG A 213 -17.33 -6.36 24.18
N ASN A 214 -17.73 -7.47 24.76
CA ASN A 214 -18.66 -8.39 24.10
C ASN A 214 -20.04 -7.84 23.87
N CYS A 215 -20.67 -7.19 24.84
CA CYS A 215 -21.98 -6.62 24.55
C CYS A 215 -21.91 -5.69 23.35
N LEU A 216 -20.86 -4.87 23.33
CA LEU A 216 -20.64 -3.92 22.30
C LEU A 216 -20.50 -4.62 20.94
N ALA A 217 -19.67 -5.66 20.86
CA ALA A 217 -19.53 -6.41 19.61
C ALA A 217 -20.85 -7.00 19.15
N GLN A 218 -21.62 -7.57 20.09
CA GLN A 218 -22.84 -8.21 19.75
C GLN A 218 -23.90 -7.27 19.33
N LEU A 219 -23.88 -6.02 19.84
CA LEU A 219 -24.84 -5.03 19.38
C LEU A 219 -24.70 -4.74 17.88
N TYR A 220 -23.52 -4.99 17.31
CA TYR A 220 -23.25 -4.74 15.88
C TYR A 220 -23.25 -6.03 15.08
N ALA A 221 -23.76 -7.13 15.64
CA ALA A 221 -23.86 -8.39 14.91
C ALA A 221 -24.87 -8.27 13.80
N LYS A 222 -24.53 -8.88 12.66
CA LYS A 222 -25.34 -8.88 11.46
C LYS A 222 -26.64 -9.63 11.75
N ASP A 223 -27.80 -9.00 11.49
CA ASP A 223 -29.13 -9.65 11.66
C ASP A 223 -29.63 -9.74 13.12
N ILE A 224 -29.54 -8.65 13.86
CA ILE A 224 -29.95 -8.64 15.27
C ILE A 224 -31.45 -8.36 15.42
N THR A 225 -32.15 -9.18 16.17
CA THR A 225 -33.58 -8.88 16.37
C THR A 225 -33.71 -7.65 17.25
N PRO A 226 -34.80 -6.90 17.13
CA PRO A 226 -34.99 -5.74 18.04
C PRO A 226 -35.01 -6.04 19.57
N ASP A 227 -35.60 -7.19 19.99
CA ASP A 227 -35.63 -7.57 21.41
C ASP A 227 -34.22 -7.91 21.88
N ASP A 228 -33.46 -8.67 21.08
CA ASP A 228 -32.05 -8.95 21.42
C ASP A 228 -31.26 -7.66 21.54
N LYS A 229 -31.59 -6.70 20.70
CA LYS A 229 -30.87 -5.43 20.72
C LYS A 229 -31.25 -4.67 22.00
N GLN A 230 -32.52 -4.60 22.30
CA GLN A 230 -33.00 -4.00 23.55
C GLN A 230 -32.33 -4.68 24.79
N GLU A 231 -32.26 -6.03 24.77
CA GLU A 231 -31.69 -6.76 25.92
C GLU A 231 -30.19 -6.62 26.02
N LEU A 232 -29.50 -6.55 24.89
CA LEU A 232 -28.06 -6.33 24.89
C LEU A 232 -27.75 -4.93 25.36
N ASP A 233 -28.55 -4.01 24.89
CA ASP A 233 -28.48 -2.66 25.39
C ASP A 233 -28.56 -2.53 26.91
N GLU A 234 -29.56 -3.15 27.51
CA GLU A 234 -29.70 -3.15 28.95
C GLU A 234 -28.48 -3.92 29.59
N ALA A 235 -27.97 -4.95 28.93
CA ALA A 235 -26.81 -5.63 29.49
C ALA A 235 -25.59 -4.75 29.45
N LEU A 236 -25.44 -4.00 28.36
CA LEU A 236 -24.30 -3.12 28.23
C LEU A 236 -24.31 -2.06 29.32
N HIS A 237 -25.47 -1.48 29.51
CA HIS A 237 -25.71 -0.49 30.55
C HIS A 237 -25.35 -1.00 31.96
N ARG A 238 -25.85 -2.18 32.25
CA ARG A 238 -25.58 -2.84 33.48
C ARG A 238 -24.07 -3.12 33.69
N GLU A 239 -23.35 -3.58 32.68
CA GLU A 239 -21.94 -3.83 32.87
C GLU A 239 -21.10 -2.57 33.10
N ILE A 240 -21.44 -1.52 32.38
CA ILE A 240 -20.73 -0.30 32.45
C ILE A 240 -20.89 0.21 33.87
N GLN A 241 -22.11 0.17 34.39
CA GLN A 241 -22.36 0.53 35.78
C GLN A 241 -21.59 -0.35 36.80
N ALA A 242 -21.59 -1.65 36.57
CA ALA A 242 -20.93 -2.57 37.50
C ALA A 242 -19.43 -2.22 37.54
N ALA A 243 -18.85 -1.94 36.40
CA ALA A 243 -17.42 -1.64 36.35
C ALA A 243 -17.18 -0.29 37.04
N PHE A 244 -18.00 0.69 36.73
CA PHE A 244 -17.84 2.03 37.35
C PHE A 244 -17.92 1.94 38.88
N ARG A 245 -18.79 1.09 39.41
CA ARG A 245 -19.02 1.00 40.85
C ARG A 245 -18.06 0.03 41.53
N THR A 246 -17.09 -0.50 40.78
CA THR A 246 -16.00 -1.28 41.36
C THR A 246 -14.87 -0.31 41.59
N ASP A 247 -14.90 0.41 42.71
CA ASP A 247 -14.10 1.64 42.83
C ASP A 247 -13.69 1.94 44.26
N GLU A 248 -13.42 0.91 45.06
CA GLU A 248 -12.95 1.15 46.41
C GLU A 248 -11.53 1.75 46.33
N ILE A 249 -11.27 2.76 47.16
CA ILE A 249 -10.00 3.51 47.13
C ILE A 249 -8.92 3.01 48.13
N ARG A 251 -7.04 2.21 51.15
CA ARG A 251 -6.13 2.68 52.21
C ARG A 251 -4.68 2.18 51.88
N THR A 252 -4.45 0.88 52.02
CA THR A 252 -3.13 0.24 51.82
C THR A 252 -2.73 0.04 50.35
N PRO A 253 -1.47 0.31 50.02
CA PRO A 253 -0.91 -0.23 48.77
C PRO A 253 -1.20 -1.73 48.60
N PRO A 254 -1.16 -2.23 47.34
CA PRO A 254 -1.40 -3.66 47.12
C PRO A 254 -0.11 -4.39 47.46
N THR A 255 -0.23 -5.51 48.15
CA THR A 255 0.90 -6.31 48.53
C THR A 255 1.54 -6.87 47.25
N PRO A 256 2.85 -7.18 47.26
CA PRO A 256 3.39 -7.78 46.00
C PRO A 256 2.75 -9.12 45.59
N GLN A 257 2.35 -9.95 46.54
CA GLN A 257 1.54 -11.13 46.20
C GLN A 257 0.22 -10.81 45.43
N ASP A 258 -0.47 -9.74 45.85
CA ASP A 258 -1.74 -9.34 45.19
C ASP A 258 -1.44 -8.73 43.86
N GLU A 259 -0.35 -7.98 43.76
CA GLU A 259 0.04 -7.43 42.44
C GLU A 259 0.35 -8.56 41.45
N MET A 260 1.09 -9.58 41.90
CA MET A 260 1.39 -10.75 41.03
C MET A 260 0.12 -11.47 40.57
N ARG A 261 -0.77 -11.82 41.50
CA ARG A 261 -2.08 -12.46 41.17
C ARG A 261 -2.90 -11.60 40.17
N ALA A 262 -3.03 -10.29 40.45
CA ALA A 262 -3.62 -9.37 39.44
C ALA A 262 -2.95 -9.47 38.09
N GLY A 263 -1.63 -9.44 38.12
CA GLY A 263 -0.84 -9.51 36.89
C GLY A 263 -0.96 -10.84 36.16
N MET A 264 -1.43 -11.90 36.81
CA MET A 264 -1.59 -13.19 36.15
C MET A 264 -2.95 -13.37 35.47
N SER A 265 -3.85 -12.42 35.66
CA SER A 265 -5.23 -12.59 35.14
C SER A 265 -5.39 -12.82 33.68
N TYR A 266 -4.45 -12.36 32.88
CA TYR A 266 -4.60 -12.49 31.46
C TYR A 266 -4.47 -13.93 31.01
N PHE A 267 -3.90 -14.78 31.85
CA PHE A 267 -3.82 -16.19 31.39
C PHE A 267 -5.20 -16.75 31.34
N HIS A 268 -5.96 -16.52 32.39
CA HIS A 268 -7.34 -17.02 32.37
C HIS A 268 -8.13 -16.36 31.28
N GLU A 269 -8.06 -15.05 31.19
CA GLU A 269 -8.85 -14.35 30.16
C GLU A 269 -8.50 -14.74 28.73
N THR A 270 -7.21 -14.80 28.35
CA THR A 270 -6.96 -15.14 26.97
C THR A 270 -5.81 -16.03 26.64
N ILE A 271 -4.71 -15.95 27.36
CA ILE A 271 -3.48 -16.57 26.89
C ILE A 271 -3.55 -18.08 27.01
N TRP A 272 -4.25 -18.57 28.02
CA TRP A 272 -4.34 -19.98 28.25
C TRP A 272 -4.92 -20.68 27.09
N LYS A 273 -6.02 -20.15 26.58
CA LYS A 273 -6.64 -20.71 25.38
C LYS A 273 -5.97 -20.22 24.11
N GLY A 274 -5.44 -19.00 24.12
CA GLY A 274 -4.80 -18.44 22.94
C GLY A 274 -3.62 -19.22 22.40
N VAL A 275 -2.81 -19.78 23.28
CA VAL A 275 -1.68 -20.53 22.81
C VAL A 275 -2.04 -21.71 21.92
N PRO A 276 -2.96 -22.60 22.35
CA PRO A 276 -3.25 -23.69 21.40
C PRO A 276 -3.96 -23.19 20.18
N LYS A 277 -4.71 -22.09 20.24
CA LYS A 277 -5.34 -21.57 19.00
C LYS A 277 -4.28 -21.14 18.02
N PHE A 278 -3.25 -20.45 18.49
CA PHE A 278 -2.16 -20.04 17.58
C PHE A 278 -1.37 -21.27 17.07
N LEU A 279 -1.03 -22.22 17.97
CA LEU A 279 -0.25 -23.38 17.51
C LEU A 279 -1.07 -24.15 16.47
N ARG A 280 -2.40 -24.14 16.58
CA ARG A 280 -3.22 -24.80 15.54
C ARG A 280 -3.15 -24.01 14.24
N ARG A 281 -3.06 -22.67 14.31
CA ARG A 281 -2.84 -21.93 13.09
C ARG A 281 -1.49 -22.29 12.47
N VAL A 282 -0.49 -22.57 13.30
CA VAL A 282 0.80 -22.98 12.75
C VAL A 282 0.62 -24.30 12.00
N ASP A 283 -0.17 -25.24 12.55
CA ASP A 283 -0.40 -26.50 11.85
C ASP A 283 -0.96 -26.15 10.50
N THR A 284 -1.96 -25.30 10.47
CA THR A 284 -2.65 -24.99 9.22
C THR A 284 -1.71 -24.38 8.18
N ALA A 285 -0.85 -23.46 8.63
CA ALA A 285 0.11 -22.78 7.74
C ALA A 285 1.14 -23.75 7.18
N LEU A 286 1.54 -24.72 8.01
CA LEU A 286 2.49 -25.71 7.62
C LEU A 286 1.89 -26.57 6.52
N LYS A 287 0.62 -26.94 6.72
CA LYS A 287 -0.05 -27.77 5.79
C LYS A 287 -0.11 -27.03 4.46
N ASN A 288 -0.38 -25.75 4.51
CA ASN A 288 -0.46 -24.96 3.28
C ASN A 288 0.83 -24.68 2.54
N ILE A 289 1.99 -24.97 3.11
CA ILE A 289 3.25 -24.90 2.38
C ILE A 289 3.81 -26.28 2.09
N GLY A 290 2.99 -27.31 2.37
CA GLY A 290 3.30 -28.69 1.95
C GLY A 290 3.96 -29.52 3.02
N ILE A 291 3.95 -29.08 4.27
CA ILE A 291 4.44 -29.90 5.40
C ILE A 291 3.21 -30.66 5.94
N ASN A 292 3.27 -31.98 5.98
CA ASN A 292 2.10 -32.79 6.30
C ASN A 292 2.22 -33.37 7.67
N GLU A 293 2.75 -32.60 8.61
CA GLU A 293 2.61 -32.97 9.99
C GLU A 293 2.33 -31.72 10.78
N ARG A 294 1.84 -31.91 12.01
CA ARG A 294 1.56 -30.82 12.89
C ARG A 294 2.83 -30.36 13.51
N PHE A 295 2.83 -29.14 14.02
CA PHE A 295 3.95 -28.68 14.79
C PHE A 295 4.03 -29.57 16.07
N PRO A 296 5.19 -30.19 16.38
CA PRO A 296 5.22 -31.08 17.56
C PRO A 296 4.70 -30.38 18.82
N TYR A 297 3.81 -31.06 19.53
CA TYR A 297 3.14 -30.52 20.72
C TYR A 297 4.08 -30.12 21.79
N ASN A 298 5.24 -30.78 21.87
CA ASN A 298 6.24 -30.43 22.89
C ASN A 298 7.42 -29.56 22.40
N ALA A 299 7.41 -29.05 21.18
CA ALA A 299 8.41 -28.03 20.82
C ALA A 299 8.19 -26.83 21.72
N PRO A 300 9.21 -26.34 22.44
CA PRO A 300 8.95 -25.19 23.35
C PRO A 300 8.96 -23.83 22.66
N LEU A 301 8.05 -23.64 21.73
CA LEU A 301 8.04 -22.46 20.91
C LEU A 301 7.72 -21.20 21.75
N ILE A 302 6.77 -21.32 22.70
CA ILE A 302 6.32 -20.17 23.49
C ILE A 302 6.56 -20.37 24.97
N GLN A 303 7.10 -19.36 25.68
CA GLN A 303 7.33 -19.51 27.13
C GLN A 303 6.98 -18.20 27.75
N PHE A 304 6.25 -18.19 28.86
CA PHE A 304 6.01 -16.95 29.56
C PHE A 304 6.82 -16.92 30.85
N SER A 305 7.26 -15.74 31.24
CA SER A 305 7.99 -15.56 32.46
C SER A 305 7.48 -14.30 33.12
N SER A 306 8.01 -14.01 34.30
CA SER A 306 7.54 -12.92 35.11
C SER A 306 8.67 -12.30 35.96
N TRP A 307 8.52 -11.03 36.31
CA TRP A 307 9.33 -10.33 37.30
C TRP A 307 8.58 -10.01 38.61
N MET A 308 7.29 -10.34 38.65
CA MET A 308 6.40 -9.99 39.77
C MET A 308 6.67 -10.84 41.02
N GLY A 309 7.33 -10.23 42.01
CA GLY A 309 7.81 -10.94 43.20
C GLY A 309 9.27 -11.45 43.06
N GLY A 310 9.88 -11.21 41.90
CA GLY A 310 11.25 -11.63 41.61
C GLY A 310 12.19 -10.46 41.50
N ASP A 311 11.72 -9.33 41.00
CA ASP A 311 12.51 -8.10 40.92
C ASP A 311 12.56 -7.37 42.24
N ARG A 312 13.72 -7.31 42.93
CA ARG A 312 13.80 -6.53 44.20
C ARG A 312 14.75 -5.35 44.07
N ASP A 313 15.09 -5.00 42.82
CA ASP A 313 16.04 -3.91 42.55
C ASP A 313 15.46 -2.59 43.04
N GLY A 314 16.04 -2.04 44.10
CA GLY A 314 15.55 -0.78 44.66
C GLY A 314 14.24 -1.00 45.34
N ASN A 315 13.89 -2.25 45.64
CA ASN A 315 12.63 -2.51 46.26
C ASN A 315 12.65 -3.50 47.43
N PRO A 316 12.84 -2.98 48.63
CA PRO A 316 12.98 -3.90 49.78
C PRO A 316 11.66 -4.58 50.20
N ARG A 317 10.54 -4.22 49.62
CA ARG A 317 9.30 -4.91 49.92
C ARG A 317 9.28 -6.30 49.26
N VAL A 318 10.09 -6.50 48.24
CA VAL A 318 10.25 -7.80 47.62
C VAL A 318 11.31 -8.64 48.41
N THR A 319 10.77 -9.41 49.34
CA THR A 319 11.55 -10.17 50.31
C THR A 319 11.70 -11.60 49.82
N PRO A 320 12.54 -12.35 50.48
CA PRO A 320 12.53 -13.81 50.18
C PRO A 320 11.14 -14.46 50.34
N GLU A 321 10.39 -14.05 51.34
CA GLU A 321 9.03 -14.63 51.56
CA GLU A 321 9.04 -14.58 51.59
C GLU A 321 8.12 -14.25 50.40
N VAL A 322 8.22 -13.01 49.91
CA VAL A 322 7.42 -12.66 48.76
C VAL A 322 7.72 -13.60 47.57
N THR A 323 9.00 -13.85 47.33
CA THR A 323 9.42 -14.65 46.22
C THR A 323 8.93 -16.08 46.38
N ARG A 324 9.05 -16.63 47.59
CA ARG A 324 8.52 -17.94 47.83
C ARG A 324 7.02 -18.00 47.56
N ASP A 325 6.28 -17.00 48.04
CA ASP A 325 4.85 -16.99 47.87
C ASP A 325 4.45 -16.91 46.42
N VAL A 326 5.15 -16.12 45.60
CA VAL A 326 4.72 -16.03 44.17
C VAL A 326 5.05 -17.27 43.42
N CYS A 327 6.08 -17.99 43.86
CA CYS A 327 6.39 -19.29 43.19
C CYS A 327 5.30 -20.29 43.47
N LEU A 328 4.90 -20.38 44.73
CA LEU A 328 3.82 -21.28 45.11
C LEU A 328 2.47 -20.85 44.49
N LEU A 329 2.20 -19.53 44.41
CA LEU A 329 0.98 -19.05 43.77
C LEU A 329 0.97 -19.46 42.30
N ALA A 330 2.09 -19.34 41.63
CA ALA A 330 2.15 -19.70 40.19
C ALA A 330 1.93 -21.17 40.04
N ARG A 331 2.45 -21.95 40.98
CA ARG A 331 2.23 -23.42 40.95
C ARG A 331 0.78 -23.80 41.23
N MET A 332 0.18 -23.12 42.19
CA MET A 332 -1.17 -23.35 42.57
C MET A 332 -2.09 -23.02 41.38
N MET A 333 -1.86 -21.88 40.72
CA MET A 333 -2.73 -21.44 39.63
C MET A 333 -2.61 -22.37 38.47
N THR A 334 -1.41 -22.82 38.20
CA THR A 334 -1.21 -23.60 37.01
C THR A 334 -1.93 -24.95 37.19
N SER A 335 -1.75 -25.58 38.34
CA SER A 335 -2.31 -26.90 38.51
C SER A 335 -3.84 -26.75 38.59
N ASN A 336 -4.28 -25.62 39.14
CA ASN A 336 -5.71 -25.31 39.16
C ASN A 336 -6.32 -25.14 37.75
N MET A 337 -5.55 -24.58 36.85
CA MET A 337 -6.09 -24.39 35.53
C MET A 337 -6.20 -25.72 34.78
N TYR A 338 -5.19 -26.58 34.89
CA TYR A 338 -5.33 -27.91 34.32
C TYR A 338 -6.50 -28.64 35.01
N PHE A 339 -6.60 -28.52 36.33
CA PHE A 339 -7.68 -29.23 37.05
C PHE A 339 -9.04 -28.76 36.55
N SER A 340 -9.18 -27.47 36.34
CA SER A 340 -10.50 -26.93 36.07
C SER A 340 -10.99 -27.19 34.63
N GLN A 341 -10.15 -27.76 33.78
CA GLN A 341 -10.54 -28.14 32.47
C GLN A 341 -10.48 -29.67 32.25
N ILE A 342 -9.88 -30.43 33.16
CA ILE A 342 -9.77 -31.88 32.97
C ILE A 342 -11.15 -32.58 32.93
N GLU A 343 -12.12 -32.07 33.69
CA GLU A 343 -13.44 -32.76 33.66
C GLU A 343 -14.08 -32.69 32.27
N ASP A 344 -14.00 -31.53 31.63
CA ASP A 344 -14.45 -31.40 30.23
C ASP A 344 -13.79 -32.40 29.34
N LEU A 345 -12.46 -32.53 29.45
CA LEU A 345 -11.78 -33.52 28.63
C LEU A 345 -12.23 -34.90 28.98
N MET A 346 -12.44 -35.18 30.27
CA MET A 346 -12.95 -36.53 30.63
C MET A 346 -14.32 -36.85 29.97
N ILE A 347 -15.20 -35.86 29.93
CA ILE A 347 -16.48 -36.03 29.32
C ILE A 347 -16.33 -36.41 27.85
N GLU A 348 -15.49 -35.72 27.11
CA GLU A 348 -15.29 -36.05 25.71
C GLU A 348 -14.67 -37.36 25.49
N MET A 349 -13.78 -37.78 26.39
CA MET A 349 -13.00 -38.97 26.13
C MET A 349 -13.78 -40.20 26.60
N SER A 350 -14.93 -40.39 25.97
CA SER A 350 -15.89 -41.42 26.30
C SER A 350 -15.55 -42.72 25.56
N MET A 351 -14.59 -42.66 24.64
CA MET A 351 -14.30 -43.75 23.73
C MET A 351 -13.84 -44.96 24.50
N TRP A 352 -14.23 -46.12 23.99
CA TRP A 352 -14.01 -47.39 24.67
C TRP A 352 -12.91 -48.19 24.01
N ARG A 353 -12.58 -47.84 22.77
CA ARG A 353 -11.44 -48.46 22.07
C ARG A 353 -10.09 -47.88 22.53
N CYS A 354 -9.23 -48.74 23.11
CA CYS A 354 -7.87 -48.34 23.47
C CYS A 354 -6.86 -49.40 23.19
N ASN A 355 -5.58 -49.02 23.12
CA ASN A 355 -4.50 -49.98 22.89
C ASN A 355 -4.12 -50.78 24.15
N SER A 356 -3.26 -51.78 23.99
CA SER A 356 -2.83 -52.61 25.16
C SER A 356 -2.18 -51.82 26.27
N GLU A 357 -1.30 -50.94 25.88
CA GLU A 357 -0.54 -50.21 26.86
C GLU A 357 -1.49 -49.47 27.85
N LEU A 358 -2.51 -48.83 27.28
CA LEU A 358 -3.43 -48.02 28.07
C LEU A 358 -4.43 -48.91 28.80
N ARG A 359 -4.81 -49.99 28.15
CA ARG A 359 -5.69 -50.97 28.77
C ARG A 359 -5.08 -51.48 30.07
N VAL A 360 -3.84 -51.94 29.98
CA VAL A 360 -3.12 -52.44 31.15
C VAL A 360 -3.06 -51.35 32.26
N ARG A 361 -2.70 -50.13 31.90
CA ARG A 361 -2.59 -49.06 32.89
C ARG A 361 -3.95 -48.76 33.53
N ALA A 362 -5.00 -48.76 32.70
CA ALA A 362 -6.38 -48.53 33.21
C ALA A 362 -6.81 -49.59 34.21
N GLU A 363 -6.47 -50.85 33.91
CA GLU A 363 -6.90 -51.96 34.80
C GLU A 363 -6.13 -51.95 36.12
N GLU A 364 -4.83 -51.65 36.06
CA GLU A 364 -4.04 -51.26 37.26
C GLU A 364 -4.79 -50.23 38.12
N LEU A 365 -5.13 -49.08 37.53
CA LEU A 365 -5.72 -47.97 38.31
C LEU A 365 -7.09 -48.34 38.80
N TYR A 366 -7.82 -49.06 37.97
CA TYR A 366 -9.14 -49.53 38.37
C TYR A 366 -9.17 -50.47 39.59
N ARG A 367 -8.14 -51.31 39.72
CA ARG A 367 -8.07 -52.32 40.78
C ARG A 367 -7.69 -51.58 42.08
N THR A 368 -6.75 -50.64 42.00
CA THR A 368 -6.36 -49.85 43.17
C THR A 368 -7.29 -48.67 43.45
N ALA A 369 -8.55 -48.77 42.97
CA ALA A 369 -9.51 -47.65 42.96
C ALA A 369 -10.44 -47.60 44.18
N ARG A 370 -10.59 -46.38 44.68
CA ARG A 370 -11.41 -46.05 45.84
C ARG A 370 -12.90 -46.36 45.61
N LYS A 371 -13.54 -47.08 46.53
CA LYS A 371 -14.95 -47.45 46.38
C LYS A 371 -15.94 -46.25 46.48
N ASP A 372 -15.47 -45.08 46.91
CA ASP A 372 -16.35 -44.03 47.46
C ASP A 372 -16.23 -42.60 46.88
N VAL A 373 -17.25 -41.82 47.23
CA VAL A 373 -17.44 -40.46 46.78
C VAL A 373 -16.17 -39.57 46.71
N LYS A 374 -15.91 -39.06 45.51
CA LYS A 374 -15.01 -37.94 45.36
C LYS A 374 -15.84 -36.67 45.13
N HIS A 375 -15.44 -35.67 45.88
CA HIS A 375 -16.18 -34.41 46.06
CA HIS A 375 -16.12 -34.39 46.07
C HIS A 375 -15.94 -33.47 44.84
N TYR A 376 -16.03 -34.03 43.64
CA TYR A 376 -15.80 -33.29 42.40
C TYR A 376 -17.16 -32.94 41.77
N ILE A 377 -17.17 -31.97 40.87
CA ILE A 377 -18.39 -31.63 40.17
C ILE A 377 -18.91 -32.76 39.27
N GLU A 378 -18.03 -33.41 38.48
CA GLU A 378 -18.49 -34.41 37.50
C GLU A 378 -18.27 -35.86 37.75
N PHE A 379 -17.11 -36.34 38.08
CA PHE A 379 -17.12 -37.86 38.04
C PHE A 379 -16.83 -38.34 39.45
N TRP A 380 -17.91 -38.41 40.21
CA TRP A 380 -17.87 -38.49 41.65
C TRP A 380 -17.92 -39.94 42.13
N LYS A 381 -18.46 -40.84 41.30
CA LYS A 381 -18.44 -42.28 41.55
C LYS A 381 -17.23 -42.92 40.88
N ARG A 382 -16.98 -44.18 41.22
CA ARG A 382 -15.84 -44.89 40.68
C ARG A 382 -16.00 -45.01 39.19
N ILE A 383 -14.92 -44.81 38.47
CA ILE A 383 -15.00 -44.82 37.02
C ILE A 383 -14.86 -46.25 36.51
N PRO A 384 -15.78 -46.68 35.64
CA PRO A 384 -15.75 -48.08 35.21
C PRO A 384 -14.64 -48.34 34.18
N PRO A 385 -14.16 -49.59 34.07
CA PRO A 385 -13.00 -49.86 33.21
C PRO A 385 -13.29 -49.88 31.69
N ASN A 386 -14.56 -49.90 31.30
CA ASN A 386 -14.94 -49.74 29.90
C ASN A 386 -14.92 -48.25 29.45
N GLN A 387 -14.58 -47.35 30.38
CA GLN A 387 -14.29 -45.95 30.07
C GLN A 387 -12.78 -45.76 30.34
N PRO A 388 -11.92 -46.43 29.55
CA PRO A 388 -10.48 -46.44 29.93
C PRO A 388 -9.75 -45.08 29.95
N TYR A 389 -10.08 -44.18 29.01
CA TYR A 389 -9.44 -42.90 28.98
C TYR A 389 -9.85 -42.08 30.22
N ARG A 390 -11.09 -42.25 30.63
CA ARG A 390 -11.51 -41.59 31.84
C ARG A 390 -10.79 -42.09 33.07
N VAL A 391 -10.44 -43.35 33.06
CA VAL A 391 -9.73 -43.93 34.21
C VAL A 391 -8.36 -43.27 34.29
N ILE A 392 -7.66 -43.19 33.16
CA ILE A 392 -6.34 -42.56 33.10
C ILE A 392 -6.46 -41.11 33.53
N LEU A 393 -7.42 -40.40 32.94
CA LEU A 393 -7.56 -38.95 33.22
C LEU A 393 -8.09 -38.64 34.62
N GLY A 394 -8.86 -39.59 35.18
CA GLY A 394 -9.27 -39.53 36.56
C GLY A 394 -8.08 -39.51 37.49
N ASP A 395 -7.09 -40.31 37.22
CA ASP A 395 -5.90 -40.32 38.05
C ASP A 395 -5.13 -39.00 37.86
N VAL A 396 -5.09 -38.48 36.66
CA VAL A 396 -4.46 -37.15 36.45
C VAL A 396 -5.15 -36.03 37.23
N ARG A 397 -6.46 -36.05 37.24
CA ARG A 397 -7.21 -35.07 38.00
C ARG A 397 -6.87 -35.12 39.51
N ASP A 398 -6.83 -36.32 40.07
CA ASP A 398 -6.47 -36.46 41.49
C ASP A 398 -5.09 -35.87 41.72
N LYS A 399 -4.14 -36.18 40.87
CA LYS A 399 -2.82 -35.61 41.03
C LYS A 399 -2.83 -34.11 40.92
N LEU A 400 -3.56 -33.60 39.95
CA LEU A 400 -3.62 -32.14 39.80
C LEU A 400 -4.20 -31.53 41.06
N TYR A 401 -5.23 -32.14 41.60
CA TYR A 401 -5.90 -31.62 42.78
C TYR A 401 -4.95 -31.58 43.99
N ASN A 402 -4.21 -32.66 44.20
CA ASN A 402 -3.24 -32.73 45.28
C ASN A 402 -2.08 -31.75 45.07
N THR A 403 -1.64 -31.63 43.81
CA THR A 403 -0.60 -30.66 43.49
C THR A 403 -1.04 -29.27 43.86
N ARG A 404 -2.27 -28.93 43.48
CA ARG A 404 -2.83 -27.64 43.84
C ARG A 404 -2.98 -27.47 45.36
N GLU A 405 -3.57 -28.46 46.06
CA GLU A 405 -3.75 -28.34 47.50
C GLU A 405 -2.40 -28.27 48.26
N ARG A 406 -1.37 -28.98 47.82
CA ARG A 406 -0.09 -28.85 48.52
C ARG A 406 0.39 -27.40 48.52
N SER A 407 0.49 -26.82 47.32
CA SER A 407 0.83 -25.44 47.21
C SER A 407 0.01 -24.55 48.11
N ARG A 408 -1.30 -24.79 48.17
CA ARG A 408 -2.14 -23.91 48.98
C ARG A 408 -1.80 -24.04 50.48
N HIS A 409 -1.56 -25.26 50.96
CA HIS A 409 -1.26 -25.45 52.37
C HIS A 409 0.14 -24.84 52.67
N LEU A 410 1.09 -25.03 51.77
CA LEU A 410 2.39 -24.42 51.94
C LEU A 410 2.27 -22.89 52.05
N LEU A 411 1.37 -22.26 51.30
CA LEU A 411 1.14 -20.83 51.39
C LEU A 411 0.47 -20.41 52.69
N VAL A 412 -0.60 -21.09 53.05
CA VAL A 412 -1.44 -20.64 54.16
C VAL A 412 -0.93 -21.19 55.50
N ASP A 413 -0.55 -22.48 55.56
CA ASP A 413 -0.08 -23.12 56.82
C ASP A 413 1.43 -23.14 56.99
N GLY A 414 2.21 -22.89 55.96
CA GLY A 414 3.68 -22.95 56.13
C GLY A 414 4.27 -24.33 55.96
N LYS A 415 3.42 -25.35 55.86
CA LYS A 415 3.84 -26.64 55.26
C LYS A 415 2.66 -27.60 55.02
N SER A 416 2.99 -28.83 54.62
CA SER A 416 1.99 -29.78 54.13
C SER A 416 2.41 -31.22 54.36
N ASP A 417 1.43 -32.05 54.75
CA ASP A 417 1.69 -33.49 54.89
C ASP A 417 1.52 -34.24 53.57
N ILE A 418 1.16 -33.53 52.49
CA ILE A 418 0.93 -34.18 51.20
C ILE A 418 2.25 -34.60 50.59
N PRO A 419 2.42 -35.90 50.36
CA PRO A 419 3.71 -36.41 49.90
C PRO A 419 3.95 -36.26 48.43
N ASP A 420 5.21 -36.34 48.06
CA ASP A 420 5.63 -36.23 46.67
C ASP A 420 4.95 -37.14 45.64
N GLU A 421 4.62 -38.36 45.99
CA GLU A 421 4.10 -39.24 44.94
C GLU A 421 2.58 -39.05 44.82
N ALA A 422 2.01 -38.23 45.68
CA ALA A 422 0.62 -37.84 45.48
C ALA A 422 0.46 -36.66 44.49
N VAL A 423 1.56 -36.01 44.07
CA VAL A 423 1.48 -34.82 43.23
C VAL A 423 2.40 -34.84 42.00
N TYR A 424 2.35 -33.82 41.14
CA TYR A 424 3.32 -33.73 40.04
C TYR A 424 4.45 -32.81 40.47
N THR A 425 5.69 -33.31 40.40
CA THR A 425 6.87 -32.52 40.73
C THR A 425 7.66 -32.25 39.50
N ASN A 426 7.30 -32.90 38.42
CA ASN A 426 7.95 -32.59 37.19
C ASN A 426 6.97 -32.73 36.06
N VAL A 427 7.17 -31.95 35.03
CA VAL A 427 6.15 -31.81 34.03
C VAL A 427 5.97 -33.07 33.22
N GLU A 428 7.01 -33.88 33.20
CA GLU A 428 7.05 -35.10 32.47
C GLU A 428 6.04 -36.09 33.00
N GLN A 429 5.85 -36.07 34.32
CA GLN A 429 4.89 -36.93 34.97
C GLN A 429 3.46 -36.59 34.52
N LEU A 430 3.21 -35.33 34.19
CA LEU A 430 1.87 -34.93 33.73
C LEU A 430 1.71 -35.20 32.27
N LEU A 431 2.77 -34.99 31.49
CA LEU A 431 2.71 -35.27 30.04
C LEU A 431 2.47 -36.76 29.77
N GLU A 432 3.12 -37.58 30.56
CA GLU A 432 3.16 -39.00 30.22
C GLU A 432 1.77 -39.64 30.03
N PRO A 433 0.88 -39.52 31.01
CA PRO A 433 -0.44 -40.11 30.77
C PRO A 433 -1.24 -39.45 29.64
N LEU A 434 -1.02 -38.16 29.42
CA LEU A 434 -1.67 -37.54 28.27
C LEU A 434 -1.16 -38.09 26.90
N GLU A 435 0.17 -38.31 26.82
CA GLU A 435 0.84 -38.92 25.66
C GLU A 435 0.33 -40.32 25.43
N LEU A 436 0.13 -41.06 26.50
CA LEU A 436 -0.41 -42.38 26.43
C LEU A 436 -1.80 -42.34 25.84
N CYS A 437 -2.64 -41.40 26.30
CA CYS A 437 -4.00 -41.23 25.72
C CYS A 437 -3.88 -40.97 24.21
N TYR A 438 -2.96 -40.07 23.84
CA TYR A 438 -2.73 -39.68 22.41
C TYR A 438 -2.35 -40.89 21.54
N ARG A 439 -1.41 -41.70 22.00
CA ARG A 439 -0.92 -42.83 21.21
C ARG A 439 -2.01 -43.83 21.06
N SER A 440 -2.72 -44.13 22.16
CA SER A 440 -3.79 -45.12 22.16
C SER A 440 -4.89 -44.74 21.15
N LEU A 441 -5.24 -43.46 21.08
CA LEU A 441 -6.21 -43.02 20.06
C LEU A 441 -5.68 -43.23 18.68
N CYS A 442 -4.43 -42.84 18.46
CA CYS A 442 -3.79 -43.00 17.16
C CYS A 442 -3.79 -44.48 16.77
N ASP A 443 -3.34 -45.33 17.68
CA ASP A 443 -3.27 -46.77 17.39
C ASP A 443 -4.60 -47.43 17.12
N CYS A 444 -5.70 -46.86 17.62
CA CYS A 444 -7.03 -47.47 17.42
C CYS A 444 -7.75 -46.85 16.20
N GLY A 445 -7.05 -46.07 15.39
CA GLY A 445 -7.66 -45.42 14.22
C GLY A 445 -8.28 -44.04 14.49
N ASP A 446 -8.09 -43.47 15.66
CA ASP A 446 -8.68 -42.17 16.00
C ASP A 446 -7.67 -41.01 16.11
N HIS A 447 -6.70 -40.96 15.22
CA HIS A 447 -5.73 -39.83 15.23
C HIS A 447 -6.47 -38.51 15.23
N VAL A 448 -7.45 -38.42 14.38
CA VAL A 448 -8.23 -37.19 14.19
C VAL A 448 -8.81 -36.61 15.48
N ILE A 449 -9.30 -37.48 16.33
CA ILE A 449 -9.84 -37.11 17.63
C ILE A 449 -8.73 -36.71 18.57
N ALA A 450 -7.63 -37.47 18.53
CA ALA A 450 -6.50 -37.07 19.34
C ALA A 450 -6.07 -35.63 19.12
N ASP A 451 -6.24 -35.12 17.91
CA ASP A 451 -5.72 -33.82 17.54
C ASP A 451 -6.69 -32.74 17.89
N GLY A 452 -7.73 -33.03 18.68
CA GLY A 452 -8.69 -32.01 19.15
C GLY A 452 -8.28 -31.47 20.50
N SER A 453 -9.16 -31.56 21.50
CA SER A 453 -8.81 -31.01 22.84
C SER A 453 -7.59 -31.65 23.48
N LEU A 454 -7.37 -32.95 23.24
CA LEU A 454 -6.23 -33.65 23.78
C LEU A 454 -4.92 -32.98 23.34
N LEU A 455 -4.78 -32.80 22.04
CA LEU A 455 -3.67 -32.04 21.50
C LEU A 455 -3.58 -30.62 22.14
N ASP A 456 -4.68 -29.92 22.24
CA ASP A 456 -4.59 -28.58 22.87
C ASP A 456 -4.02 -28.67 24.31
N PHE A 457 -4.47 -29.69 25.05
CA PHE A 457 -4.12 -29.86 26.46
C PHE A 457 -2.63 -30.15 26.50
N LEU A 458 -2.15 -31.00 25.58
CA LEU A 458 -0.72 -31.35 25.51
C LEU A 458 0.10 -30.12 25.25
N ARG A 459 -0.38 -29.26 24.34
CA ARG A 459 0.32 -28.02 24.11
C ARG A 459 0.30 -27.08 25.30
N GLN A 460 -0.81 -27.04 26.03
CA GLN A 460 -0.85 -26.16 27.20
C GLN A 460 0.18 -26.63 28.24
N VAL A 461 0.24 -27.94 28.45
CA VAL A 461 1.16 -28.50 29.41
C VAL A 461 2.59 -28.25 29.02
N SER A 462 2.87 -28.37 27.75
CA SER A 462 4.22 -28.17 27.26
C SER A 462 4.60 -26.67 27.30
N THR A 463 3.66 -25.78 27.14
CA THR A 463 3.94 -24.37 27.20
C THR A 463 3.94 -23.76 28.65
N PHE A 464 2.97 -24.11 29.48
CA PHE A 464 2.95 -23.58 30.84
C PHE A 464 3.61 -24.44 31.93
N GLY A 465 3.80 -25.74 31.64
CA GLY A 465 4.54 -26.61 32.54
C GLY A 465 3.79 -26.74 33.85
N LEU A 466 4.53 -26.81 34.92
CA LEU A 466 3.92 -26.83 36.24
C LEU A 466 3.88 -25.45 36.86
N SER A 467 4.53 -24.46 36.27
CA SER A 467 4.43 -23.07 36.71
C SER A 467 4.30 -22.25 35.47
N LEU A 468 3.13 -21.71 35.28
CA LEU A 468 2.89 -21.04 33.99
C LEU A 468 3.82 -19.89 33.63
N VAL A 469 4.40 -19.23 34.64
CA VAL A 469 5.52 -18.35 34.43
C VAL A 469 6.70 -18.86 35.23
N LYS A 470 7.88 -18.82 34.62
CA LYS A 470 9.10 -18.93 35.36
C LYS A 470 9.46 -17.50 35.84
N LEU A 471 9.98 -17.39 37.07
CA LEU A 471 10.26 -16.08 37.75
C LEU A 471 11.74 -15.70 37.60
N ASP A 472 12.02 -14.51 37.09
CA ASP A 472 13.38 -13.98 37.12
C ASP A 472 13.57 -13.35 38.46
N ILE A 473 14.76 -13.48 39.02
CA ILE A 473 15.15 -12.70 40.16
C ILE A 473 15.95 -11.54 39.64
N ARG A 474 15.79 -10.37 40.24
CA ARG A 474 16.71 -9.31 39.93
C ARG A 474 17.16 -8.52 41.15
N GLN A 475 18.45 -8.25 41.24
CA GLN A 475 18.99 -7.45 42.29
C GLN A 475 20.21 -6.72 41.74
N GLU A 476 20.57 -5.60 42.33
CA GLU A 476 21.61 -4.78 41.82
C GLU A 476 22.98 -5.26 42.25
N SER A 477 24.00 -5.02 41.38
CA SER A 477 25.39 -5.47 41.66
C SER A 477 25.91 -5.05 43.01
N ASP A 478 25.61 -3.83 43.43
CA ASP A 478 26.22 -3.34 44.65
C ASP A 478 25.77 -4.15 45.88
N ARG A 479 24.61 -4.77 45.78
CA ARG A 479 24.17 -5.59 46.91
C ARG A 479 25.03 -6.82 47.05
N HIS A 480 25.48 -7.36 45.93
CA HIS A 480 26.31 -8.57 45.99
C HIS A 480 27.67 -8.19 46.50
N THR A 481 28.15 -7.03 46.07
CA THR A 481 29.43 -6.50 46.58
C THR A 481 29.37 -6.34 48.07
N GLU A 482 28.26 -5.84 48.54
CA GLU A 482 28.12 -5.62 49.97
C GLU A 482 28.12 -6.92 50.77
N VAL A 483 27.38 -7.89 50.30
CA VAL A 483 27.42 -9.23 50.88
C VAL A 483 28.83 -9.82 50.91
N LEU A 484 29.51 -9.83 49.76
CA LEU A 484 30.86 -10.39 49.74
C LEU A 484 31.84 -9.58 50.62
N ASP A 485 31.63 -8.28 50.74
CA ASP A 485 32.50 -7.45 51.61
C ASP A 485 32.31 -7.84 53.06
N ALA A 486 31.06 -8.01 53.47
CA ALA A 486 30.82 -8.55 54.81
C ALA A 486 31.61 -9.88 55.04
N ILE A 487 31.62 -10.78 54.02
CA ILE A 487 32.25 -12.06 54.17
C ILE A 487 33.75 -11.88 54.28
N THR A 488 34.37 -11.15 53.33
CA THR A 488 35.79 -11.00 53.40
C THR A 488 36.26 -10.38 54.70
N GLN A 489 35.54 -9.37 55.17
CA GLN A 489 35.97 -8.72 56.41
C GLN A 489 35.79 -9.63 57.61
N HIS A 490 34.69 -10.40 57.68
CA HIS A 490 34.53 -11.35 58.77
C HIS A 490 35.63 -12.38 58.68
N LEU A 491 36.06 -12.75 57.48
CA LEU A 491 37.13 -13.75 57.39
C LEU A 491 38.47 -13.15 57.77
N GLY A 492 38.56 -11.83 57.93
CA GLY A 492 39.81 -11.20 58.22
C GLY A 492 40.73 -11.08 57.03
N ILE A 493 40.26 -11.20 55.80
CA ILE A 493 41.21 -11.16 54.67
C ILE A 493 41.19 -9.90 53.88
N GLY A 494 40.51 -8.87 54.39
CA GLY A 494 40.40 -7.62 53.64
C GLY A 494 38.97 -7.28 53.22
N SER A 495 38.85 -6.33 52.31
CA SER A 495 37.57 -5.78 51.93
C SER A 495 37.34 -5.98 50.45
N TYR A 496 36.40 -6.84 50.09
CA TYR A 496 36.07 -7.04 48.68
C TYR A 496 35.76 -5.69 47.99
N ARG A 497 35.11 -4.80 48.68
CA ARG A 497 34.72 -3.56 48.05
C ARG A 497 35.93 -2.72 47.64
N GLU A 498 37.00 -2.76 48.42
CA GLU A 498 38.16 -1.97 48.11
C GLU A 498 38.99 -2.63 47.03
N TRP A 499 38.82 -3.93 46.82
CA TRP A 499 39.69 -4.63 45.89
C TRP A 499 39.42 -4.22 44.43
N SER A 500 40.50 -4.17 43.67
CA SER A 500 40.44 -3.90 42.26
C SER A 500 39.69 -5.05 41.55
N GLU A 501 39.34 -4.82 40.29
CA GLU A 501 38.61 -5.76 39.49
C GLU A 501 39.41 -7.03 39.30
N GLU A 502 40.71 -6.87 39.07
CA GLU A 502 41.61 -8.03 38.93
C GLU A 502 41.70 -8.88 40.20
N LYS A 503 41.74 -8.21 41.35
CA LYS A 503 41.84 -8.90 42.60
C LYS A 503 40.53 -9.61 42.96
N ARG A 504 39.41 -8.94 42.71
CA ARG A 504 38.10 -9.58 42.80
C ARG A 504 38.04 -10.86 41.96
N GLN A 505 38.43 -10.76 40.71
CA GLN A 505 38.36 -11.96 39.85
C GLN A 505 39.18 -13.08 40.41
N GLU A 506 40.37 -12.74 40.89
CA GLU A 506 41.26 -13.76 41.36
C GLU A 506 40.70 -14.52 42.60
N TRP A 507 40.22 -13.76 43.57
CA TRP A 507 39.60 -14.34 44.72
C TRP A 507 38.32 -15.10 44.34
N LEU A 508 37.49 -14.55 43.47
CA LEU A 508 36.28 -15.27 43.10
C LEU A 508 36.56 -16.60 42.47
N LEU A 509 37.50 -16.64 41.55
CA LEU A 509 37.83 -17.91 40.90
C LEU A 509 38.44 -18.90 41.89
N ALA A 510 39.24 -18.44 42.84
CA ALA A 510 39.79 -19.35 43.84
C ALA A 510 38.62 -19.95 44.67
N GLU A 511 37.68 -19.13 45.13
CA GLU A 511 36.60 -19.64 45.91
C GLU A 511 35.57 -20.44 45.12
N LEU A 512 35.44 -20.16 43.83
CA LEU A 512 34.55 -20.93 43.00
C LEU A 512 35.01 -22.37 42.81
N SER A 513 36.31 -22.64 42.95
CA SER A 513 36.82 -23.99 43.13
C SER A 513 37.20 -24.30 44.58
N GLY A 514 36.60 -23.61 45.56
CA GLY A 514 37.00 -23.79 46.94
C GLY A 514 36.55 -25.14 47.48
N LYS A 515 37.13 -25.53 48.59
CA LYS A 515 36.86 -26.78 49.21
C LYS A 515 36.09 -26.65 50.50
N ARG A 516 35.80 -25.42 50.93
CA ARG A 516 34.97 -25.28 52.12
C ARG A 516 34.03 -24.15 51.97
N PRO A 517 32.94 -24.16 52.72
CA PRO A 517 32.01 -23.07 52.54
C PRO A 517 32.57 -21.79 53.05
N LEU A 518 32.05 -20.71 52.52
CA LEU A 518 32.47 -19.34 52.89
C LEU A 518 31.80 -18.80 54.14
N ILE A 519 30.55 -19.20 54.36
CA ILE A 519 29.71 -18.52 55.35
C ILE A 519 29.59 -19.34 56.61
N GLY A 520 30.12 -18.80 57.69
CA GLY A 520 29.98 -19.38 58.99
C GLY A 520 28.76 -18.87 59.75
N PRO A 521 28.36 -19.57 60.83
CA PRO A 521 27.07 -19.24 61.45
C PRO A 521 27.14 -17.93 62.17
N ASP A 522 28.32 -17.40 62.50
CA ASP A 522 28.44 -16.09 63.13
C ASP A 522 28.77 -14.89 62.21
N LEU A 523 28.62 -15.03 60.90
CA LEU A 523 28.84 -13.91 59.99
C LEU A 523 27.94 -12.76 60.41
N PRO A 524 28.49 -11.57 60.64
CA PRO A 524 27.60 -10.43 60.93
C PRO A 524 26.87 -9.97 59.69
N LYS A 525 25.55 -9.76 59.81
CA LYS A 525 24.68 -9.43 58.69
C LYS A 525 23.77 -8.23 58.98
N THR A 526 23.93 -7.14 58.25
CA THR A 526 22.92 -6.11 58.22
C THR A 526 21.67 -6.69 57.56
N GLU A 527 20.56 -5.99 57.73
CA GLU A 527 19.28 -6.43 57.19
C GLU A 527 19.33 -6.62 55.64
N GLU A 528 19.99 -5.73 54.94
CA GLU A 528 20.14 -5.84 53.50
C GLU A 528 20.93 -7.06 53.10
N VAL A 529 22.00 -7.32 53.85
CA VAL A 529 22.87 -8.46 53.55
C VAL A 529 22.11 -9.72 53.82
N LYS A 530 21.44 -9.80 54.95
CA LYS A 530 20.62 -10.97 55.26
C LYS A 530 19.56 -11.21 54.18
N ASP A 531 18.85 -10.16 53.83
CA ASP A 531 17.80 -10.22 52.80
C ASP A 531 18.35 -10.78 51.48
N CYS A 532 19.54 -10.36 51.08
CA CYS A 532 20.12 -10.84 49.86
C CYS A 532 20.53 -12.35 50.00
N LEU A 533 21.19 -12.73 51.11
CA LEU A 533 21.54 -14.16 51.36
C LEU A 533 20.30 -15.08 51.39
N ASP A 534 19.27 -14.63 52.07
CA ASP A 534 18.08 -15.45 52.23
C ASP A 534 17.35 -15.64 50.91
N THR A 535 17.56 -14.75 49.97
CA THR A 535 16.96 -14.97 48.63
C THR A 535 17.58 -16.21 48.02
N PHE A 536 18.91 -16.35 48.16
CA PHE A 536 19.58 -17.52 47.62
C PHE A 536 19.06 -18.78 48.30
N LYS A 537 18.75 -18.67 49.58
CA LYS A 537 18.17 -19.81 50.32
C LYS A 537 16.83 -20.22 49.76
N VAL A 538 15.97 -19.26 49.44
CA VAL A 538 14.74 -19.60 48.77
C VAL A 538 15.02 -20.27 47.43
N LEU A 539 16.03 -19.83 46.68
CA LEU A 539 16.36 -20.43 45.39
C LEU A 539 16.85 -21.88 45.53
N ALA A 540 17.55 -22.18 46.60
CA ALA A 540 18.02 -23.51 46.83
C ALA A 540 16.92 -24.46 47.25
N GLU A 541 15.86 -23.92 47.90
CA GLU A 541 14.80 -24.77 48.43
C GLU A 541 13.69 -25.04 47.45
N LEU A 542 13.41 -24.15 46.53
CA LEU A 542 12.27 -24.33 45.66
C LEU A 542 12.65 -25.06 44.37
N PRO A 543 11.68 -25.57 43.66
CA PRO A 543 12.01 -26.34 42.46
C PRO A 543 12.54 -25.40 41.41
N SER A 544 13.42 -25.91 40.58
CA SER A 544 14.11 -25.10 39.62
C SER A 544 13.19 -24.67 38.49
N ASP A 545 12.15 -25.43 38.19
CA ASP A 545 11.16 -25.01 37.18
C ASP A 545 10.35 -23.81 37.64
N CYS A 546 10.55 -23.32 38.87
CA CYS A 546 9.90 -22.05 39.23
C CYS A 546 10.68 -20.86 38.67
N PHE A 547 11.95 -21.04 38.26
CA PHE A 547 12.85 -19.88 38.06
C PHE A 547 13.43 -19.77 36.69
N GLY A 548 13.72 -18.54 36.30
CA GLY A 548 14.44 -18.31 35.05
C GLY A 548 15.85 -17.78 35.33
N ALA A 549 16.06 -16.49 35.00
CA ALA A 549 17.35 -15.87 35.07
C ALA A 549 17.55 -15.16 36.40
N TYR A 550 18.83 -15.01 36.81
CA TYR A 550 19.17 -14.06 37.89
C TYR A 550 19.77 -12.86 37.18
N ILE A 551 19.02 -11.77 37.16
CA ILE A 551 19.42 -10.57 36.46
C ILE A 551 20.21 -9.71 37.43
N ILE A 552 21.35 -9.19 36.97
CA ILE A 552 22.11 -8.23 37.77
C ILE A 552 21.90 -6.79 37.26
N SER A 553 21.16 -6.01 38.04
CA SER A 553 21.01 -4.58 37.74
C SER A 553 22.31 -3.86 37.96
N MET A 554 22.53 -2.80 37.16
CA MET A 554 23.70 -1.96 37.26
C MET A 554 24.93 -2.78 37.08
N ALA A 555 24.94 -3.75 36.18
CA ALA A 555 26.15 -4.56 36.03
C ALA A 555 27.18 -3.75 35.33
N THR A 556 28.45 -3.90 35.72
CA THR A 556 29.55 -3.22 35.04
C THR A 556 30.68 -4.11 34.69
N SER A 557 30.80 -5.28 35.32
CA SER A 557 32.08 -5.97 35.24
C SER A 557 31.94 -7.48 35.27
N THR A 558 32.99 -8.16 34.84
CA THR A 558 33.12 -9.61 34.97
C THR A 558 32.86 -10.09 36.40
N SER A 559 33.39 -9.38 37.40
CA SER A 559 33.31 -9.85 38.75
C SER A 559 31.87 -9.81 39.24
N ASP A 560 31.08 -8.87 38.75
CA ASP A 560 29.65 -8.77 39.11
C ASP A 560 28.92 -10.05 38.84
N VAL A 561 29.24 -10.67 37.72
CA VAL A 561 28.59 -11.90 37.30
C VAL A 561 29.14 -13.06 38.14
N LEU A 562 30.46 -13.13 38.29
CA LEU A 562 31.06 -14.19 39.15
C LEU A 562 30.62 -14.12 40.60
N ALA A 563 30.33 -12.92 41.11
CA ALA A 563 29.87 -12.75 42.47
C ALA A 563 28.60 -13.53 42.72
N VAL A 564 27.66 -13.45 41.77
CA VAL A 564 26.38 -14.15 41.90
C VAL A 564 26.54 -15.63 41.73
N GLU A 565 27.48 -16.02 40.88
CA GLU A 565 27.79 -17.42 40.67
C GLU A 565 28.36 -18.00 41.97
N LEU A 566 29.21 -17.25 42.66
CA LEU A 566 29.75 -17.77 43.93
C LEU A 566 28.70 -17.92 45.00
N LEU A 567 27.79 -16.96 45.11
CA LEU A 567 26.71 -17.09 46.10
C LEU A 567 25.82 -18.31 45.82
N GLN A 568 25.50 -18.58 44.57
CA GLN A 568 24.71 -19.77 44.23
C GLN A 568 25.46 -21.04 44.55
N ARG A 569 26.78 -21.03 44.34
CA ARG A 569 27.54 -22.20 44.65
C ARG A 569 27.55 -22.41 46.13
N GLU A 570 27.73 -21.33 46.87
CA GLU A 570 27.80 -21.39 48.33
C GLU A 570 26.52 -21.98 48.89
N TYR A 571 25.36 -21.64 48.32
CA TYR A 571 24.10 -22.25 48.73
C TYR A 571 23.85 -23.61 48.04
N HIS A 572 24.82 -24.14 47.32
CA HIS A 572 24.69 -25.52 46.79
C HIS A 572 23.38 -25.68 45.95
N ILE A 573 22.96 -24.64 45.25
CA ILE A 573 21.76 -24.71 44.44
C ILE A 573 21.99 -25.75 43.35
N LYS A 574 21.09 -26.70 43.27
CA LYS A 574 21.35 -27.87 42.45
C LYS A 574 21.33 -27.48 40.98
N HIS A 575 20.38 -26.63 40.57
CA HIS A 575 20.37 -26.07 39.21
C HIS A 575 20.47 -24.54 39.29
N PRO A 576 21.68 -24.03 39.28
CA PRO A 576 21.85 -22.60 39.48
C PRO A 576 21.18 -21.86 38.38
N LEU A 577 20.66 -20.68 38.70
CA LEU A 577 20.04 -19.85 37.69
C LEU A 577 21.13 -19.26 36.82
N ARG A 578 20.83 -19.06 35.56
CA ARG A 578 21.81 -18.43 34.68
C ARG A 578 21.94 -16.96 35.05
N VAL A 579 23.13 -16.44 35.00
CA VAL A 579 23.40 -15.10 35.51
C VAL A 579 23.52 -14.17 34.29
N VAL A 580 22.76 -13.10 34.37
CA VAL A 580 22.49 -12.23 33.24
C VAL A 580 22.77 -10.79 33.66
N PRO A 581 23.84 -10.20 33.14
CA PRO A 581 24.15 -8.80 33.47
C PRO A 581 23.20 -7.88 32.71
N LEU A 582 22.76 -6.82 33.38
CA LEU A 582 22.02 -5.68 32.76
C LEU A 582 22.97 -4.50 32.78
N PHE A 583 23.54 -4.15 31.61
CA PHE A 583 24.41 -2.98 31.53
C PHE A 583 23.58 -1.76 31.16
N GLU A 584 23.52 -0.80 32.07
CA GLU A 584 22.61 0.35 32.01
C GLU A 584 23.17 1.62 31.44
N LYS A 585 24.21 2.16 32.03
CA LYS A 585 24.70 3.41 31.51
C LYS A 585 25.52 3.20 30.25
N LEU A 586 25.73 4.29 29.56
CA LEU A 586 26.48 4.31 28.33
C LEU A 586 27.89 3.77 28.55
N ALA A 587 28.53 4.25 29.63
CA ALA A 587 29.88 3.76 30.00
C ALA A 587 29.83 2.25 30.30
N ASP A 588 28.74 1.74 30.88
CA ASP A 588 28.66 0.31 31.19
C ASP A 588 28.49 -0.46 29.88
N LEU A 589 27.67 0.05 28.98
CA LEU A 589 27.52 -0.58 27.68
C LEU A 589 28.88 -0.66 26.95
N GLU A 590 29.66 0.42 27.01
CA GLU A 590 30.99 0.44 26.37
C GLU A 590 31.96 -0.50 27.00
N ALA A 591 31.88 -0.70 28.31
CA ALA A 591 32.72 -1.72 28.94
C ALA A 591 32.18 -3.16 28.83
N ALA A 592 30.98 -3.34 28.28
CA ALA A 592 30.43 -4.70 28.27
C ALA A 592 31.22 -5.68 27.46
N PRO A 593 31.67 -5.27 26.28
CA PRO A 593 32.38 -6.27 25.48
C PRO A 593 33.60 -6.84 26.15
N ALA A 594 34.44 -6.02 26.76
CA ALA A 594 35.60 -6.58 27.49
C ALA A 594 35.18 -7.45 28.65
N ALA A 595 34.09 -7.08 29.34
CA ALA A 595 33.59 -7.91 30.43
C ALA A 595 33.13 -9.27 29.97
N MET A 596 32.43 -9.30 28.84
CA MET A 596 31.95 -10.58 28.30
CA MET A 596 31.95 -10.57 28.30
C MET A 596 33.10 -11.41 27.78
N THR A 597 34.02 -10.78 27.08
CA THR A 597 35.22 -11.51 26.60
C THR A 597 35.96 -12.18 27.76
N ARG A 598 36.14 -11.45 28.84
CA ARG A 598 36.88 -12.00 29.98
C ARG A 598 36.10 -13.20 30.56
N LEU A 599 34.78 -13.06 30.70
CA LEU A 599 34.00 -14.17 31.22
C LEU A 599 34.14 -15.37 30.36
N PHE A 600 34.03 -15.14 29.04
CA PHE A 600 34.05 -16.25 28.15
C PHE A 600 35.44 -16.88 28.11
N SER A 601 36.48 -16.15 28.52
CA SER A 601 37.87 -16.70 28.51
C SER A 601 38.17 -17.60 29.69
N MET A 602 37.32 -17.55 30.72
CA MET A 602 37.58 -18.23 31.99
C MET A 602 37.01 -19.67 31.89
N ASP A 603 37.85 -20.69 32.07
CA ASP A 603 37.40 -22.10 31.96
C ASP A 603 36.26 -22.42 32.94
N TRP A 604 36.30 -21.88 34.14
CA TRP A 604 35.28 -22.23 35.13
C TRP A 604 33.91 -21.75 34.58
N TYR A 605 33.89 -20.53 34.08
CA TYR A 605 32.66 -19.93 33.57
C TYR A 605 32.14 -20.61 32.32
N ARG A 606 33.02 -20.82 31.34
CA ARG A 606 32.65 -21.55 30.11
C ARG A 606 32.06 -22.87 30.43
N ASN A 607 32.64 -23.57 31.38
CA ASN A 607 32.12 -24.85 31.74
C ASN A 607 30.76 -24.73 32.41
N ARG A 608 30.61 -23.73 33.25
CA ARG A 608 29.37 -23.47 33.91
C ARG A 608 28.22 -23.12 32.95
N ILE A 609 28.44 -22.30 31.93
CA ILE A 609 27.30 -21.84 31.10
C ILE A 609 27.00 -22.75 29.93
N ASP A 610 27.90 -23.70 29.62
CA ASP A 610 27.58 -24.79 28.69
C ASP A 610 27.08 -24.26 27.33
N GLY A 611 27.84 -23.34 26.74
CA GLY A 611 27.55 -22.85 25.40
C GLY A 611 26.47 -21.77 25.28
N LYS A 612 25.92 -21.27 26.40
CA LYS A 612 24.82 -20.31 26.37
C LYS A 612 25.00 -19.16 27.30
N GLN A 613 24.68 -17.98 26.84
CA GLN A 613 24.73 -16.76 27.71
C GLN A 613 23.60 -15.86 27.33
N GLU A 614 22.97 -15.24 28.33
CA GLU A 614 21.95 -14.25 28.12
C GLU A 614 22.50 -12.93 28.69
N VAL A 615 22.29 -11.83 27.96
CA VAL A 615 22.68 -10.48 28.41
C VAL A 615 21.45 -9.64 28.30
N MET A 616 21.25 -8.70 29.23
CA MET A 616 20.05 -7.82 29.15
C MET A 616 20.42 -6.43 28.83
N ILE A 617 19.57 -5.76 28.04
CA ILE A 617 19.67 -4.30 27.76
C ILE A 617 18.41 -3.62 28.24
N GLY A 618 18.54 -2.38 28.71
CA GLY A 618 17.43 -1.61 29.17
C GLY A 618 17.35 -0.26 28.45
N TYR A 619 16.51 -0.18 27.44
CA TYR A 619 16.38 1.04 26.66
C TYR A 619 16.11 2.28 27.51
N SER A 620 15.11 2.20 28.37
CA SER A 620 14.74 3.39 29.22
C SER A 620 15.88 3.73 30.18
N ASP A 621 16.53 2.71 30.70
CA ASP A 621 17.66 2.92 31.60
C ASP A 621 18.80 3.71 30.91
N SER A 622 19.20 3.22 29.76
CA SER A 622 20.26 3.82 29.00
C SER A 622 19.88 5.19 28.55
N GLY A 623 18.61 5.35 28.17
CA GLY A 623 18.11 6.66 27.76
C GLY A 623 18.08 7.68 28.87
N LYS A 624 17.83 7.25 30.08
CA LYS A 624 17.93 8.20 31.23
C LYS A 624 19.39 8.71 31.40
N ASP A 625 20.38 7.89 31.09
CA ASP A 625 21.78 8.30 31.23
C ASP A 625 22.27 9.24 30.12
N ALA A 626 21.80 9.03 28.88
CA ALA A 626 22.50 9.56 27.73
C ALA A 626 21.59 10.13 26.67
N GLY A 627 20.29 10.08 26.91
CA GLY A 627 19.32 10.57 25.97
C GLY A 627 18.93 9.38 25.11
N ARG A 628 17.70 9.34 24.64
CA ARG A 628 17.18 8.15 23.93
C ARG A 628 17.84 7.91 22.57
N PHE A 629 18.20 8.97 21.84
CA PHE A 629 18.83 8.82 20.54
C PHE A 629 20.15 8.09 20.65
N SER A 630 20.97 8.53 21.58
CA SER A 630 22.28 7.90 21.73
C SER A 630 22.17 6.53 22.35
N ALA A 631 21.18 6.31 23.24
CA ALA A 631 21.04 5.00 23.80
C ALA A 631 20.60 4.10 22.68
N ALA A 632 19.70 4.56 21.81
CA ALA A 632 19.28 3.63 20.75
C ALA A 632 20.45 3.20 19.90
N TRP A 633 21.29 4.15 19.51
CA TRP A 633 22.35 3.83 18.58
C TRP A 633 23.38 3.00 19.30
N GLN A 634 23.70 3.36 20.53
CA GLN A 634 24.70 2.56 21.24
C GLN A 634 24.25 1.12 21.42
N LEU A 635 22.95 0.92 21.72
CA LEU A 635 22.44 -0.43 21.91
C LEU A 635 22.48 -1.22 20.62
N TYR A 636 22.22 -0.58 19.50
CA TYR A 636 22.45 -1.26 18.23
C TYR A 636 23.91 -1.75 18.16
N LYS A 637 24.88 -0.87 18.46
CA LYS A 637 26.31 -1.26 18.32
C LYS A 637 26.75 -2.29 19.31
N THR A 638 26.31 -2.14 20.53
CA THR A 638 26.73 -3.06 21.57
C THR A 638 26.21 -4.47 21.27
N GLN A 639 24.97 -4.57 20.84
CA GLN A 639 24.46 -5.84 20.43
C GLN A 639 25.29 -6.44 19.31
N GLU A 640 25.64 -5.65 18.29
CA GLU A 640 26.49 -6.19 17.23
C GLU A 640 27.79 -6.75 17.81
N GLN A 641 28.41 -5.98 18.69
CA GLN A 641 29.72 -6.32 19.21
C GLN A 641 29.66 -7.59 20.10
N ILE A 642 28.66 -7.68 20.94
CA ILE A 642 28.52 -8.88 21.75
C ILE A 642 28.18 -10.13 20.92
N VAL A 643 27.36 -9.98 19.90
CA VAL A 643 27.08 -11.09 19.02
C VAL A 643 28.39 -11.65 18.42
N LYS A 644 29.26 -10.78 17.98
CA LYS A 644 30.48 -11.20 17.35
C LYS A 644 31.38 -11.91 18.36
N ILE A 645 31.46 -11.35 19.55
CA ILE A 645 32.27 -11.97 20.61
C ILE A 645 31.74 -13.36 20.96
N ALA A 646 30.43 -13.50 21.05
CA ALA A 646 29.85 -14.81 21.30
C ALA A 646 30.19 -15.82 20.22
N LYS A 647 30.09 -15.41 18.97
CA LYS A 647 30.46 -16.32 17.90
C LYS A 647 31.88 -16.80 18.03
N GLU A 648 32.76 -15.87 18.25
CA GLU A 648 34.18 -16.16 18.36
C GLU A 648 34.44 -17.19 19.45
N PHE A 649 33.73 -17.12 20.57
CA PHE A 649 33.93 -18.07 21.66
C PHE A 649 33.00 -19.29 21.54
N GLY A 650 32.23 -19.40 20.47
CA GLY A 650 31.30 -20.50 20.30
C GLY A 650 30.19 -20.58 21.29
N VAL A 651 29.74 -19.41 21.75
CA VAL A 651 28.64 -19.32 22.67
C VAL A 651 27.37 -18.79 21.99
N LYS A 652 26.24 -19.37 22.31
CA LYS A 652 24.96 -18.88 21.80
C LYS A 652 24.50 -17.79 22.72
N LEU A 653 24.21 -16.64 22.12
CA LEU A 653 23.85 -15.47 22.88
C LEU A 653 22.34 -15.20 22.80
N VAL A 654 21.67 -14.90 23.94
CA VAL A 654 20.30 -14.34 23.93
C VAL A 654 20.35 -12.93 24.41
N ILE A 655 19.72 -12.00 23.69
CA ILE A 655 19.64 -10.64 24.13
C ILE A 655 18.27 -10.47 24.71
N PHE A 656 18.20 -10.15 26.00
CA PHE A 656 16.91 -9.92 26.69
C PHE A 656 16.59 -8.47 26.64
N HIS A 657 15.49 -8.15 25.97
CA HIS A 657 15.04 -6.78 25.80
C HIS A 657 14.19 -6.25 26.93
N GLY A 658 14.76 -5.34 27.68
CA GLY A 658 14.10 -4.67 28.77
C GLY A 658 13.19 -3.58 28.27
N ARG A 659 12.58 -2.85 29.16
CA ARG A 659 11.54 -1.98 28.73
C ARG A 659 12.04 -0.74 27.98
N GLY A 660 11.15 -0.16 27.19
CA GLY A 660 11.37 1.16 26.60
C GLY A 660 11.79 1.12 25.13
N GLY A 661 11.96 -0.06 24.59
CA GLY A 661 12.41 -0.14 23.17
C GLY A 661 11.23 -0.18 22.19
N THR A 662 11.53 -0.05 20.90
CA THR A 662 10.54 -0.16 19.86
C THR A 662 9.85 -1.54 19.89
N VAL A 663 10.58 -2.56 20.30
CA VAL A 663 10.00 -3.87 20.47
C VAL A 663 9.00 -3.97 21.63
N GLY A 664 8.98 -3.02 22.55
CA GLY A 664 7.93 -3.00 23.60
C GLY A 664 6.65 -2.25 23.24
N ARG A 665 6.46 -1.82 22.00
CA ARG A 665 5.24 -1.09 21.66
C ARG A 665 3.99 -1.91 21.64
N GLY A 666 4.12 -3.16 21.25
CA GLY A 666 2.89 -3.93 21.05
C GLY A 666 2.17 -3.51 19.76
N GLY A 667 1.28 -4.37 19.29
CA GLY A 667 0.64 -4.18 18.00
C GLY A 667 1.62 -4.32 16.87
N GLY A 668 1.21 -3.89 15.68
CA GLY A 668 2.03 -4.06 14.51
C GLY A 668 3.43 -3.49 14.65
N PRO A 669 3.54 -2.36 15.34
CA PRO A 669 4.88 -1.79 15.36
C PRO A 669 5.93 -2.70 15.92
N THR A 670 5.51 -3.59 16.78
CA THR A 670 6.39 -4.56 17.33
C THR A 670 6.92 -5.46 16.26
N HIS A 671 6.11 -5.73 15.26
CA HIS A 671 6.54 -6.71 14.23
C HIS A 671 7.79 -6.13 13.48
N LEU A 672 7.71 -4.90 12.99
CA LEU A 672 8.85 -4.29 12.31
C LEU A 672 10.01 -4.01 13.24
N ALA A 673 9.73 -3.62 14.47
CA ALA A 673 10.78 -3.51 15.45
C ALA A 673 11.62 -4.78 15.55
N LEU A 674 10.96 -5.92 15.69
CA LEU A 674 11.71 -7.18 15.79
C LEU A 674 12.53 -7.43 14.53
N LEU A 675 11.95 -7.22 13.34
CA LEU A 675 12.67 -7.41 12.11
C LEU A 675 13.84 -6.46 11.94
N SER A 676 13.80 -5.33 12.65
CA SER A 676 14.87 -4.27 12.63
C SER A 676 16.13 -4.55 13.40
N GLN A 677 16.06 -5.56 14.24
CA GLN A 677 17.20 -5.95 15.05
C GLN A 677 18.43 -6.19 14.22
N PRO A 678 19.56 -5.86 14.79
CA PRO A 678 20.82 -6.12 14.08
C PRO A 678 20.90 -7.58 13.71
N PRO A 679 21.57 -7.91 12.57
CA PRO A 679 21.72 -9.30 12.20
C PRO A 679 22.23 -10.18 13.31
N ASP A 680 21.70 -11.39 13.34
CA ASP A 680 22.11 -12.45 14.25
C ASP A 680 21.90 -12.19 15.76
N THR A 681 21.13 -11.17 16.12
CA THR A 681 20.89 -10.92 17.50
C THR A 681 19.70 -11.67 18.02
N ILE A 682 18.93 -12.29 17.16
CA ILE A 682 17.85 -13.15 17.64
C ILE A 682 18.30 -14.60 17.57
N ASN A 683 18.66 -15.05 16.39
CA ASN A 683 19.19 -16.37 16.20
C ASN A 683 18.39 -17.41 16.91
N GLY A 684 17.10 -17.40 16.67
CA GLY A 684 16.25 -18.47 17.12
C GLY A 684 15.71 -18.36 18.51
N SER A 685 16.09 -17.34 19.28
CA SER A 685 15.68 -17.18 20.65
C SER A 685 15.41 -15.74 20.99
N LEU A 686 14.13 -15.43 21.20
CA LEU A 686 13.71 -14.12 21.51
C LEU A 686 13.34 -14.12 22.96
N ARG A 687 13.74 -13.04 23.64
CA ARG A 687 13.32 -12.79 24.97
C ARG A 687 13.05 -11.33 25.10
N VAL A 688 11.80 -10.95 25.39
CA VAL A 688 11.40 -9.54 25.43
C VAL A 688 10.48 -9.32 26.62
N THR A 689 10.47 -8.09 27.11
CA THR A 689 9.61 -7.66 28.17
C THR A 689 8.26 -7.27 27.61
N VAL A 690 7.20 -7.75 28.20
CA VAL A 690 5.90 -7.20 27.91
C VAL A 690 5.61 -6.31 29.09
N GLN A 691 5.65 -5.00 28.83
CA GLN A 691 5.53 -3.99 29.88
C GLN A 691 4.08 -4.01 30.37
N GLY A 692 3.93 -3.79 31.67
CA GLY A 692 2.63 -3.79 32.32
C GLY A 692 1.65 -2.84 31.70
N GLU A 693 2.11 -1.69 31.19
CA GLU A 693 1.15 -0.73 30.66
C GLU A 693 0.70 -1.10 29.17
N VAL A 694 1.23 -2.23 28.69
CA VAL A 694 1.01 -2.70 27.34
C VAL A 694 0.23 -4.03 27.37
N ILE A 695 0.24 -4.74 28.49
CA ILE A 695 -0.35 -6.07 28.58
C ILE A 695 -1.83 -6.07 28.19
N GLU A 696 -2.61 -5.12 28.65
CA GLU A 696 -4.06 -4.99 28.29
C GLU A 696 -4.26 -4.99 26.75
N GLN A 697 -3.45 -4.20 26.03
CA GLN A 697 -3.57 -4.05 24.56
C GLN A 697 -3.11 -5.30 23.85
N SER A 698 -2.06 -5.91 24.36
CA SER A 698 -1.44 -7.04 23.75
C SER A 698 -2.28 -8.30 23.90
N PHE A 699 -2.92 -8.44 25.06
CA PHE A 699 -3.54 -9.71 25.44
C PHE A 699 -4.99 -9.68 25.89
N GLY A 700 -5.58 -8.49 26.09
CA GLY A 700 -6.92 -8.43 26.65
C GLY A 700 -8.02 -8.96 25.77
N GLU A 701 -7.92 -8.74 24.48
CA GLU A 701 -8.98 -9.13 23.54
C GLU A 701 -8.41 -10.33 22.82
N GLU A 702 -9.20 -11.38 22.63
CA GLU A 702 -8.68 -12.62 22.10
C GLU A 702 -8.06 -12.56 20.70
N HIS A 703 -8.57 -11.69 19.84
CA HIS A 703 -7.94 -11.57 18.51
C HIS A 703 -6.60 -10.89 18.65
N LEU A 704 -6.50 -9.86 19.49
CA LEU A 704 -5.20 -9.21 19.64
C LEU A 704 -4.21 -10.17 20.31
N CYS A 705 -4.72 -11.01 21.20
CA CYS A 705 -3.84 -11.91 21.86
C CYS A 705 -3.22 -12.84 20.84
N PHE A 706 -4.08 -13.39 19.98
CA PHE A 706 -3.64 -14.29 18.92
C PHE A 706 -2.61 -13.60 18.00
N ARG A 707 -2.84 -12.32 17.69
CA ARG A 707 -1.96 -11.61 16.77
C ARG A 707 -0.62 -11.23 17.38
N THR A 708 -0.65 -10.99 18.67
CA THR A 708 0.53 -10.73 19.41
C THR A 708 1.41 -11.97 19.38
N LEU A 709 0.87 -13.09 19.81
CA LEU A 709 1.69 -14.37 19.73
C LEU A 709 2.23 -14.56 18.32
N GLN A 710 1.39 -14.29 17.36
CA GLN A 710 1.75 -14.57 15.95
C GLN A 710 2.92 -13.72 15.47
N ARG A 711 2.92 -12.43 15.77
CA ARG A 711 3.96 -11.55 15.25
C ARG A 711 5.28 -11.82 15.98
N PHE A 712 5.23 -12.08 17.27
CA PHE A 712 6.45 -12.53 17.94
C PHE A 712 7.02 -13.79 17.26
N CYS A 713 6.17 -14.77 16.97
CA CYS A 713 6.66 -16.04 16.39
C CYS A 713 7.14 -15.84 14.95
N ALA A 714 6.42 -15.05 14.16
CA ALA A 714 6.74 -14.86 12.76
C ALA A 714 7.98 -14.03 12.58
N ALA A 715 8.09 -12.92 13.33
CA ALA A 715 9.22 -12.07 13.21
C ALA A 715 10.52 -12.75 13.68
N THR A 716 10.45 -13.46 14.78
CA THR A 716 11.60 -14.14 15.28
C THR A 716 12.08 -15.11 14.22
N LEU A 717 11.15 -15.83 13.63
CA LEU A 717 11.54 -16.82 12.57
C LEU A 717 12.18 -16.17 11.38
N GLU A 718 11.58 -15.07 10.93
CA GLU A 718 12.02 -14.44 9.71
C GLU A 718 13.44 -13.87 9.88
N HIS A 719 13.66 -13.26 11.02
CA HIS A 719 14.84 -12.44 11.18
C HIS A 719 16.16 -13.22 11.03
N GLY A 720 16.22 -14.39 11.64
CA GLY A 720 17.34 -15.28 11.52
C GLY A 720 17.62 -15.73 10.07
N MET A 721 16.64 -15.66 9.18
CA MET A 721 16.83 -16.03 7.78
C MET A 721 16.75 -14.84 6.85
N ASN A 722 16.43 -13.65 7.38
CA ASN A 722 16.26 -12.46 6.52
C ASN A 722 16.58 -11.16 7.28
N PRO A 723 17.84 -10.95 7.65
CA PRO A 723 18.24 -9.82 8.48
C PRO A 723 17.95 -8.55 7.74
N PRO A 724 17.74 -7.44 8.46
CA PRO A 724 17.63 -6.17 7.72
C PRO A 724 18.96 -5.82 7.08
N ILE A 725 18.96 -4.81 6.22
CA ILE A 725 20.22 -4.30 5.64
C ILE A 725 21.10 -3.77 6.69
N SER A 726 22.40 -3.95 6.50
CA SER A 726 23.36 -3.38 7.48
C SER A 726 23.60 -1.96 7.00
N PRO A 727 23.92 -1.06 7.93
CA PRO A 727 23.93 0.32 7.53
C PRO A 727 25.13 0.66 6.70
N ARG A 728 24.97 1.65 5.84
CA ARG A 728 26.05 2.20 5.04
C ARG A 728 27.05 2.87 5.95
N PRO A 729 28.32 2.91 5.55
CA PRO A 729 29.31 3.50 6.40
C PRO A 729 29.02 4.95 6.70
N GLU A 730 28.57 5.70 5.71
CA GLU A 730 28.22 7.11 5.88
C GLU A 730 27.17 7.26 6.92
N TRP A 731 26.23 6.31 6.96
CA TRP A 731 25.16 6.33 7.96
C TRP A 731 25.73 6.08 9.36
N ARG A 732 26.60 5.08 9.53
CA ARG A 732 27.22 4.88 10.87
C ARG A 732 27.94 6.14 11.33
N GLU A 733 28.71 6.74 10.44
CA GLU A 733 29.50 7.90 10.80
C GLU A 733 28.60 9.07 11.25
N LEU A 734 27.53 9.29 10.53
CA LEU A 734 26.66 10.35 10.90
C LEU A 734 25.98 9.99 12.22
N MET A 735 25.58 8.71 12.39
CA MET A 735 24.94 8.30 13.66
C MET A 735 25.90 8.59 14.82
N ASP A 736 27.17 8.26 14.63
CA ASP A 736 28.14 8.52 15.71
C ASP A 736 28.21 10.01 16.03
N GLN A 737 28.32 10.84 15.00
CA GLN A 737 28.47 12.24 15.17
C GLN A 737 27.25 12.75 15.87
N MET A 738 26.08 12.28 15.44
CA MET A 738 24.81 12.77 16.00
C MET A 738 24.69 12.40 17.49
N ALA A 739 25.19 11.22 17.85
CA ALA A 739 25.10 10.78 19.23
C ALA A 739 25.91 11.66 20.18
N VAL A 740 27.11 12.08 19.75
CA VAL A 740 27.94 12.92 20.57
C VAL A 740 27.13 14.17 20.89
N VAL A 741 26.51 14.75 19.88
CA VAL A 741 25.76 16.00 20.05
C VAL A 741 24.47 15.80 20.88
N ALA A 742 23.76 14.72 20.63
CA ALA A 742 22.55 14.42 21.38
C ALA A 742 22.79 14.21 22.85
N THR A 743 23.77 13.38 23.14
CA THR A 743 24.17 13.14 24.51
C THR A 743 24.59 14.44 25.22
N GLU A 744 25.39 15.25 24.57
CA GLU A 744 25.77 16.54 25.14
C GLU A 744 24.54 17.43 25.46
N GLU A 745 23.56 17.47 24.56
CA GLU A 745 22.44 18.35 24.81
C GLU A 745 21.66 17.72 25.96
N TYR A 746 21.37 16.43 25.87
CA TYR A 746 20.55 15.79 26.93
C TYR A 746 21.19 15.97 28.29
N ARG A 747 22.50 15.73 28.38
CA ARG A 747 23.22 15.87 29.66
C ARG A 747 23.38 17.30 30.15
N SER A 748 23.49 18.28 29.26
CA SER A 748 23.63 19.64 29.78
C SER A 748 22.32 20.13 30.39
N VAL A 749 21.19 19.72 29.82
CA VAL A 749 19.91 20.06 30.40
C VAL A 749 19.65 19.27 31.66
N VAL A 750 19.82 17.96 31.59
CA VAL A 750 19.34 17.07 32.67
C VAL A 750 20.29 17.01 33.86
N PHE A 751 21.60 17.02 33.61
CA PHE A 751 22.59 16.88 34.67
C PHE A 751 23.42 18.10 34.99
N LYS A 752 23.70 18.98 34.04
CA LYS A 752 24.55 20.11 34.28
C LYS A 752 23.80 21.39 34.63
N GLU A 753 22.55 21.58 34.20
CA GLU A 753 21.75 22.72 34.67
C GLU A 753 21.44 22.70 36.18
N PRO A 754 22.01 23.61 36.96
CA PRO A 754 21.88 23.38 38.40
C PRO A 754 20.46 23.42 38.93
N ARG A 755 19.53 23.97 38.19
CA ARG A 755 18.17 24.02 38.64
C ARG A 755 17.21 23.13 37.88
N PHE A 756 17.74 22.18 37.11
CA PHE A 756 16.83 21.28 36.38
C PHE A 756 16.00 20.47 37.39
N VAL A 757 16.64 20.00 38.43
CA VAL A 757 15.96 19.17 39.39
C VAL A 757 14.84 19.92 40.07
N GLU A 758 15.12 21.15 40.50
CA GLU A 758 14.10 22.01 41.10
C GLU A 758 12.93 22.32 40.16
N TYR A 759 13.25 22.51 38.88
CA TYR A 759 12.19 22.67 37.88
C TYR A 759 11.31 21.43 37.73
N PHE A 760 11.96 20.30 37.57
CA PHE A 760 11.33 19.00 37.46
C PHE A 760 10.37 18.70 38.63
N ARG A 761 10.80 18.99 39.84
CA ARG A 761 9.90 18.86 40.98
C ARG A 761 8.71 19.77 40.99
N LEU A 762 8.77 20.91 40.32
CA LEU A 762 7.62 21.79 40.27
C LEU A 762 6.72 21.51 39.10
N ALA A 763 7.32 21.22 37.94
CA ALA A 763 6.53 21.07 36.72
C ALA A 763 5.84 19.73 36.57
N THR A 764 6.25 18.75 37.35
CA THR A 764 5.73 17.41 37.21
C THR A 764 5.27 16.94 38.56
N PRO A 765 4.43 15.88 38.58
CA PRO A 765 3.95 15.32 39.83
C PRO A 765 4.89 14.27 40.37
N GLU A 766 6.14 14.33 39.95
CA GLU A 766 7.14 13.36 40.36
C GLU A 766 7.19 13.10 41.87
N LEU A 767 7.20 14.14 42.68
CA LEU A 767 7.33 13.96 44.13
C LEU A 767 6.12 13.25 44.73
N GLU A 768 4.93 13.55 44.17
CA GLU A 768 3.69 13.05 44.70
C GLU A 768 3.54 11.57 44.30
N PHE A 769 3.97 11.22 43.11
CA PHE A 769 4.07 9.82 42.71
C PHE A 769 4.90 9.01 43.72
N GLY A 770 6.01 9.57 44.17
CA GLY A 770 6.79 8.98 45.24
C GLY A 770 5.97 8.72 46.51
N ARG A 771 5.51 9.80 47.14
CA ARG A 771 4.82 9.68 48.43
C ARG A 771 3.44 9.02 48.37
N MET A 772 3.16 8.29 47.28
CA MET A 772 1.92 7.51 47.11
C MET A 772 2.21 6.20 46.37
N ASN A 773 3.46 5.75 46.42
CA ASN A 773 3.90 4.49 45.77
C ASN A 773 2.84 3.77 44.92
N ARG A 777 6.78 0.35 43.92
CA ARG A 777 8.17 0.46 44.37
C ARG A 777 8.40 1.82 45.06
N PRO A 778 9.58 2.03 45.70
CA PRO A 778 10.18 3.39 45.83
C PRO A 778 10.88 3.95 44.54
N SER A 779 11.03 5.27 44.48
CA SER A 779 11.29 6.01 43.21
C SER A 779 12.72 6.54 42.96
N LYS A 780 13.39 7.06 44.04
CA LYS A 780 14.71 7.80 44.03
C LYS A 780 15.69 7.21 45.05
N GLY A 785 20.55 11.80 45.39
CA GLY A 785 21.49 11.96 44.28
C GLY A 785 20.93 12.33 42.90
N GLY A 786 19.85 13.14 42.85
CA GLY A 786 19.33 13.70 41.58
C GLY A 786 18.62 12.75 40.64
N ILE A 787 18.64 13.07 39.36
CA ILE A 787 18.03 12.23 38.29
C ILE A 787 18.71 10.91 38.12
N GLU A 788 20.01 10.91 38.33
CA GLU A 788 20.84 9.73 38.20
C GLU A 788 20.40 8.63 39.15
N SER A 789 19.94 8.99 40.35
CA SER A 789 19.49 7.99 41.27
C SER A 789 17.98 7.83 41.21
N LEU A 790 17.30 8.68 40.45
CA LEU A 790 15.89 8.44 40.18
C LEU A 790 15.80 7.26 39.21
N ARG A 791 14.85 6.37 39.45
CA ARG A 791 14.63 5.18 38.56
C ARG A 791 13.97 5.54 37.21
N ALA A 792 14.21 4.73 36.21
CA ALA A 792 13.73 5.00 34.88
C ALA A 792 12.18 5.11 34.75
N ILE A 793 11.42 4.34 35.50
CA ILE A 793 9.98 4.41 35.40
C ILE A 793 9.40 5.75 35.91
N PRO A 794 9.77 6.18 37.13
CA PRO A 794 9.33 7.53 37.61
C PRO A 794 9.79 8.68 36.70
N TRP A 795 10.97 8.55 36.13
CA TRP A 795 11.43 9.53 35.14
C TRP A 795 10.49 9.62 33.95
N ILE A 796 10.26 8.50 33.26
CA ILE A 796 9.39 8.52 32.10
C ILE A 796 7.98 8.94 32.52
N PHE A 797 7.51 8.37 33.60
CA PHE A 797 6.14 8.55 34.00
C PHE A 797 5.80 10.04 34.30
N SER A 798 6.69 10.69 35.01
CA SER A 798 6.45 12.04 35.45
C SER A 798 6.23 13.04 34.31
N TRP A 799 7.01 12.90 33.26
CA TRP A 799 6.92 13.77 32.10
C TRP A 799 5.81 13.36 31.15
N THR A 800 5.40 12.12 31.21
CA THR A 800 4.23 11.61 30.46
C THR A 800 2.96 12.24 31.04
N GLN A 801 2.92 12.34 32.36
CA GLN A 801 1.79 12.90 33.04
C GLN A 801 1.52 14.33 32.61
N THR A 802 2.56 15.11 32.29
CA THR A 802 2.37 16.55 31.89
C THR A 802 2.21 16.72 30.35
N ARG A 803 2.16 15.59 29.63
CA ARG A 803 2.03 15.57 28.19
C ARG A 803 3.20 16.22 27.48
N PHE A 804 4.38 16.17 28.11
CA PHE A 804 5.56 16.84 27.58
C PHE A 804 6.63 15.88 27.09
N HIS A 805 6.89 14.79 27.83
CA HIS A 805 7.62 13.62 27.34
C HIS A 805 9.09 13.92 27.07
N LEU A 806 9.62 14.89 27.75
CA LEU A 806 11.03 15.23 27.57
C LEU A 806 12.00 14.02 27.46
N PRO A 807 11.85 13.02 28.33
CA PRO A 807 12.78 11.88 28.24
C PRO A 807 12.83 11.18 26.92
N VAL A 808 11.79 11.25 26.11
CA VAL A 808 11.75 10.46 24.87
C VAL A 808 12.46 11.23 23.76
N TRP A 809 12.27 12.56 23.69
CA TRP A 809 12.74 13.36 22.52
C TRP A 809 13.98 14.18 22.73
N LEU A 810 14.34 14.48 23.98
CA LEU A 810 15.40 15.44 24.24
C LEU A 810 16.71 14.89 23.73
N GLY A 811 17.39 15.73 22.95
CA GLY A 811 18.62 15.37 22.29
C GLY A 811 18.46 15.16 20.79
N PHE A 812 17.29 14.69 20.34
CA PHE A 812 17.10 14.41 18.88
C PHE A 812 17.22 15.72 18.13
N GLY A 813 16.69 16.77 18.71
CA GLY A 813 16.74 18.09 18.12
C GLY A 813 18.12 18.61 17.78
N ALA A 814 19.01 18.56 18.76
CA ALA A 814 20.39 19.05 18.52
C ALA A 814 21.04 18.11 17.50
N ALA A 815 20.77 16.83 17.61
CA ALA A 815 21.38 15.90 16.67
C ALA A 815 20.98 16.24 15.22
N PHE A 816 19.68 16.40 15.01
CA PHE A 816 19.20 16.74 13.66
C PHE A 816 19.72 18.07 13.15
N LYS A 817 19.62 19.11 13.98
CA LYS A 817 20.05 20.41 13.58
C LYS A 817 21.53 20.47 13.28
N HIS A 818 22.33 19.90 14.18
CA HIS A 818 23.75 19.91 13.95
C HIS A 818 24.07 19.17 12.63
N ALA A 819 23.50 17.99 12.42
CA ALA A 819 23.75 17.26 11.18
C ALA A 819 23.39 18.09 9.94
N ILE A 820 22.23 18.73 9.97
CA ILE A 820 21.70 19.43 8.79
C ILE A 820 22.52 20.70 8.52
N GLN A 821 22.84 21.45 9.55
CA GLN A 821 23.70 22.62 9.43
C GLN A 821 25.16 22.35 9.10
N LYS A 822 25.67 21.19 9.46
CA LYS A 822 27.05 20.87 9.11
C LYS A 822 27.14 20.60 7.61
N ASP A 823 26.08 20.01 7.07
CA ASP A 823 26.01 19.72 5.66
C ASP A 823 24.57 19.52 5.21
N SER A 824 24.06 20.45 4.40
CA SER A 824 22.65 20.41 3.97
C SER A 824 22.26 19.05 3.37
N LYS A 825 23.20 18.42 2.66
CA LYS A 825 23.05 17.03 2.16
C LYS A 825 22.63 15.97 3.25
N ASN A 826 22.90 16.24 4.50
CA ASN A 826 22.56 15.30 5.52
C ASN A 826 21.03 15.17 5.64
N LEU A 827 20.26 16.19 5.25
CA LEU A 827 18.83 16.08 5.36
C LEU A 827 18.36 14.93 4.50
N GLN A 828 18.86 14.88 3.25
CA GLN A 828 18.53 13.79 2.32
C GLN A 828 19.08 12.46 2.82
N MET A 829 20.29 12.44 3.39
CA MET A 829 20.81 11.18 3.90
C MET A 829 19.85 10.64 4.99
N LEU A 830 19.44 11.52 5.92
CA LEU A 830 18.53 11.14 6.99
C LEU A 830 17.17 10.70 6.50
N GLN A 831 16.67 11.33 5.46
CA GLN A 831 15.45 10.86 4.82
C GLN A 831 15.62 9.51 4.17
N GLU A 832 16.75 9.26 3.53
CA GLU A 832 17.00 7.96 2.94
C GLU A 832 17.10 6.87 4.04
N MET A 833 17.72 7.19 5.17
CA MET A 833 17.78 6.30 6.32
C MET A 833 16.40 6.00 6.84
N TYR A 834 15.55 7.01 6.95
CA TYR A 834 14.19 6.80 7.38
C TYR A 834 13.46 5.86 6.44
N LYS A 835 13.66 6.03 5.15
CA LYS A 835 12.88 5.27 4.20
C LYS A 835 13.41 3.85 4.05
N THR A 836 14.69 3.69 4.32
CA THR A 836 15.41 2.52 3.90
C THR A 836 16.07 1.67 5.04
N TRP A 837 16.21 2.21 6.23
CA TRP A 837 16.92 1.50 7.26
C TRP A 837 15.93 1.18 8.34
N PRO A 838 15.53 -0.07 8.44
CA PRO A 838 14.50 -0.28 9.40
C PRO A 838 14.78 0.24 10.85
N PHE A 839 15.98 0.05 11.38
CA PHE A 839 16.29 0.55 12.72
C PHE A 839 15.96 2.03 12.86
N PHE A 840 16.32 2.82 11.85
CA PHE A 840 16.10 4.25 11.91
C PHE A 840 14.62 4.55 11.80
N ARG A 841 13.96 3.91 10.85
CA ARG A 841 12.54 4.06 10.71
C ARG A 841 11.79 3.78 12.03
N VAL A 842 12.03 2.60 12.64
CA VAL A 842 11.26 2.31 13.85
C VAL A 842 11.59 3.28 14.99
N THR A 843 12.82 3.79 15.02
CA THR A 843 13.28 4.62 16.12
C THR A 843 12.57 5.99 16.03
N ILE A 844 12.50 6.52 14.82
CA ILE A 844 11.74 7.74 14.57
C ILE A 844 10.25 7.54 14.80
N ASP A 845 9.67 6.45 14.32
CA ASP A 845 8.22 6.25 14.49
C ASP A 845 7.82 6.28 15.98
N LEU A 846 8.66 5.71 16.85
CA LEU A 846 8.26 5.64 18.26
C LEU A 846 8.20 7.08 18.78
N VAL A 847 9.22 7.87 18.48
CA VAL A 847 9.25 9.31 18.89
C VAL A 847 8.10 10.11 18.30
N GLU A 848 7.73 9.79 17.07
CA GLU A 848 6.59 10.47 16.46
C GLU A 848 5.24 10.14 17.15
N MET A 849 5.06 8.88 17.54
CA MET A 849 3.87 8.46 18.32
C MET A 849 3.83 9.22 19.64
N VAL A 850 4.99 9.43 20.25
CA VAL A 850 5.04 10.15 21.51
C VAL A 850 4.68 11.62 21.34
N PHE A 851 5.25 12.30 20.34
CA PHE A 851 4.81 13.64 20.00
C PHE A 851 3.27 13.70 19.77
N ALA A 852 2.69 12.72 19.13
CA ALA A 852 1.23 12.73 18.93
C ALA A 852 0.48 12.65 20.28
N LYS A 853 1.08 12.06 21.30
CA LYS A 853 0.48 12.02 22.62
C LYS A 853 0.86 13.27 23.46
N GLY A 854 1.57 14.21 22.86
CA GLY A 854 2.04 15.37 23.59
C GLY A 854 1.14 16.58 23.41
N ASN A 855 1.18 17.52 24.38
CA ASN A 855 0.51 18.78 24.19
C ASN A 855 1.11 19.89 24.99
N PRO A 856 1.84 20.81 24.31
CA PRO A 856 2.68 21.73 25.09
C PRO A 856 1.86 22.79 25.84
N GLY A 857 0.60 22.94 25.47
CA GLY A 857 -0.41 23.66 26.28
C GLY A 857 -0.64 23.13 27.69
N ILE A 858 -0.51 21.83 27.90
CA ILE A 858 -0.67 21.27 29.21
C ILE A 858 0.56 21.56 29.99
N ALA A 859 1.70 21.35 29.37
CA ALA A 859 2.96 21.73 30.07
C ALA A 859 3.01 23.21 30.40
N ALA A 860 2.53 24.05 29.48
CA ALA A 860 2.51 25.50 29.75
C ALA A 860 1.60 25.80 30.93
N LEU A 861 0.48 25.09 31.00
CA LEU A 861 -0.45 25.34 32.10
C LEU A 861 0.18 24.96 33.43
N ASN A 862 0.86 23.83 33.47
CA ASN A 862 1.56 23.43 34.66
C ASN A 862 2.65 24.44 35.08
N ASP A 863 3.43 24.93 34.13
CA ASP A 863 4.40 25.96 34.44
C ASP A 863 3.71 27.12 35.12
N LYS A 864 2.64 27.58 34.51
CA LYS A 864 1.97 28.77 35.00
C LYS A 864 1.37 28.60 36.39
N LEU A 865 0.90 27.41 36.68
CA LEU A 865 0.24 27.15 37.95
C LEU A 865 1.21 26.78 39.02
N LEU A 866 2.27 26.05 38.65
CA LEU A 866 3.07 25.31 39.62
C LEU A 866 4.52 25.72 39.74
N VAL A 867 5.07 26.31 38.68
CA VAL A 867 6.49 26.64 38.66
C VAL A 867 6.66 28.07 39.11
N SER A 868 7.72 28.36 39.87
CA SER A 868 7.97 29.73 40.31
C SER A 868 8.43 30.55 39.12
N GLU A 869 8.15 31.86 39.17
CA GLU A 869 8.37 32.76 38.06
C GLU A 869 9.78 32.71 37.49
N ASP A 870 10.78 32.66 38.36
CA ASP A 870 12.16 32.67 37.90
C ASP A 870 12.57 31.41 37.16
N LEU A 871 11.80 30.35 37.25
CA LEU A 871 12.08 29.17 36.45
C LEU A 871 11.19 29.00 35.23
N ARG A 872 10.17 29.86 35.09
CA ARG A 872 9.35 29.77 33.86
C ARG A 872 10.10 29.86 32.51
N PRO A 873 11.18 30.69 32.39
CA PRO A 873 11.91 30.82 31.13
C PRO A 873 12.60 29.56 30.77
N PHE A 874 13.03 28.85 31.80
CA PHE A 874 13.58 27.58 31.56
C PHE A 874 12.53 26.65 30.90
N GLY A 875 11.32 26.66 31.45
CA GLY A 875 10.27 25.85 30.93
C GLY A 875 9.96 26.29 29.52
N GLU A 876 9.91 27.58 29.32
CA GLU A 876 9.70 28.09 27.99
C GLU A 876 10.73 27.64 26.97
N SER A 877 12.01 27.65 27.35
CA SER A 877 13.06 27.29 26.42
C SER A 877 12.94 25.78 26.11
N LEU A 878 12.51 24.95 27.07
CA LEU A 878 12.23 23.53 26.78
C LEU A 878 11.08 23.41 25.81
N ARG A 879 10.04 24.22 25.95
CA ARG A 879 8.98 24.14 24.96
C ARG A 879 9.49 24.52 23.55
N ALA A 880 10.39 25.45 23.50
CA ALA A 880 10.98 25.83 22.19
C ALA A 880 11.74 24.68 21.58
N ASN A 881 12.41 23.89 22.43
CA ASN A 881 13.18 22.71 21.95
C ASN A 881 12.22 21.62 21.46
N TYR A 882 11.13 21.44 22.22
CA TYR A 882 10.10 20.49 21.83
C TYR A 882 9.64 20.76 20.41
N GLU A 883 9.29 22.01 20.17
CA GLU A 883 8.76 22.42 18.83
C GLU A 883 9.78 22.18 17.75
N GLU A 884 10.98 22.71 17.96
CA GLU A 884 12.03 22.52 16.97
C GLU A 884 12.34 21.04 16.72
N THR A 885 12.41 20.24 17.78
CA THR A 885 12.73 18.82 17.65
C THR A 885 11.63 18.09 16.87
N LYS A 886 10.37 18.39 17.19
CA LYS A 886 9.23 17.84 16.45
C LYS A 886 9.33 18.17 14.99
N ASN A 887 9.63 19.41 14.70
CA ASN A 887 9.64 19.79 13.29
C ASN A 887 10.76 19.13 12.51
N TYR A 888 11.95 19.02 13.08
CA TYR A 888 12.99 18.29 12.39
C TYR A 888 12.58 16.84 12.15
N LEU A 889 12.00 16.22 13.17
CA LEU A 889 11.52 14.88 12.98
C LEU A 889 10.53 14.77 11.87
N LEU A 890 9.55 15.66 11.82
CA LEU A 890 8.57 15.65 10.75
C LEU A 890 9.27 15.77 9.39
N LYS A 891 10.22 16.67 9.31
CA LYS A 891 10.90 16.90 8.06
C LYS A 891 11.65 15.63 7.61
N ILE A 892 12.30 14.97 8.53
CA ILE A 892 13.05 13.76 8.22
C ILE A 892 12.14 12.60 7.80
N ALA A 893 10.98 12.51 8.44
CA ALA A 893 10.02 11.50 8.13
C ALA A 893 9.25 11.80 6.87
N GLY A 894 9.29 13.04 6.39
CA GLY A 894 8.53 13.39 5.19
C GLY A 894 7.05 13.57 5.51
N HIS A 895 6.73 14.01 6.72
CA HIS A 895 5.35 14.21 7.11
C HIS A 895 5.09 15.70 7.34
N LYS A 896 3.94 16.18 6.88
CA LYS A 896 3.44 17.49 7.28
C LYS A 896 2.87 17.44 8.66
N ASP A 897 2.13 16.37 9.00
CA ASP A 897 1.41 16.26 10.30
C ASP A 897 1.87 15.03 11.05
N LEU A 898 1.83 15.07 12.37
CA LEU A 898 2.17 13.95 13.17
C LEU A 898 1.33 12.71 12.78
N LEU A 899 2.02 11.62 12.54
CA LEU A 899 1.41 10.36 12.23
C LEU A 899 0.66 10.34 10.93
N GLU A 900 1.05 11.13 9.93
CA GLU A 900 0.33 10.99 8.69
C GLU A 900 0.61 9.62 8.05
N GLY A 901 1.74 9.00 8.37
CA GLY A 901 1.90 7.54 8.10
C GLY A 901 0.73 6.63 8.58
N ASP A 902 0.21 6.86 9.78
CA ASP A 902 -0.58 5.90 10.49
C ASP A 902 -1.90 6.46 10.98
N PRO A 903 -2.84 6.68 10.10
CA PRO A 903 -4.05 7.36 10.50
C PRO A 903 -4.94 6.61 11.52
N TYR A 904 -4.89 5.28 11.56
CA TYR A 904 -5.70 4.51 12.53
C TYR A 904 -5.19 4.71 13.95
N LEU A 905 -3.88 4.77 14.08
CA LEU A 905 -3.26 5.07 15.38
C LEU A 905 -3.55 6.50 15.78
N LYS A 906 -3.47 7.41 14.83
CA LYS A 906 -3.76 8.81 15.14
C LYS A 906 -5.19 8.95 15.56
N GLN A 907 -6.08 8.27 14.89
CA GLN A 907 -7.45 8.34 15.25
C GLN A 907 -7.66 7.87 16.72
N GLY A 908 -7.00 6.79 17.12
CA GLY A 908 -7.21 6.24 18.46
C GLY A 908 -6.75 7.22 19.53
N ILE A 909 -5.60 7.82 19.28
CA ILE A 909 -5.03 8.80 20.20
C ILE A 909 -5.93 10.04 20.29
N ARG A 910 -6.44 10.50 19.16
CA ARG A 910 -7.27 11.68 19.17
C ARG A 910 -8.56 11.41 19.91
N LEU A 911 -9.18 10.26 19.75
CA LEU A 911 -10.43 10.03 20.48
C LEU A 911 -10.30 9.94 22.02
N ARG A 912 -9.13 9.58 22.51
CA ARG A 912 -8.86 9.55 23.95
C ARG A 912 -8.48 10.93 24.48
N ASP A 913 -7.96 11.81 23.62
CA ASP A 913 -7.43 13.10 24.10
C ASP A 913 -8.37 13.91 24.98
N PRO A 914 -9.64 14.08 24.61
CA PRO A 914 -10.46 14.89 25.47
C PRO A 914 -10.58 14.39 26.89
N TYR A 915 -10.60 13.07 27.08
CA TYR A 915 -10.67 12.51 28.42
C TYR A 915 -9.38 12.78 29.18
N ILE A 916 -8.27 12.59 28.52
CA ILE A 916 -6.97 12.77 29.19
C ILE A 916 -6.78 14.22 29.55
N THR A 917 -7.15 15.09 28.62
CA THR A 917 -7.03 16.51 28.87
C THR A 917 -7.82 16.96 30.10
N THR A 918 -9.04 16.44 30.26
CA THR A 918 -9.83 16.79 31.44
C THR A 918 -9.09 16.35 32.69
N LEU A 919 -8.50 15.17 32.65
CA LEU A 919 -7.73 14.72 33.81
C LEU A 919 -6.45 15.54 34.03
N ASN A 920 -5.77 15.96 32.98
CA ASN A 920 -4.57 16.85 33.11
C ASN A 920 -4.90 18.18 33.79
N VAL A 921 -6.02 18.78 33.40
CA VAL A 921 -6.42 20.03 34.02
C VAL A 921 -6.81 19.82 35.45
N CYS A 922 -7.64 18.81 35.73
CA CYS A 922 -8.00 18.49 37.12
C CYS A 922 -6.76 18.26 37.98
N GLN A 923 -5.84 17.45 37.46
CA GLN A 923 -4.61 17.21 38.18
C GLN A 923 -3.79 18.49 38.48
N ALA A 924 -3.69 19.37 37.48
CA ALA A 924 -2.86 20.57 37.61
C ALA A 924 -3.38 21.42 38.77
N TYR A 925 -4.69 21.60 38.82
CA TYR A 925 -5.23 22.46 39.90
C TYR A 925 -5.24 21.73 41.25
N THR A 926 -5.37 20.43 41.22
CA THR A 926 -5.26 19.65 42.43
C THR A 926 -3.86 19.79 43.07
N LEU A 927 -2.82 19.68 42.25
CA LEU A 927 -1.45 19.84 42.71
C LEU A 927 -1.20 21.26 43.28
N LYS A 928 -1.74 22.27 42.61
CA LYS A 928 -1.71 23.59 43.21
C LYS A 928 -2.33 23.61 44.61
N ARG A 929 -3.50 23.02 44.76
CA ARG A 929 -4.18 23.08 46.06
C ARG A 929 -3.44 22.33 47.12
N ILE A 930 -2.89 21.19 46.72
CA ILE A 930 -2.09 20.40 47.62
C ILE A 930 -0.83 21.15 48.02
N ARG A 931 -0.19 21.83 47.09
CA ARG A 931 1.11 22.42 47.39
C ARG A 931 1.02 23.77 48.02
N ASP A 932 -0.07 24.48 47.79
CA ASP A 932 -0.04 25.90 48.03
C ASP A 932 -1.17 26.32 48.99
N PRO A 933 -0.87 26.37 50.30
CA PRO A 933 -1.89 26.79 51.25
C PRO A 933 -2.44 28.21 51.03
N ASN A 934 -1.77 29.01 50.18
CA ASN A 934 -2.25 30.37 49.85
C ASN A 934 -3.41 30.33 48.86
N TYR A 935 -3.43 29.30 48.00
CA TYR A 935 -4.42 29.21 46.92
C TYR A 935 -5.85 28.91 47.39
N HIS A 936 -6.78 29.83 47.10
CA HIS A 936 -8.22 29.68 47.42
C HIS A 936 -9.00 29.91 46.14
N VAL A 937 -10.07 29.13 45.92
CA VAL A 937 -11.08 29.51 44.95
C VAL A 937 -12.46 29.30 45.54
N THR A 938 -13.42 30.12 45.12
CA THR A 938 -14.81 29.87 45.48
C THR A 938 -15.29 28.56 44.87
N LEU A 939 -15.80 27.73 45.77
CA LEU A 939 -16.28 26.39 45.48
C LEU A 939 -17.77 26.42 45.19
N ARG A 940 -18.20 25.76 44.14
CA ARG A 940 -19.61 25.59 43.88
C ARG A 940 -20.28 24.73 44.95
N PRO A 941 -21.54 25.05 45.28
CA PRO A 941 -22.29 24.10 46.11
C PRO A 941 -22.17 22.66 45.57
N HIS A 942 -22.11 21.67 46.46
CA HIS A 942 -21.94 20.26 46.10
C HIS A 942 -22.95 19.82 45.03
N ILE A 943 -22.47 19.23 43.95
CA ILE A 943 -23.31 18.93 42.81
C ILE A 943 -23.96 17.54 42.86
N SER A 944 -23.22 16.54 43.33
CA SER A 944 -23.66 15.14 43.18
C SER A 944 -24.62 14.75 44.22
N LYS A 945 -25.56 13.89 43.86
CA LYS A 945 -26.34 13.14 44.83
C LYS A 945 -25.73 11.76 44.96
N GLU A 946 -26.46 10.89 45.66
CA GLU A 946 -26.48 9.47 45.29
C GLU A 946 -27.87 8.83 45.59
N TYR A 947 -27.89 7.52 45.81
CA TYR A 947 -28.97 6.87 46.51
C TYR A 947 -30.24 6.91 45.68
N GLY A 970 -9.29 13.80 50.85
CA GLY A 970 -9.87 14.31 49.61
C GLY A 970 -8.97 14.61 48.38
N LEU A 971 -8.07 15.57 48.52
CA LEU A 971 -7.28 16.00 47.40
C LEU A 971 -6.38 14.88 46.93
N GLU A 972 -5.82 14.13 47.88
CA GLU A 972 -4.83 13.11 47.54
C GLU A 972 -5.54 12.00 46.75
N ASP A 973 -6.74 11.69 47.16
CA ASP A 973 -7.54 10.71 46.47
C ASP A 973 -7.82 11.18 45.02
N THR A 974 -8.15 12.46 44.84
CA THR A 974 -8.37 12.97 43.49
C THR A 974 -7.14 12.83 42.64
N LEU A 975 -6.02 13.26 43.19
CA LEU A 975 -4.73 13.16 42.50
C LEU A 975 -4.39 11.75 42.07
N ILE A 976 -4.65 10.75 42.92
CA ILE A 976 -4.28 9.36 42.55
C ILE A 976 -5.11 8.87 41.37
N LEU A 977 -6.39 9.23 41.40
CA LEU A 977 -7.33 8.99 40.29
C LEU A 977 -6.88 9.61 39.02
N THR A 978 -6.51 10.92 39.06
CA THR A 978 -6.02 11.59 37.84
C THR A 978 -4.73 10.97 37.35
N MET A 979 -3.81 10.66 38.27
CA MET A 979 -2.54 10.05 37.84
C MET A 979 -2.81 8.71 37.15
N LYS A 980 -3.65 7.84 37.75
CA LYS A 980 -3.92 6.54 37.12
C LYS A 980 -4.65 6.67 35.79
N GLY A 981 -5.66 7.53 35.71
CA GLY A 981 -6.38 7.69 34.45
C GLY A 981 -5.47 8.27 33.34
N ILE A 982 -4.63 9.22 33.67
CA ILE A 982 -3.75 9.78 32.64
C ILE A 982 -2.82 8.70 32.16
N ALA A 983 -2.26 7.92 33.07
CA ALA A 983 -1.42 6.79 32.66
C ALA A 983 -2.17 5.78 31.82
N ALA A 984 -3.40 5.46 32.20
CA ALA A 984 -4.10 4.46 31.37
C ALA A 984 -4.35 5.02 29.97
N GLY A 985 -4.62 6.31 29.86
CA GLY A 985 -4.82 6.86 28.52
C GLY A 985 -3.53 7.01 27.72
N MET A 986 -2.39 7.29 28.36
CA MET A 986 -1.12 7.43 27.64
C MET A 986 -0.48 6.09 27.22
N GLN A 987 -0.76 5.04 27.99
CA GLN A 987 -0.15 3.74 27.73
C GLN A 987 1.38 3.89 27.60
N ASN A 988 2.00 3.24 26.62
CA ASN A 988 3.44 3.23 26.53
C ASN A 988 3.93 4.45 25.81
N THR A 989 5.06 4.98 26.28
CA THR A 989 5.80 5.98 25.52
C THR A 989 7.27 5.58 25.45
N GLY A 990 8.06 6.03 26.41
CA GLY A 990 9.51 5.75 26.39
C GLY A 990 9.88 4.64 27.35
N LYS B 32 -20.70 -28.36 -16.58
CA LYS B 32 -20.94 -27.26 -17.54
C LYS B 32 -19.94 -26.11 -17.20
N LEU B 33 -20.48 -25.18 -16.42
CA LEU B 33 -19.85 -23.92 -16.03
C LEU B 33 -18.67 -24.09 -15.03
N ALA B 34 -18.95 -24.80 -13.93
CA ALA B 34 -17.97 -25.18 -12.90
C ALA B 34 -16.70 -25.84 -13.46
N SER B 35 -16.85 -26.71 -14.44
CA SER B 35 -15.70 -27.41 -14.97
C SER B 35 -14.78 -26.43 -15.77
N ILE B 36 -15.44 -25.53 -16.55
CA ILE B 36 -14.75 -24.43 -17.25
C ILE B 36 -14.10 -23.42 -16.27
N ASP B 37 -14.83 -23.12 -15.19
CA ASP B 37 -14.27 -22.31 -14.09
C ASP B 37 -12.95 -22.93 -13.53
N ALA B 38 -13.02 -24.23 -13.18
CA ALA B 38 -11.89 -25.11 -12.82
C ALA B 38 -10.63 -25.02 -13.71
N GLN B 39 -10.82 -25.15 -15.03
CA GLN B 39 -9.69 -25.03 -15.98
C GLN B 39 -9.10 -23.63 -15.98
N LEU B 40 -9.97 -22.63 -16.12
CA LEU B 40 -9.55 -21.24 -16.08
C LEU B 40 -8.83 -20.88 -14.76
N ARG B 41 -9.36 -21.39 -13.63
CA ARG B 41 -8.79 -21.05 -12.33
C ARG B 41 -7.35 -21.56 -12.18
N LEU B 42 -7.06 -22.76 -12.70
CA LEU B 42 -5.70 -23.34 -12.68
C LEU B 42 -4.65 -22.42 -13.33
N LEU B 43 -5.02 -21.80 -14.45
CA LEU B 43 -4.22 -20.77 -15.15
C LEU B 43 -3.83 -19.55 -14.32
N VAL B 44 -4.68 -19.17 -13.37
CA VAL B 44 -4.43 -17.98 -12.55
C VAL B 44 -4.77 -18.17 -11.06
N PRO B 45 -3.86 -18.81 -10.31
CA PRO B 45 -3.83 -18.66 -8.86
C PRO B 45 -3.70 -17.20 -8.38
N GLY B 46 -4.28 -16.95 -7.22
CA GLY B 46 -4.47 -15.61 -6.69
C GLY B 46 -5.48 -15.69 -5.56
N LYS B 47 -5.81 -14.54 -4.96
CA LYS B 47 -6.34 -14.48 -3.60
C LYS B 47 -7.76 -13.88 -3.59
N VAL B 48 -8.70 -14.68 -4.11
CA VAL B 48 -10.02 -14.21 -4.58
C VAL B 48 -10.93 -13.67 -3.46
N SER B 49 -11.07 -12.34 -3.43
CA SER B 49 -12.09 -11.65 -2.67
C SER B 49 -13.31 -11.39 -3.58
N GLU B 50 -14.27 -10.65 -3.04
CA GLU B 50 -15.61 -10.60 -3.62
C GLU B 50 -15.67 -9.80 -4.91
N ASP B 51 -14.78 -8.82 -5.04
CA ASP B 51 -14.81 -8.01 -6.22
C ASP B 51 -13.99 -8.69 -7.32
N ASP B 52 -13.32 -9.84 -7.08
CA ASP B 52 -12.56 -10.50 -8.18
C ASP B 52 -13.41 -11.54 -8.89
N LYS B 53 -14.02 -11.14 -9.99
CA LYS B 53 -14.92 -12.01 -10.70
C LYS B 53 -14.42 -12.39 -12.12
N LEU B 54 -13.20 -12.02 -12.48
CA LEU B 54 -12.75 -12.08 -13.84
C LEU B 54 -12.75 -13.52 -14.40
N VAL B 55 -12.29 -14.50 -13.60
CA VAL B 55 -12.32 -15.85 -14.04
C VAL B 55 -13.75 -16.30 -14.23
N GLU B 56 -14.62 -16.00 -13.26
CA GLU B 56 -16.06 -16.27 -13.39
C GLU B 56 -16.65 -15.68 -14.66
N TYR B 57 -16.40 -14.40 -14.90
CA TYR B 57 -16.89 -13.81 -16.13
C TYR B 57 -16.41 -14.60 -17.33
N ASP B 58 -15.11 -14.93 -17.41
CA ASP B 58 -14.60 -15.53 -18.62
C ASP B 58 -15.24 -16.91 -18.80
N ALA B 59 -15.41 -17.65 -17.70
CA ALA B 59 -16.08 -18.96 -17.76
C ALA B 59 -17.51 -18.85 -18.28
N LEU B 60 -18.25 -17.91 -17.76
CA LEU B 60 -19.61 -17.76 -18.21
C LEU B 60 -19.66 -17.42 -19.74
N LEU B 61 -18.82 -16.49 -20.19
CA LEU B 61 -18.79 -16.15 -21.60
C LEU B 61 -18.31 -17.33 -22.48
N LEU B 62 -17.24 -18.00 -22.09
CA LEU B 62 -16.76 -19.14 -22.88
C LEU B 62 -17.83 -20.25 -22.97
N ASP B 63 -18.48 -20.54 -21.85
CA ASP B 63 -19.59 -21.51 -21.78
C ASP B 63 -20.71 -21.20 -22.77
N LYS B 64 -21.18 -19.97 -22.77
CA LYS B 64 -22.26 -19.57 -23.66
C LYS B 64 -21.80 -19.58 -25.09
N PHE B 65 -20.57 -19.16 -25.33
CA PHE B 65 -20.05 -19.18 -26.67
C PHE B 65 -19.88 -20.63 -27.17
N LEU B 66 -19.44 -21.52 -26.33
CA LEU B 66 -19.35 -22.92 -26.78
C LEU B 66 -20.77 -23.47 -27.20
N ASP B 67 -21.82 -23.18 -26.43
CA ASP B 67 -23.21 -23.58 -26.82
C ASP B 67 -23.54 -23.01 -28.21
N ILE B 68 -23.17 -21.76 -28.42
CA ILE B 68 -23.42 -21.15 -29.70
C ILE B 68 -22.68 -21.84 -30.84
N LEU B 69 -21.41 -22.20 -30.60
CA LEU B 69 -20.64 -22.87 -31.63
C LEU B 69 -21.30 -24.22 -31.92
N GLN B 70 -21.68 -24.95 -30.88
CA GLN B 70 -22.32 -26.22 -31.09
C GLN B 70 -23.56 -26.07 -31.94
N ASP B 71 -24.33 -25.04 -31.64
CA ASP B 71 -25.54 -24.74 -32.39
C ASP B 71 -25.34 -24.37 -33.82
N LEU B 72 -24.38 -23.52 -34.07
CA LEU B 72 -24.22 -23.01 -35.39
C LEU B 72 -23.45 -23.99 -36.27
N HIS B 73 -22.51 -24.72 -35.66
CA HIS B 73 -21.49 -25.42 -36.42
C HIS B 73 -21.35 -26.90 -36.08
N GLY B 74 -22.13 -27.37 -35.09
CA GLY B 74 -22.14 -28.79 -34.72
C GLY B 74 -21.28 -29.10 -33.53
N GLU B 75 -21.67 -30.15 -32.84
CA GLU B 75 -20.92 -30.66 -31.72
C GLU B 75 -19.45 -31.00 -32.02
N ASP B 76 -19.19 -31.52 -33.20
CA ASP B 76 -17.84 -31.90 -33.56
C ASP B 76 -16.93 -30.67 -33.55
N LEU B 77 -17.37 -29.60 -34.21
CA LEU B 77 -16.58 -28.38 -34.24
C LEU B 77 -16.40 -27.82 -32.84
N LYS B 78 -17.47 -27.82 -32.08
CA LYS B 78 -17.36 -27.36 -30.71
C LYS B 78 -16.26 -28.11 -29.98
N GLU B 79 -16.26 -29.43 -30.12
CA GLU B 79 -15.25 -30.25 -29.45
C GLU B 79 -13.81 -29.95 -29.91
N ALA B 80 -13.63 -29.72 -31.21
CA ALA B 80 -12.34 -29.29 -31.76
C ALA B 80 -11.86 -27.97 -31.14
N VAL B 81 -12.77 -27.03 -30.91
CA VAL B 81 -12.38 -25.72 -30.32
C VAL B 81 -11.90 -25.96 -28.89
N GLN B 82 -12.70 -26.74 -28.21
CA GLN B 82 -12.43 -27.10 -26.84
C GLN B 82 -11.08 -27.78 -26.73
N GLN B 83 -10.80 -28.68 -27.66
CA GLN B 83 -9.53 -29.37 -27.68
C GLN B 83 -8.35 -28.41 -27.94
N CYS B 84 -8.47 -27.51 -28.90
CA CYS B 84 -7.43 -26.52 -29.10
C CYS B 84 -7.23 -25.74 -27.84
N TYR B 85 -8.32 -25.29 -27.23
CA TYR B 85 -8.20 -24.49 -26.00
C TYR B 85 -7.43 -25.27 -24.92
N GLU B 86 -7.80 -26.54 -24.74
CA GLU B 86 -7.24 -27.37 -23.70
C GLU B 86 -5.75 -27.54 -23.90
N LEU B 87 -5.34 -27.86 -25.10
CA LEU B 87 -3.93 -28.05 -25.38
C LEU B 87 -3.16 -26.78 -25.12
N SER B 88 -3.71 -25.65 -25.52
CA SER B 88 -3.05 -24.40 -25.32
C SER B 88 -2.94 -24.05 -23.88
N ALA B 89 -4.02 -24.29 -23.13
CA ALA B 89 -3.99 -24.00 -21.69
C ALA B 89 -2.97 -24.91 -21.00
N GLU B 90 -2.94 -26.18 -21.37
CA GLU B 90 -1.88 -27.05 -20.85
C GLU B 90 -0.49 -26.54 -21.20
N TYR B 91 -0.27 -26.16 -22.44
CA TYR B 91 1.04 -25.60 -22.82
C TYR B 91 1.37 -24.35 -22.01
N GLU B 92 0.40 -23.49 -21.77
CA GLU B 92 0.67 -22.31 -20.94
C GLU B 92 0.97 -22.68 -19.48
N GLY B 93 0.54 -23.87 -19.03
CA GLY B 93 0.84 -24.35 -17.70
C GLY B 93 2.30 -24.69 -17.52
N LYS B 94 2.75 -25.75 -18.17
CA LYS B 94 4.10 -26.22 -18.03
C LYS B 94 5.02 -25.87 -19.19
N HIS B 95 4.53 -25.26 -20.25
CA HIS B 95 5.40 -24.95 -21.40
C HIS B 95 6.15 -26.18 -21.94
N ASP B 96 5.48 -27.31 -21.97
CA ASP B 96 6.01 -28.47 -22.67
C ASP B 96 5.87 -28.27 -24.22
N PRO B 97 6.99 -28.08 -24.97
CA PRO B 97 6.96 -28.04 -26.45
C PRO B 97 6.08 -29.09 -27.17
N LYS B 98 5.96 -30.27 -26.58
CA LYS B 98 5.09 -31.34 -27.06
C LYS B 98 3.64 -30.86 -27.22
N LYS B 99 3.14 -30.10 -26.26
CA LYS B 99 1.77 -29.63 -26.36
C LYS B 99 1.57 -28.72 -27.56
N LEU B 100 2.57 -27.92 -27.87
CA LEU B 100 2.55 -27.07 -29.07
C LEU B 100 2.50 -27.93 -30.32
N GLU B 101 3.32 -28.97 -30.37
CA GLU B 101 3.31 -29.87 -31.54
C GLU B 101 1.97 -30.50 -31.76
N GLU B 102 1.32 -31.00 -30.71
CA GLU B 102 -0.02 -31.62 -30.82
C GLU B 102 -1.02 -30.60 -31.33
N LEU B 103 -0.97 -29.42 -30.73
CA LEU B 103 -1.82 -28.34 -31.15
C LEU B 103 -1.60 -28.06 -32.64
N GLY B 104 -0.33 -28.00 -33.02
CA GLY B 104 0.05 -27.92 -34.43
C GLY B 104 -0.47 -29.03 -35.30
N SER B 105 -0.38 -30.26 -34.84
CA SER B 105 -0.92 -31.40 -35.61
C SER B 105 -2.38 -31.28 -35.80
N LEU B 106 -3.09 -30.87 -34.77
CA LEU B 106 -4.52 -30.74 -34.91
C LEU B 106 -4.82 -29.62 -35.92
N LEU B 107 -4.19 -28.47 -35.75
CA LEU B 107 -4.57 -27.30 -36.52
C LEU B 107 -4.14 -27.40 -37.98
N THR B 108 -2.98 -27.96 -38.23
CA THR B 108 -2.56 -28.12 -39.63
C THR B 108 -3.37 -29.20 -40.37
N SER B 109 -4.19 -29.99 -39.68
CA SER B 109 -4.98 -31.05 -40.33
C SER B 109 -6.35 -30.50 -40.78
N LEU B 110 -6.65 -29.27 -40.47
CA LEU B 110 -7.96 -28.70 -40.79
C LEU B 110 -8.01 -28.10 -42.18
N ASP B 111 -9.15 -28.26 -42.86
CA ASP B 111 -9.30 -27.64 -44.16
C ASP B 111 -9.53 -26.14 -44.00
N THR B 112 -9.56 -25.45 -45.10
CA THR B 112 -9.68 -24.02 -45.10
C THR B 112 -10.96 -23.54 -44.39
N GLY B 113 -12.09 -24.20 -44.67
CA GLY B 113 -13.34 -23.87 -44.05
C GLY B 113 -13.25 -23.96 -42.51
N ASP B 114 -12.78 -25.10 -41.99
CA ASP B 114 -12.66 -25.35 -40.55
C ASP B 114 -11.60 -24.43 -39.91
N SER B 115 -10.54 -24.14 -40.65
CA SER B 115 -9.55 -23.22 -40.16
C SER B 115 -10.15 -21.87 -39.87
N ILE B 116 -10.97 -21.38 -40.78
CA ILE B 116 -11.54 -20.08 -40.69
C ILE B 116 -12.46 -20.01 -39.49
N VAL B 117 -13.22 -21.06 -39.27
CA VAL B 117 -14.14 -21.10 -38.12
C VAL B 117 -13.35 -21.08 -36.81
N ILE B 118 -12.35 -21.94 -36.73
CA ILE B 118 -11.46 -21.93 -35.55
C ILE B 118 -10.79 -20.58 -35.36
N ALA B 119 -10.22 -19.97 -36.38
CA ALA B 119 -9.63 -18.60 -36.14
C ALA B 119 -10.68 -17.60 -35.75
N LYS B 120 -11.85 -17.67 -36.36
CA LYS B 120 -12.93 -16.77 -35.91
C LYS B 120 -13.29 -16.99 -34.43
N ALA B 121 -13.37 -18.26 -34.05
CA ALA B 121 -13.77 -18.61 -32.69
C ALA B 121 -12.77 -18.05 -31.70
N PHE B 122 -11.51 -18.32 -31.92
CA PHE B 122 -10.53 -17.85 -30.96
C PHE B 122 -10.40 -16.31 -30.95
N SER B 123 -10.55 -15.65 -32.08
CA SER B 123 -10.60 -14.20 -32.12
C SER B 123 -11.73 -13.66 -31.32
N HIS B 124 -12.90 -14.29 -31.50
CA HIS B 124 -14.08 -13.83 -30.79
C HIS B 124 -13.92 -14.03 -29.27
N MET B 125 -13.38 -15.18 -28.85
CA MET B 125 -13.13 -15.38 -27.43
C MET B 125 -12.20 -14.30 -26.85
N LEU B 126 -11.21 -13.84 -27.63
CA LEU B 126 -10.34 -12.76 -27.13
C LEU B 126 -11.14 -11.52 -26.92
N ASN B 127 -12.03 -11.19 -27.81
CA ASN B 127 -12.81 -9.99 -27.62
C ASN B 127 -13.70 -10.10 -26.39
N LEU B 128 -14.27 -11.28 -26.14
CA LEU B 128 -15.10 -11.49 -24.95
C LEU B 128 -14.27 -11.34 -23.71
N ALA B 129 -13.05 -11.90 -23.73
CA ALA B 129 -12.20 -11.82 -22.58
C ALA B 129 -11.84 -10.41 -22.30
N ASN B 130 -11.61 -9.60 -23.36
CA ASN B 130 -11.27 -8.18 -23.16
CA ASN B 130 -11.27 -8.16 -23.14
C ASN B 130 -12.46 -7.44 -22.52
N LEU B 131 -13.67 -7.71 -23.00
CA LEU B 131 -14.84 -7.06 -22.41
C LEU B 131 -15.05 -7.39 -20.94
N ALA B 132 -14.88 -8.65 -20.60
CA ALA B 132 -14.88 -9.07 -19.21
C ALA B 132 -13.82 -8.36 -18.37
N GLU B 133 -12.63 -8.21 -18.94
CA GLU B 133 -11.57 -7.54 -18.21
C GLU B 133 -11.90 -6.06 -17.96
N GLU B 134 -12.46 -5.40 -18.95
CA GLU B 134 -12.92 -4.07 -18.79
C GLU B 134 -13.96 -3.91 -17.67
N LEU B 135 -14.88 -4.86 -17.58
CA LEU B 135 -15.84 -4.87 -16.49
C LEU B 135 -15.17 -5.08 -15.14
N GLN B 136 -14.24 -6.02 -15.06
CA GLN B 136 -13.50 -6.20 -13.80
C GLN B 136 -12.74 -4.92 -13.38
N ILE B 137 -12.02 -4.31 -14.29
CA ILE B 137 -11.30 -3.05 -13.99
C ILE B 137 -12.28 -1.96 -13.54
N ALA B 138 -13.41 -1.85 -14.18
CA ALA B 138 -14.40 -0.85 -13.81
C ALA B 138 -14.89 -1.02 -12.37
N TYR B 139 -15.07 -2.25 -11.93
CA TYR B 139 -15.69 -2.45 -10.60
C TYR B 139 -14.65 -2.85 -9.58
N ARG B 140 -13.37 -2.90 -9.93
CA ARG B 140 -12.39 -3.31 -8.91
C ARG B 140 -12.34 -2.25 -7.78
N ARG B 141 -12.28 -2.70 -6.53
CA ARG B 141 -12.31 -1.78 -5.38
C ARG B 141 -11.07 -0.88 -5.33
N ARG B 142 -11.28 0.41 -5.09
CA ARG B 142 -10.23 1.38 -4.75
C ARG B 142 -9.62 1.11 -3.41
N ILE B 143 -8.32 1.26 -3.31
CA ILE B 143 -7.64 1.17 -2.02
C ILE B 143 -7.95 2.46 -1.23
N LYS B 144 -8.34 2.30 0.02
CA LYS B 144 -8.81 3.42 0.81
C LYS B 144 -7.62 4.26 1.28
N LEU B 145 -6.63 3.64 1.92
CA LEU B 145 -5.46 4.35 2.40
C LEU B 145 -4.27 4.20 1.47
N LYS B 146 -3.95 5.25 0.72
CA LYS B 146 -2.86 5.15 -0.25
C LYS B 146 -1.52 5.49 0.48
N SER B 147 -0.45 4.70 0.22
CA SER B 147 0.87 4.88 0.90
C SER B 147 1.58 6.21 0.59
N GLY B 148 1.10 6.98 -0.39
CA GLY B 148 1.76 8.24 -0.76
C GLY B 148 2.95 8.13 -1.74
N ASP B 149 3.65 6.99 -1.80
CA ASP B 149 4.70 6.76 -2.81
C ASP B 149 4.19 7.02 -4.30
N PHE B 150 5.06 7.56 -5.18
CA PHE B 150 4.68 7.80 -6.56
C PHE B 150 4.19 6.53 -7.22
N ALA B 151 4.69 5.38 -6.77
CA ALA B 151 4.30 4.12 -7.37
C ALA B 151 2.79 3.85 -7.33
N ASP B 152 2.07 4.46 -6.38
CA ASP B 152 0.62 4.32 -6.32
C ASP B 152 -0.07 4.81 -7.58
N GLU B 153 0.57 5.75 -8.28
CA GLU B 153 -0.02 6.40 -9.46
C GLU B 153 0.14 5.51 -10.70
N ALA B 154 0.77 4.36 -10.55
CA ALA B 154 0.85 3.42 -11.66
C ALA B 154 -0.30 2.42 -11.76
N ASN B 155 -1.21 2.45 -10.80
CA ASN B 155 -2.20 1.39 -10.65
C ASN B 155 -3.53 2.03 -10.40
N ALA B 156 -4.52 1.66 -11.21
CA ALA B 156 -5.85 2.27 -11.12
C ALA B 156 -6.55 2.12 -9.75
N THR B 157 -6.21 1.09 -8.97
CA THR B 157 -6.84 0.92 -7.64
C THR B 157 -6.26 1.87 -6.64
N THR B 158 -5.02 2.36 -6.89
CA THR B 158 -4.34 3.24 -5.96
C THR B 158 -4.16 4.68 -6.47
N GLU B 159 -4.32 4.97 -7.75
CA GLU B 159 -4.00 6.30 -8.25
C GLU B 159 -4.86 7.44 -7.65
N SER B 160 -4.35 8.64 -7.69
CA SER B 160 -5.09 9.79 -7.13
C SER B 160 -6.16 10.15 -8.14
N ASP B 161 -7.38 10.32 -7.65
CA ASP B 161 -8.42 10.93 -8.43
C ASP B 161 -8.27 12.51 -8.40
N ILE B 162 -9.19 13.25 -9.01
CA ILE B 162 -8.90 14.67 -9.25
C ILE B 162 -8.95 15.39 -7.90
N GLU B 163 -9.89 15.03 -7.04
CA GLU B 163 -9.89 15.66 -5.72
C GLU B 163 -8.65 15.36 -4.86
N GLU B 164 -8.20 14.13 -4.84
CA GLU B 164 -7.02 13.76 -4.12
C GLU B 164 -5.81 14.47 -4.72
N THR B 165 -5.77 14.61 -6.03
CA THR B 165 -4.73 15.43 -6.64
C THR B 165 -4.82 16.90 -6.10
N PHE B 166 -5.99 17.52 -6.12
CA PHE B 166 -6.19 18.92 -5.56
C PHE B 166 -5.65 18.94 -4.11
N LYS B 167 -6.07 17.99 -3.28
CA LYS B 167 -5.64 17.99 -1.88
C LYS B 167 -4.15 17.81 -1.65
N ARG B 168 -3.49 16.98 -2.42
CA ARG B 168 -2.03 16.89 -2.29
C ARG B 168 -1.41 18.25 -2.66
N LEU B 169 -1.91 18.89 -3.70
CA LEU B 169 -1.26 20.13 -4.12
C LEU B 169 -1.47 21.21 -3.08
N VAL B 170 -2.68 21.26 -2.52
CA VAL B 170 -2.95 22.22 -1.41
C VAL B 170 -2.16 21.91 -0.10
N HIS B 171 -2.23 20.66 0.36
CA HIS B 171 -1.73 20.29 1.68
C HIS B 171 -0.21 19.99 1.64
N LYS B 172 0.27 19.40 0.57
CA LYS B 172 1.65 19.01 0.53
C LYS B 172 2.54 19.97 -0.21
N LEU B 173 2.02 20.68 -1.20
CA LEU B 173 2.83 21.64 -1.96
C LEU B 173 2.48 23.08 -1.62
N ASN B 174 1.69 23.27 -0.58
CA ASN B 174 1.22 24.58 -0.15
C ASN B 174 0.68 25.50 -1.24
N LYS B 175 -0.06 24.95 -2.18
CA LYS B 175 -0.79 25.79 -3.10
C LYS B 175 -2.09 26.17 -2.42
N SER B 176 -2.65 27.34 -2.73
CA SER B 176 -3.98 27.72 -2.25
C SER B 176 -4.98 27.04 -3.19
N PRO B 177 -6.20 26.78 -2.71
CA PRO B 177 -7.28 26.35 -3.61
C PRO B 177 -7.40 27.24 -4.84
N GLU B 178 -7.31 28.56 -4.64
CA GLU B 178 -7.39 29.50 -5.76
C GLU B 178 -6.27 29.30 -6.81
N GLU B 179 -5.05 29.02 -6.37
CA GLU B 179 -3.97 28.77 -7.31
C GLU B 179 -4.18 27.49 -8.12
N VAL B 180 -4.77 26.47 -7.48
CA VAL B 180 -5.04 25.19 -8.13
C VAL B 180 -6.16 25.40 -9.14
N PHE B 181 -7.20 26.12 -8.73
CA PHE B 181 -8.33 26.41 -9.61
C PHE B 181 -7.87 27.17 -10.83
N ASP B 182 -7.03 28.15 -10.58
CA ASP B 182 -6.57 29.05 -11.65
C ASP B 182 -5.65 28.31 -12.64
N ALA B 183 -4.80 27.44 -12.14
CA ALA B 183 -3.98 26.65 -13.07
C ALA B 183 -4.86 25.73 -13.91
N LEU B 184 -5.85 25.07 -13.32
CA LEU B 184 -6.71 24.13 -14.09
C LEU B 184 -7.50 24.88 -15.15
N LYS B 185 -7.98 26.05 -14.83
CA LYS B 185 -8.67 26.87 -15.82
C LYS B 185 -7.87 27.24 -17.01
N ASN B 186 -6.55 27.30 -16.87
CA ASN B 186 -5.71 27.67 -17.99
C ASN B 186 -5.08 26.43 -18.62
N GLN B 187 -5.48 25.23 -18.20
CA GLN B 187 -4.80 24.02 -18.63
C GLN B 187 -5.46 23.52 -19.87
N THR B 188 -4.72 22.86 -20.77
CA THR B 188 -5.33 22.19 -21.88
C THR B 188 -4.77 20.76 -21.97
N VAL B 189 -5.64 19.80 -22.16
CA VAL B 189 -5.29 18.42 -22.48
C VAL B 189 -5.83 18.08 -23.83
N GLU B 190 -4.94 17.69 -24.73
CA GLU B 190 -5.36 17.35 -26.05
C GLU B 190 -5.01 15.92 -26.34
N LEU B 191 -5.98 15.14 -26.78
CA LEU B 191 -5.80 13.74 -27.06
C LEU B 191 -6.00 13.51 -28.54
N VAL B 192 -4.98 12.97 -29.21
CA VAL B 192 -4.97 12.84 -30.64
C VAL B 192 -5.13 11.39 -31.00
N LEU B 193 -6.24 11.06 -31.67
CA LEU B 193 -6.61 9.66 -32.00
C LEU B 193 -6.00 9.24 -33.29
N THR B 194 -5.29 8.12 -33.27
CA THR B 194 -4.68 7.59 -34.48
C THR B 194 -5.34 6.22 -34.80
N ALA B 195 -5.21 5.82 -36.04
CA ALA B 195 -5.91 4.63 -36.58
C ALA B 195 -5.39 3.36 -35.97
N HIS B 196 -6.34 2.47 -35.73
CA HIS B 196 -6.04 1.11 -35.35
C HIS B 196 -5.07 0.53 -36.42
N PRO B 197 -3.86 0.16 -36.04
CA PRO B 197 -2.96 -0.38 -37.04
C PRO B 197 -3.47 -1.58 -37.82
N THR B 198 -4.43 -2.35 -37.30
CA THR B 198 -4.94 -3.58 -37.95
C THR B 198 -6.43 -3.81 -38.15
N GLN B 199 -7.30 -3.21 -37.41
CA GLN B 199 -8.70 -3.64 -37.39
C GLN B 199 -9.48 -2.53 -36.76
N SER B 200 -9.97 -1.62 -37.59
CA SER B 200 -10.88 -0.61 -37.12
C SER B 200 -12.20 -1.35 -36.87
N VAL B 201 -12.68 -1.34 -35.65
CA VAL B 201 -13.95 -2.00 -35.30
C VAL B 201 -15.19 -1.13 -35.64
N ARG B 202 -16.06 -1.70 -36.43
CA ARG B 202 -17.24 -0.99 -36.92
C ARG B 202 -18.21 -0.71 -35.78
N ARG B 203 -18.93 0.41 -35.91
CA ARG B 203 -19.93 0.89 -34.94
C ARG B 203 -20.92 -0.18 -34.50
N SER B 204 -21.40 -0.96 -35.44
CA SER B 204 -22.40 -1.98 -35.14
C SER B 204 -21.85 -3.01 -34.17
N LEU B 205 -20.62 -3.42 -34.37
CA LEU B 205 -20.05 -4.48 -33.58
C LEU B 205 -19.67 -3.97 -32.21
N LEU B 206 -19.15 -2.77 -32.20
CA LEU B 206 -18.87 -2.06 -30.96
C LEU B 206 -20.11 -2.05 -30.06
N GLN B 207 -21.28 -1.78 -30.65
CA GLN B 207 -22.46 -1.69 -29.84
C GLN B 207 -22.85 -3.04 -29.33
N LYS B 208 -22.63 -4.09 -30.11
CA LYS B 208 -22.90 -5.45 -29.64
C LYS B 208 -21.98 -5.75 -28.49
N HIS B 209 -20.71 -5.36 -28.59
CA HIS B 209 -19.76 -5.63 -27.52
C HIS B 209 -20.22 -4.94 -26.22
N GLY B 210 -20.71 -3.72 -26.34
CA GLY B 210 -21.22 -2.99 -25.19
C GLY B 210 -22.40 -3.68 -24.54
N ARG B 211 -23.32 -4.23 -25.33
CA ARG B 211 -24.46 -4.94 -24.77
C ARG B 211 -24.06 -6.28 -24.17
N ILE B 212 -23.08 -6.96 -24.71
CA ILE B 212 -22.58 -8.18 -24.05
C ILE B 212 -22.07 -7.80 -22.62
N ARG B 213 -21.26 -6.80 -22.57
CA ARG B 213 -20.66 -6.28 -21.31
C ARG B 213 -21.73 -5.91 -20.32
N ASN B 214 -22.77 -5.20 -20.75
CA ASN B 214 -23.90 -4.93 -19.88
C ASN B 214 -24.67 -6.11 -19.43
N CYS B 215 -25.02 -7.04 -20.32
CA CYS B 215 -25.76 -8.22 -19.86
C CYS B 215 -24.99 -8.90 -18.75
N LEU B 216 -23.67 -8.96 -18.96
CA LEU B 216 -22.78 -9.60 -18.03
C LEU B 216 -22.84 -8.88 -16.66
N ALA B 217 -22.70 -7.56 -16.64
CA ALA B 217 -22.75 -6.83 -15.38
C ALA B 217 -24.08 -7.03 -14.68
N GLN B 218 -25.19 -7.03 -15.43
CA GLN B 218 -26.50 -7.15 -14.82
C GLN B 218 -26.77 -8.51 -14.32
N LEU B 219 -26.16 -9.53 -14.92
CA LEU B 219 -26.24 -10.88 -14.36
C LEU B 219 -25.71 -10.96 -12.93
N TYR B 220 -24.80 -10.05 -12.54
CA TYR B 220 -24.16 -10.07 -11.20
C TYR B 220 -24.74 -8.98 -10.31
N ALA B 221 -25.87 -8.39 -10.69
CA ALA B 221 -26.53 -7.40 -9.85
C ALA B 221 -27.10 -8.09 -8.63
N LYS B 222 -27.02 -7.41 -7.49
CA LYS B 222 -27.49 -7.93 -6.19
C LYS B 222 -29.00 -8.09 -6.22
N ASP B 223 -29.51 -9.24 -5.78
CA ASP B 223 -30.96 -9.45 -5.59
C ASP B 223 -31.71 -9.63 -6.91
N ILE B 224 -31.10 -10.36 -7.81
CA ILE B 224 -31.66 -10.56 -9.15
C ILE B 224 -32.77 -11.62 -9.07
N THR B 225 -33.94 -11.34 -9.61
CA THR B 225 -34.99 -12.38 -9.57
C THR B 225 -34.59 -13.49 -10.51
N PRO B 226 -35.04 -14.73 -10.27
CA PRO B 226 -34.70 -15.81 -11.19
C PRO B 226 -35.15 -15.65 -12.66
N ASP B 227 -36.32 -15.05 -12.87
CA ASP B 227 -36.81 -14.80 -14.23
C ASP B 227 -35.97 -13.74 -14.93
N ASP B 228 -35.63 -12.64 -14.23
CA ASP B 228 -34.70 -11.64 -14.79
C ASP B 228 -33.38 -12.29 -15.14
N LYS B 229 -32.96 -13.26 -14.34
CA LYS B 229 -31.68 -13.91 -14.56
C LYS B 229 -31.80 -14.79 -15.79
N GLN B 230 -32.87 -15.57 -15.86
CA GLN B 230 -33.14 -16.41 -17.03
C GLN B 230 -33.18 -15.55 -18.33
N GLU B 231 -33.82 -14.38 -18.24
CA GLU B 231 -33.97 -13.55 -19.43
C GLU B 231 -32.67 -12.88 -19.81
N LEU B 232 -31.91 -12.45 -18.82
CA LEU B 232 -30.63 -11.85 -19.07
C LEU B 232 -29.66 -12.84 -19.67
N ASP B 233 -29.71 -14.04 -19.14
CA ASP B 233 -29.01 -15.11 -19.72
C ASP B 233 -29.27 -15.35 -21.21
N GLU B 234 -30.53 -15.47 -21.57
CA GLU B 234 -30.89 -15.65 -22.96
C GLU B 234 -30.48 -14.37 -23.78
N ALA B 235 -30.55 -13.19 -23.18
CA ALA B 235 -30.10 -11.98 -23.88
C ALA B 235 -28.59 -12.01 -24.11
N LEU B 236 -27.85 -12.47 -23.08
CA LEU B 236 -26.39 -12.57 -23.21
C LEU B 236 -26.02 -13.51 -24.38
N HIS B 237 -26.66 -14.65 -24.40
CA HIS B 237 -26.45 -15.67 -25.46
C HIS B 237 -26.69 -15.11 -26.85
N ARG B 238 -27.79 -14.40 -26.96
CA ARG B 238 -28.17 -13.77 -28.20
C ARG B 238 -27.15 -12.72 -28.64
N GLU B 239 -26.69 -11.85 -27.74
CA GLU B 239 -25.72 -10.84 -28.14
C GLU B 239 -24.33 -11.39 -28.55
N ILE B 240 -23.88 -12.41 -27.83
CA ILE B 240 -22.65 -13.11 -28.16
C ILE B 240 -22.76 -13.62 -29.58
N GLN B 241 -23.88 -14.26 -29.89
CA GLN B 241 -24.09 -14.81 -31.23
C GLN B 241 -24.16 -13.74 -32.32
N ALA B 242 -24.86 -12.63 -32.02
CA ALA B 242 -24.98 -11.57 -33.00
C ALA B 242 -23.59 -11.03 -33.31
N ALA B 243 -22.76 -10.89 -32.31
CA ALA B 243 -21.42 -10.36 -32.55
C ALA B 243 -20.59 -11.37 -33.40
N PHE B 244 -20.65 -12.65 -33.04
CA PHE B 244 -19.91 -13.67 -33.71
C PHE B 244 -20.31 -13.73 -35.18
N ARG B 245 -21.59 -13.53 -35.47
CA ARG B 245 -22.08 -13.59 -36.84
C ARG B 245 -22.02 -12.28 -37.60
N THR B 246 -21.39 -11.27 -37.00
CA THR B 246 -21.08 -10.01 -37.74
C THR B 246 -19.67 -10.19 -38.28
N ASP B 247 -19.54 -10.92 -39.39
CA ASP B 247 -18.21 -11.46 -39.75
C ASP B 247 -17.97 -11.53 -41.23
N GLU B 248 -18.52 -10.58 -42.00
CA GLU B 248 -18.30 -10.60 -43.45
C GLU B 248 -16.81 -10.37 -43.68
N ILE B 249 -16.24 -11.13 -44.59
CA ILE B 249 -14.85 -10.98 -45.00
C ILE B 249 -15.03 -10.14 -46.30
N ARG B 250 -14.74 -8.83 -46.24
CA ARG B 250 -15.06 -7.90 -47.34
C ARG B 250 -13.79 -7.78 -48.19
N ARG B 251 -13.90 -8.17 -49.47
CA ARG B 251 -12.77 -8.20 -50.41
C ARG B 251 -11.79 -7.02 -50.22
N THR B 252 -12.34 -5.82 -50.28
CA THR B 252 -11.57 -4.57 -50.29
C THR B 252 -11.06 -4.13 -48.93
N PRO B 253 -9.81 -3.64 -48.88
CA PRO B 253 -9.39 -2.83 -47.72
C PRO B 253 -10.43 -1.75 -47.38
N PRO B 254 -10.46 -1.29 -46.13
CA PRO B 254 -11.40 -0.24 -45.80
C PRO B 254 -10.84 1.09 -46.36
N THR B 255 -11.70 1.88 -46.97
CA THR B 255 -11.32 3.17 -47.49
C THR B 255 -10.92 4.10 -46.32
N PRO B 256 -10.12 5.14 -46.56
CA PRO B 256 -9.71 5.93 -45.37
C PRO B 256 -10.90 6.65 -44.78
N GLN B 257 -11.87 7.03 -45.60
CA GLN B 257 -13.12 7.62 -45.04
C GLN B 257 -13.87 6.68 -44.08
N ASP B 258 -13.91 5.39 -44.41
CA ASP B 258 -14.58 4.38 -43.57
C ASP B 258 -13.73 4.15 -42.34
N GLU B 259 -12.43 4.20 -42.47
CA GLU B 259 -11.57 3.96 -41.29
C GLU B 259 -11.74 5.13 -40.29
N MET B 260 -11.81 6.36 -40.80
CA MET B 260 -12.06 7.52 -39.94
C MET B 260 -13.42 7.39 -39.21
N ARG B 261 -14.49 7.14 -39.94
CA ARG B 261 -15.85 6.98 -39.35
C ARG B 261 -15.86 5.85 -38.28
N ALA B 262 -15.33 4.67 -38.60
CA ALA B 262 -15.11 3.62 -37.57
C ALA B 262 -14.32 4.15 -36.36
N GLY B 263 -13.25 4.86 -36.66
CA GLY B 263 -12.44 5.44 -35.59
C GLY B 263 -13.13 6.49 -34.76
N MET B 264 -14.25 7.05 -35.23
CA MET B 264 -14.99 8.07 -34.45
C MET B 264 -16.08 7.49 -33.57
N SER B 265 -16.30 6.19 -33.62
CA SER B 265 -17.42 5.57 -32.89
C SER B 265 -17.40 5.73 -31.41
N TYR B 266 -16.24 5.92 -30.81
CA TYR B 266 -16.16 6.03 -29.38
C TYR B 266 -16.81 7.30 -28.87
N PHE B 267 -17.01 8.33 -29.73
CA PHE B 267 -17.60 9.58 -29.22
C PHE B 267 -19.05 9.30 -28.89
N HIS B 268 -19.72 8.58 -29.75
CA HIS B 268 -21.13 8.22 -29.48
C HIS B 268 -21.21 7.28 -28.34
N GLU B 269 -20.37 6.25 -28.34
CA GLU B 269 -20.44 5.26 -27.26
C GLU B 269 -20.12 5.87 -25.89
N THR B 270 -19.06 6.64 -25.75
CA THR B 270 -18.77 7.10 -24.41
C THR B 270 -18.27 8.50 -24.24
N ILE B 271 -17.49 9.01 -25.16
CA ILE B 271 -16.75 10.25 -24.86
C ILE B 271 -17.68 11.44 -24.83
N TRP B 272 -18.71 11.40 -25.67
CA TRP B 272 -19.59 12.54 -25.84
C TRP B 272 -20.28 12.82 -24.56
N LYS B 273 -20.75 11.76 -23.91
CA LYS B 273 -21.31 11.95 -22.57
C LYS B 273 -20.29 12.00 -21.48
N GLY B 274 -19.21 11.31 -21.65
CA GLY B 274 -18.17 11.26 -20.61
C GLY B 274 -17.57 12.60 -20.26
N VAL B 275 -17.39 13.46 -21.25
CA VAL B 275 -16.77 14.77 -20.94
C VAL B 275 -17.53 15.57 -19.93
N PRO B 276 -18.85 15.75 -20.15
CA PRO B 276 -19.50 16.54 -19.12
C PRO B 276 -19.62 15.80 -17.80
N LYS B 277 -19.69 14.47 -17.79
CA LYS B 277 -19.65 13.78 -16.49
C LYS B 277 -18.33 14.08 -15.75
N PHE B 278 -17.21 14.04 -16.44
CA PHE B 278 -15.96 14.38 -15.75
C PHE B 278 -15.90 15.85 -15.34
N LEU B 279 -16.35 16.78 -16.19
CA LEU B 279 -16.30 18.17 -15.81
C LEU B 279 -17.19 18.42 -14.61
N ARG B 280 -18.28 17.69 -14.51
CA ARG B 280 -19.10 17.83 -13.29
C ARG B 280 -18.35 17.28 -12.04
N ARG B 281 -17.59 16.18 -12.20
CA ARG B 281 -16.77 15.74 -11.09
C ARG B 281 -15.78 16.82 -10.72
N VAL B 282 -15.28 17.57 -11.68
CA VAL B 282 -14.36 18.64 -11.34
C VAL B 282 -15.10 19.67 -10.47
N ASP B 283 -16.36 19.98 -10.80
CA ASP B 283 -17.12 20.92 -10.02
C ASP B 283 -17.23 20.43 -8.57
N THR B 284 -17.56 19.18 -8.40
CA THR B 284 -17.68 18.59 -7.07
C THR B 284 -16.34 18.70 -6.30
N ALA B 285 -15.25 18.40 -6.98
CA ALA B 285 -13.93 18.38 -6.33
C ALA B 285 -13.51 19.76 -5.92
N LEU B 286 -13.84 20.73 -6.78
CA LEU B 286 -13.55 22.14 -6.45
C LEU B 286 -14.31 22.54 -5.22
N LYS B 287 -15.57 22.14 -5.21
CA LYS B 287 -16.40 22.47 -4.10
C LYS B 287 -15.79 21.90 -2.85
N ASN B 288 -15.32 20.68 -2.92
CA ASN B 288 -14.72 20.06 -1.74
C ASN B 288 -13.41 20.56 -1.26
N ILE B 289 -12.76 21.45 -1.99
CA ILE B 289 -11.56 22.10 -1.48
C ILE B 289 -11.80 23.55 -1.17
N GLY B 290 -13.07 23.95 -1.23
CA GLY B 290 -13.51 25.30 -0.82
C GLY B 290 -13.65 26.34 -1.96
N ILE B 291 -13.63 25.91 -3.21
CA ILE B 291 -13.89 26.81 -4.34
C ILE B 291 -15.41 26.73 -4.63
N ASN B 292 -16.08 27.88 -4.62
CA ASN B 292 -17.52 27.86 -4.64
C ASN B 292 -18.03 28.29 -5.97
N GLU B 293 -17.36 27.90 -7.04
CA GLU B 293 -17.95 28.09 -8.34
C GLU B 293 -17.63 26.87 -9.13
N ARG B 294 -18.37 26.69 -10.22
CA ARG B 294 -18.14 25.55 -11.12
C ARG B 294 -16.97 25.87 -12.01
N PHE B 295 -16.37 24.85 -12.59
CA PHE B 295 -15.32 25.04 -13.59
C PHE B 295 -15.96 25.73 -14.83
N PRO B 296 -15.49 26.89 -15.23
CA PRO B 296 -16.18 27.58 -16.32
C PRO B 296 -16.45 26.69 -17.50
N TYR B 297 -17.68 26.77 -18.02
CA TYR B 297 -18.16 25.88 -19.10
C TYR B 297 -17.35 26.00 -20.38
N ASN B 298 -16.74 27.16 -20.59
CA ASN B 298 -15.93 27.38 -21.78
C ASN B 298 -14.42 27.36 -21.55
N ALA B 299 -13.92 26.95 -20.40
CA ALA B 299 -12.44 26.75 -20.29
C ALA B 299 -12.04 25.56 -21.21
N PRO B 300 -11.04 25.71 -22.09
CA PRO B 300 -10.82 24.56 -23.06
C PRO B 300 -9.94 23.45 -22.48
N LEU B 301 -10.42 22.80 -21.46
CA LEU B 301 -9.64 21.86 -20.71
C LEU B 301 -9.37 20.60 -21.53
N ILE B 302 -10.36 20.13 -22.29
CA ILE B 302 -10.22 18.85 -23.04
C ILE B 302 -10.43 19.04 -24.51
N GLN B 303 -9.53 18.55 -25.34
CA GLN B 303 -9.70 18.75 -26.80
C GLN B 303 -9.34 17.42 -27.42
N PHE B 304 -10.11 16.95 -28.41
CA PHE B 304 -9.76 15.76 -29.11
C PHE B 304 -9.35 16.16 -30.52
N SER B 305 -8.38 15.45 -31.08
CA SER B 305 -7.92 15.65 -32.43
C SER B 305 -7.75 14.27 -33.08
N SER B 306 -7.34 14.27 -34.33
CA SER B 306 -7.26 13.06 -35.12
C SER B 306 -6.19 13.15 -36.21
N TRP B 307 -5.63 12.00 -36.58
CA TRP B 307 -4.74 11.87 -37.71
C TRP B 307 -5.44 11.11 -38.87
N MET B 308 -6.66 10.67 -38.65
CA MET B 308 -7.39 9.81 -39.63
C MET B 308 -7.88 10.58 -40.86
N GLY B 309 -7.17 10.39 -41.98
CA GLY B 309 -7.37 11.19 -43.18
C GLY B 309 -6.50 12.45 -43.25
N GLY B 310 -5.64 12.63 -42.26
CA GLY B 310 -4.70 13.75 -42.20
C GLY B 310 -3.25 13.34 -42.34
N ASP B 311 -2.92 12.14 -41.86
CA ASP B 311 -1.59 11.62 -41.98
C ASP B 311 -1.37 10.92 -43.33
N ARG B 312 -0.52 11.49 -44.21
CA ARG B 312 -0.25 10.87 -45.50
C ARG B 312 1.21 10.46 -45.64
N ASP B 313 1.91 10.47 -44.53
CA ASP B 313 3.32 10.10 -44.50
C ASP B 313 3.47 8.66 -44.97
N GLY B 314 4.05 8.47 -46.15
CA GLY B 314 4.28 7.12 -46.62
C GLY B 314 2.98 6.52 -47.02
N ASN B 315 1.95 7.35 -47.22
CA ASN B 315 0.67 6.81 -47.58
C ASN B 315 -0.07 7.58 -48.65
N PRO B 316 0.18 7.25 -49.89
CA PRO B 316 -0.41 8.04 -50.96
C PRO B 316 -1.92 7.83 -51.13
N ARG B 317 -2.52 6.89 -50.42
CA ARG B 317 -3.96 6.77 -50.47
C ARG B 317 -4.62 7.94 -49.73
N VAL B 318 -3.89 8.61 -48.86
CA VAL B 318 -4.39 9.80 -48.20
C VAL B 318 -4.16 11.03 -49.13
N THR B 319 -5.22 11.36 -49.85
CA THR B 319 -5.23 12.35 -50.90
C THR B 319 -5.86 13.61 -50.35
N PRO B 320 -5.78 14.69 -51.12
CA PRO B 320 -6.47 15.87 -50.69
C PRO B 320 -7.96 15.59 -50.55
N GLU B 321 -8.53 14.75 -51.44
CA GLU B 321 -9.98 14.46 -51.42
CA GLU B 321 -9.96 14.43 -51.45
C GLU B 321 -10.30 13.73 -50.12
N VAL B 322 -9.44 12.78 -49.74
CA VAL B 322 -9.69 12.08 -48.51
C VAL B 322 -9.76 13.11 -47.35
N THR B 323 -8.81 14.06 -47.34
CA THR B 323 -8.71 15.05 -46.25
C THR B 323 -9.93 15.97 -46.20
N ARG B 324 -10.38 16.44 -47.36
CA ARG B 324 -11.59 17.17 -47.46
C ARG B 324 -12.80 16.36 -46.93
N ASP B 325 -12.89 15.10 -47.29
CA ASP B 325 -14.03 14.30 -46.89
C ASP B 325 -14.03 14.09 -45.37
N VAL B 326 -12.87 13.86 -44.75
CA VAL B 326 -12.91 13.57 -43.31
C VAL B 326 -13.15 14.86 -42.54
N CYS B 327 -12.84 16.02 -43.13
CA CYS B 327 -13.24 17.27 -42.47
C CYS B 327 -14.76 17.42 -42.50
N LEU B 328 -15.36 17.12 -43.64
CA LEU B 328 -16.80 17.31 -43.77
C LEU B 328 -17.52 16.26 -42.92
N LEU B 329 -17.00 15.03 -42.90
CA LEU B 329 -17.58 14.00 -42.07
C LEU B 329 -17.57 14.46 -40.62
N ALA B 330 -16.47 15.07 -40.18
CA ALA B 330 -16.34 15.41 -38.75
C ALA B 330 -17.35 16.48 -38.45
N ARG B 331 -17.56 17.35 -39.43
CA ARG B 331 -18.51 18.45 -39.23
C ARG B 331 -19.94 17.90 -39.26
N MET B 332 -20.21 16.95 -40.15
CA MET B 332 -21.49 16.34 -40.25
C MET B 332 -21.87 15.65 -38.91
N MET B 333 -20.97 14.85 -38.38
CA MET B 333 -21.22 14.07 -37.17
C MET B 333 -21.38 14.96 -35.96
N THR B 334 -20.58 16.01 -35.86
CA THR B 334 -20.65 16.90 -34.73
C THR B 334 -22.02 17.59 -34.71
N SER B 335 -22.46 18.12 -35.85
CA SER B 335 -23.71 18.84 -35.82
C SER B 335 -24.88 17.87 -35.64
N ASN B 336 -24.71 16.63 -36.14
CA ASN B 336 -25.68 15.60 -35.96
C ASN B 336 -25.80 15.17 -34.46
N MET B 337 -24.68 15.18 -33.74
CA MET B 337 -24.76 14.82 -32.34
C MET B 337 -25.42 15.89 -31.53
N TYR B 338 -25.16 17.17 -31.82
CA TYR B 338 -25.94 18.20 -31.13
C TYR B 338 -27.40 18.07 -31.52
N PHE B 339 -27.67 17.92 -32.80
CA PHE B 339 -29.08 17.87 -33.30
C PHE B 339 -29.84 16.73 -32.63
N SER B 340 -29.18 15.58 -32.46
CA SER B 340 -29.85 14.39 -31.96
C SER B 340 -30.11 14.42 -30.43
N GLN B 341 -29.59 15.42 -29.72
CA GLN B 341 -29.90 15.61 -28.33
C GLN B 341 -30.65 16.95 -28.01
N ILE B 342 -30.80 17.87 -28.98
CA ILE B 342 -31.50 19.13 -28.74
C ILE B 342 -33.02 18.95 -28.44
N GLU B 343 -33.70 17.95 -29.05
CA GLU B 343 -35.11 17.74 -28.74
C GLU B 343 -35.32 17.40 -27.27
N ASP B 344 -34.49 16.51 -26.73
CA ASP B 344 -34.53 16.25 -25.27
C ASP B 344 -34.39 17.52 -24.42
N LEU B 345 -33.42 18.34 -24.74
CA LEU B 345 -33.26 19.58 -24.01
C LEU B 345 -34.47 20.50 -24.18
N MET B 346 -35.04 20.57 -25.38
CA MET B 346 -36.27 21.31 -25.60
C MET B 346 -37.42 20.82 -24.72
N ILE B 347 -37.56 19.52 -24.58
CA ILE B 347 -38.61 18.99 -23.74
C ILE B 347 -38.43 19.51 -22.31
N GLU B 348 -37.22 19.42 -21.78
CA GLU B 348 -37.00 19.84 -20.41
C GLU B 348 -37.23 21.28 -20.25
N MET B 349 -36.88 22.08 -21.27
CA MET B 349 -36.87 23.53 -21.09
C MET B 349 -38.25 24.09 -21.36
N SER B 350 -39.18 23.65 -20.53
CA SER B 350 -40.61 24.00 -20.61
C SER B 350 -40.91 25.25 -19.88
N MET B 351 -39.92 25.77 -19.14
CA MET B 351 -40.16 26.89 -18.25
C MET B 351 -40.63 28.11 -19.03
N TRP B 352 -41.51 28.90 -18.40
CA TRP B 352 -42.15 30.04 -19.04
C TRP B 352 -41.63 31.37 -18.51
N ARG B 353 -40.94 31.35 -17.37
CA ARG B 353 -40.22 32.52 -16.85
C ARG B 353 -38.87 32.75 -17.55
N CYS B 354 -38.75 33.92 -18.22
CA CYS B 354 -37.49 34.30 -18.85
C CYS B 354 -37.22 35.75 -18.68
N ASN B 355 -35.96 36.15 -18.86
CA ASN B 355 -35.56 37.59 -18.78
C ASN B 355 -35.92 38.37 -20.05
N SER B 356 -35.77 39.69 -20.00
CA SER B 356 -36.09 40.52 -21.15
C SER B 356 -35.34 40.15 -22.39
N GLU B 357 -34.05 39.97 -22.21
CA GLU B 357 -33.22 39.76 -23.36
C GLU B 357 -33.76 38.56 -24.23
N LEU B 358 -34.08 37.49 -23.54
CA LEU B 358 -34.52 36.26 -24.18
C LEU B 358 -35.98 36.41 -24.65
N ARG B 359 -36.77 37.14 -23.89
CA ARG B 359 -38.16 37.42 -24.29
C ARG B 359 -38.21 38.13 -25.64
N VAL B 360 -37.44 39.20 -25.74
CA VAL B 360 -37.27 39.92 -27.02
C VAL B 360 -36.80 39.01 -28.16
N ARG B 361 -35.78 38.20 -27.93
CA ARG B 361 -35.28 37.33 -28.99
C ARG B 361 -36.33 36.29 -29.40
N ALA B 362 -37.03 35.75 -28.42
CA ALA B 362 -38.08 34.74 -28.67
C ALA B 362 -39.23 35.34 -29.50
N GLU B 363 -39.63 36.55 -29.19
CA GLU B 363 -40.72 37.18 -29.94
C GLU B 363 -40.30 37.54 -31.36
N GLU B 364 -39.08 38.04 -31.56
CA GLU B 364 -38.44 38.10 -32.90
C GLU B 364 -38.62 36.79 -33.68
N LEU B 365 -38.14 35.67 -33.12
CA LEU B 365 -38.14 34.40 -33.85
C LEU B 365 -39.55 33.93 -34.07
N TYR B 366 -40.40 34.16 -33.09
CA TYR B 366 -41.77 33.75 -33.22
C TYR B 366 -42.55 34.44 -34.35
N ARG B 367 -42.21 35.70 -34.60
CA ARG B 367 -42.92 36.53 -35.56
C ARG B 367 -42.47 36.08 -36.95
N THR B 368 -41.18 35.85 -37.12
CA THR B 368 -40.66 35.40 -38.42
C THR B 368 -40.82 33.89 -38.67
N ALA B 369 -41.76 33.25 -37.95
CA ALA B 369 -41.84 31.77 -37.84
C ALA B 369 -42.77 31.12 -38.86
N ARG B 370 -42.29 29.99 -39.39
CA ARG B 370 -42.97 29.19 -40.41
C ARG B 370 -44.30 28.63 -39.92
N LYS B 371 -45.38 28.81 -40.69
CA LYS B 371 -46.73 28.35 -40.27
C LYS B 371 -46.92 26.80 -40.29
N ASP B 372 -45.93 26.05 -40.81
CA ASP B 372 -46.15 24.67 -41.24
C ASP B 372 -45.16 23.60 -40.74
N VAL B 373 -45.60 22.35 -40.97
CA VAL B 373 -44.93 21.13 -40.55
C VAL B 373 -43.40 21.14 -40.74
N LYS B 374 -42.68 20.90 -39.65
CA LYS B 374 -41.29 20.48 -39.71
C LYS B 374 -41.22 18.99 -39.41
N HIS B 375 -40.47 18.32 -40.29
CA HIS B 375 -40.42 16.86 -40.36
CA HIS B 375 -40.35 16.85 -40.33
C HIS B 375 -39.48 16.30 -39.23
N TYR B 376 -39.68 16.77 -38.00
CA TYR B 376 -38.85 16.35 -36.84
C TYR B 376 -39.63 15.35 -35.97
N ILE B 377 -38.94 14.59 -35.15
CA ILE B 377 -39.60 13.62 -34.27
C ILE B 377 -40.49 14.32 -33.25
N GLU B 378 -40.01 15.41 -32.61
CA GLU B 378 -40.78 16.03 -31.52
C GLU B 378 -41.49 17.38 -31.73
N PHE B 379 -40.88 18.41 -32.23
CA PHE B 379 -41.70 19.65 -32.09
C PHE B 379 -41.96 20.10 -33.51
N TRP B 380 -43.00 19.51 -34.08
CA TRP B 380 -43.27 19.55 -35.49
C TRP B 380 -44.20 20.68 -35.90
N LYS B 381 -45.00 21.17 -34.95
CA LYS B 381 -45.82 22.38 -35.14
C LYS B 381 -45.09 23.61 -34.66
N ARG B 382 -45.64 24.77 -34.96
CA ARG B 382 -45.01 26.03 -34.57
C ARG B 382 -44.95 26.12 -33.07
N ILE B 383 -43.83 26.57 -32.55
CA ILE B 383 -43.64 26.64 -31.11
C ILE B 383 -44.25 27.94 -30.60
N PRO B 384 -45.15 27.84 -29.62
CA PRO B 384 -45.79 29.06 -29.09
C PRO B 384 -44.84 29.93 -28.24
N PRO B 385 -45.14 31.24 -28.11
CA PRO B 385 -44.19 32.15 -27.45
C PRO B 385 -44.20 32.10 -25.91
N ASN B 386 -45.17 31.41 -25.33
CA ASN B 386 -45.14 31.11 -23.87
C ASN B 386 -44.21 29.94 -23.51
N GLN B 387 -43.55 29.36 -24.53
CA GLN B 387 -42.47 28.39 -24.34
C GLN B 387 -41.13 29.00 -24.85
N PRO B 388 -40.63 30.05 -24.19
CA PRO B 388 -39.62 30.90 -24.84
C PRO B 388 -38.27 30.23 -25.06
N TYR B 389 -37.89 29.36 -24.14
CA TYR B 389 -36.67 28.63 -24.28
C TYR B 389 -36.76 27.65 -25.48
N ARG B 390 -37.92 27.05 -25.66
CA ARG B 390 -38.13 26.19 -26.82
C ARG B 390 -38.08 26.95 -28.13
N VAL B 391 -38.47 28.22 -28.12
CA VAL B 391 -38.41 29.01 -29.34
C VAL B 391 -36.96 29.23 -29.68
N ILE B 392 -36.15 29.63 -28.71
CA ILE B 392 -34.69 29.86 -28.91
C ILE B 392 -34.06 28.55 -29.39
N LEU B 393 -34.33 27.45 -28.66
CA LEU B 393 -33.70 26.17 -29.01
C LEU B 393 -34.20 25.52 -30.32
N GLY B 394 -35.45 25.80 -30.68
CA GLY B 394 -35.99 25.45 -31.95
C GLY B 394 -35.22 26.07 -33.09
N ASP B 395 -34.77 27.31 -32.93
CA ASP B 395 -33.98 27.93 -33.98
C ASP B 395 -32.59 27.26 -34.03
N VAL B 396 -32.05 26.91 -32.87
CA VAL B 396 -30.74 26.24 -32.83
C VAL B 396 -30.86 24.89 -33.56
N ARG B 397 -31.95 24.19 -33.35
CA ARG B 397 -32.15 22.91 -34.00
C ARG B 397 -32.18 23.03 -35.52
N ASP B 398 -32.90 24.03 -36.03
CA ASP B 398 -32.97 24.25 -37.47
C ASP B 398 -31.57 24.54 -37.98
N LYS B 399 -30.82 25.40 -37.29
CA LYS B 399 -29.43 25.64 -37.72
C LYS B 399 -28.57 24.40 -37.67
N LEU B 400 -28.70 23.64 -36.60
CA LEU B 400 -27.90 22.39 -36.53
C LEU B 400 -28.25 21.45 -37.69
N TYR B 401 -29.54 21.32 -37.98
CA TYR B 401 -29.97 20.49 -39.05
C TYR B 401 -29.37 20.94 -40.42
N ASN B 402 -29.45 22.23 -40.70
CA ASN B 402 -28.94 22.76 -41.97
C ASN B 402 -27.40 22.61 -42.01
N THR B 403 -26.74 22.84 -40.88
CA THR B 403 -25.30 22.66 -40.82
C THR B 403 -24.95 21.23 -41.17
N ARG B 404 -25.71 20.29 -40.61
CA ARG B 404 -25.49 18.89 -40.94
C ARG B 404 -25.79 18.58 -42.42
N GLU B 405 -26.92 19.06 -42.95
CA GLU B 405 -27.28 18.76 -44.35
C GLU B 405 -26.29 19.37 -45.34
N ARG B 406 -25.78 20.55 -45.05
CA ARG B 406 -24.83 21.14 -45.96
C ARG B 406 -23.64 20.20 -46.11
N SER B 407 -23.01 19.86 -44.98
CA SER B 407 -21.91 18.92 -45.01
C SER B 407 -22.25 17.65 -45.78
N ARG B 408 -23.44 17.12 -45.61
CA ARG B 408 -23.79 15.87 -46.30
C ARG B 408 -23.87 16.05 -47.83
N HIS B 409 -24.46 17.17 -48.28
CA HIS B 409 -24.54 17.44 -49.73
C HIS B 409 -23.13 17.72 -50.29
N LEU B 410 -22.30 18.43 -49.53
CA LEU B 410 -20.96 18.68 -49.98
C LEU B 410 -20.21 17.35 -50.18
N LEU B 411 -20.42 16.38 -49.31
CA LEU B 411 -19.79 15.08 -49.49
C LEU B 411 -20.32 14.31 -50.68
N VAL B 412 -21.63 14.24 -50.82
CA VAL B 412 -22.25 13.31 -51.75
C VAL B 412 -22.40 13.97 -53.12
N ASP B 413 -22.86 15.22 -53.16
CA ASP B 413 -23.10 15.93 -54.44
C ASP B 413 -21.92 16.78 -54.89
N GLY B 414 -20.96 17.07 -54.03
CA GLY B 414 -19.84 17.97 -54.45
C GLY B 414 -20.12 19.46 -54.30
N LYS B 415 -21.36 19.82 -54.02
CA LYS B 415 -21.65 21.16 -53.43
C LYS B 415 -23.09 21.28 -52.93
N SER B 416 -23.45 22.52 -52.54
CA SER B 416 -24.70 22.77 -51.84
C SER B 416 -25.23 24.19 -52.08
N ASP B 417 -26.53 24.33 -52.23
CA ASP B 417 -27.13 25.66 -52.30
C ASP B 417 -27.50 26.24 -50.92
N ILE B 418 -27.18 25.50 -49.83
CA ILE B 418 -27.51 25.96 -48.50
C ILE B 418 -26.57 27.09 -48.15
N PRO B 419 -27.10 28.28 -47.87
CA PRO B 419 -26.26 29.46 -47.62
C PRO B 419 -25.71 29.56 -46.21
N ASP B 420 -24.66 30.36 -46.06
CA ASP B 420 -24.01 30.59 -44.79
C ASP B 420 -24.90 31.00 -43.60
N GLU B 421 -25.91 31.79 -43.81
CA GLU B 421 -26.64 32.27 -42.65
C GLU B 421 -27.73 31.28 -42.25
N ALA B 422 -27.91 30.22 -43.02
CA ALA B 422 -28.73 29.13 -42.59
C ALA B 422 -27.95 28.10 -41.68
N VAL B 423 -26.63 28.21 -41.54
CA VAL B 423 -25.87 27.23 -40.74
C VAL B 423 -24.91 27.86 -39.73
N TYR B 424 -24.24 27.06 -38.93
CA TYR B 424 -23.24 27.63 -38.04
C TYR B 424 -21.91 27.50 -38.75
N THR B 425 -21.18 28.62 -38.85
CA THR B 425 -19.79 28.58 -39.40
C THR B 425 -18.79 28.87 -38.33
N ASN B 426 -19.25 29.21 -37.15
CA ASN B 426 -18.30 29.38 -36.06
C ASN B 426 -19.00 28.98 -34.79
N VAL B 427 -18.23 28.56 -33.82
CA VAL B 427 -18.77 27.93 -32.67
C VAL B 427 -19.50 28.94 -31.80
N GLU B 428 -19.11 30.20 -31.91
CA GLU B 428 -19.63 31.27 -31.12
C GLU B 428 -21.09 31.47 -31.39
N GLN B 429 -21.47 31.24 -32.66
CA GLN B 429 -22.85 31.39 -33.11
C GLN B 429 -23.71 30.36 -32.41
N LEU B 430 -23.13 29.21 -32.10
CA LEU B 430 -23.91 28.15 -31.41
C LEU B 430 -23.94 28.39 -29.93
N LEU B 431 -22.82 28.81 -29.35
CA LEU B 431 -22.76 29.06 -27.91
C LEU B 431 -23.72 30.17 -27.49
N GLU B 432 -23.82 31.18 -28.34
CA GLU B 432 -24.53 32.38 -27.96
C GLU B 432 -25.99 32.13 -27.47
N PRO B 433 -26.84 31.49 -28.27
CA PRO B 433 -28.18 31.27 -27.76
C PRO B 433 -28.21 30.37 -26.54
N LEU B 434 -27.27 29.45 -26.42
CA LEU B 434 -27.23 28.59 -25.24
C LEU B 434 -26.90 29.42 -23.97
N GLU B 435 -25.98 30.36 -24.13
CA GLU B 435 -25.57 31.24 -23.05
C GLU B 435 -26.70 32.14 -22.68
N LEU B 436 -27.44 32.61 -23.68
CA LEU B 436 -28.62 33.37 -23.44
C LEU B 436 -29.66 32.58 -22.59
N CYS B 437 -29.89 31.30 -22.94
CA CYS B 437 -30.79 30.45 -22.12
C CYS B 437 -30.28 30.41 -20.68
N TYR B 438 -28.96 30.26 -20.52
CA TYR B 438 -28.30 30.12 -19.20
C TYR B 438 -28.49 31.35 -18.35
N ARG B 439 -28.23 32.51 -18.92
CA ARG B 439 -28.34 33.76 -18.17
C ARG B 439 -29.75 33.97 -17.78
N SER B 440 -30.69 33.72 -18.70
CA SER B 440 -32.10 33.95 -18.43
C SER B 440 -32.59 33.09 -17.27
N LEU B 441 -32.17 31.83 -17.22
CA LEU B 441 -32.54 30.99 -16.10
C LEU B 441 -31.96 31.53 -14.80
N CYS B 442 -30.69 31.92 -14.83
CA CYS B 442 -30.02 32.45 -13.67
C CYS B 442 -30.77 33.70 -13.20
N ASP B 443 -31.07 34.63 -14.11
CA ASP B 443 -31.78 35.88 -13.77
C ASP B 443 -33.18 35.68 -13.25
N CYS B 444 -33.83 34.57 -13.58
CA CYS B 444 -35.20 34.32 -13.11
C CYS B 444 -35.18 33.46 -11.87
N GLY B 445 -33.99 33.24 -11.27
CA GLY B 445 -33.91 32.47 -10.02
C GLY B 445 -33.67 30.98 -10.18
N ASP B 446 -33.44 30.53 -11.42
CA ASP B 446 -33.31 29.14 -11.74
C ASP B 446 -31.86 28.75 -12.10
N HIS B 447 -30.87 29.31 -11.39
CA HIS B 447 -29.46 28.93 -11.61
C HIS B 447 -29.33 27.41 -11.52
N VAL B 448 -29.98 26.84 -10.52
CA VAL B 448 -29.92 25.38 -10.26
C VAL B 448 -30.27 24.49 -11.46
N ILE B 449 -31.32 24.85 -12.15
CA ILE B 449 -31.76 24.23 -13.37
C ILE B 449 -30.77 24.48 -14.55
N ALA B 450 -30.33 25.70 -14.70
CA ALA B 450 -29.32 25.96 -15.71
C ALA B 450 -28.11 25.02 -15.61
N ASP B 451 -27.74 24.57 -14.40
CA ASP B 451 -26.53 23.78 -14.20
C ASP B 451 -26.77 22.30 -14.40
N GLY B 452 -27.92 21.94 -14.97
CA GLY B 452 -28.23 20.53 -15.40
C GLY B 452 -27.83 20.28 -16.83
N SER B 453 -28.74 19.82 -17.66
CA SER B 453 -28.40 19.47 -19.05
C SER B 453 -27.90 20.62 -19.89
N LEU B 454 -28.41 21.81 -19.64
CA LEU B 454 -27.97 23.00 -20.31
C LEU B 454 -26.46 23.15 -20.12
N LEU B 455 -25.99 23.15 -18.87
CA LEU B 455 -24.56 23.20 -18.60
C LEU B 455 -23.85 22.04 -19.32
N ASP B 456 -24.39 20.86 -19.25
CA ASP B 456 -23.71 19.74 -19.96
C ASP B 456 -23.54 20.03 -21.47
N PHE B 457 -24.60 20.57 -22.07
CA PHE B 457 -24.64 20.88 -23.49
C PHE B 457 -23.62 21.97 -23.82
N LEU B 458 -23.59 23.01 -22.97
CA LEU B 458 -22.58 24.09 -23.15
C LEU B 458 -21.19 23.50 -23.14
N ARG B 459 -20.94 22.59 -22.20
CA ARG B 459 -19.60 22.03 -22.12
C ARG B 459 -19.29 21.17 -23.36
N GLN B 460 -20.31 20.48 -23.87
CA GLN B 460 -20.06 19.62 -25.06
C GLN B 460 -19.71 20.53 -26.25
N VAL B 461 -20.39 21.68 -26.34
CA VAL B 461 -20.13 22.62 -27.43
C VAL B 461 -18.75 23.20 -27.30
N SER B 462 -18.39 23.53 -26.10
CA SER B 462 -17.09 24.16 -25.89
C SER B 462 -15.99 23.14 -26.10
N THR B 463 -16.20 21.90 -25.78
CA THR B 463 -15.13 20.87 -26.01
C THR B 463 -15.07 20.38 -27.45
N PHE B 464 -16.23 20.06 -28.06
CA PHE B 464 -16.19 19.52 -29.41
C PHE B 464 -16.33 20.54 -30.52
N GLY B 465 -16.82 21.74 -30.21
CA GLY B 465 -16.89 22.78 -31.20
C GLY B 465 -17.75 22.32 -32.37
N LEU B 466 -17.40 22.74 -33.56
CA LEU B 466 -18.16 22.40 -34.71
C LEU B 466 -17.54 21.21 -35.39
N SER B 467 -16.33 20.82 -34.97
CA SER B 467 -15.69 19.60 -35.48
C SER B 467 -15.11 18.85 -34.32
N LEU B 468 -15.76 17.76 -33.97
CA LEU B 468 -15.38 17.17 -32.68
C LEU B 468 -13.94 16.72 -32.54
N VAL B 469 -13.29 16.45 -33.65
CA VAL B 469 -11.83 16.39 -33.71
C VAL B 469 -11.30 17.40 -34.70
N LYS B 470 -10.22 18.06 -34.32
CA LYS B 470 -9.39 18.82 -35.24
C LYS B 470 -8.37 17.85 -35.84
N LEU B 471 -8.12 17.99 -37.13
CA LEU B 471 -7.35 17.06 -37.92
C LEU B 471 -5.88 17.58 -38.05
N ASP B 472 -4.90 16.77 -37.72
CA ASP B 472 -3.50 17.13 -38.01
C ASP B 472 -3.20 16.66 -39.41
N ILE B 473 -2.42 17.42 -40.15
CA ILE B 473 -1.87 16.96 -41.43
C ILE B 473 -0.45 16.50 -41.14
N ARG B 474 -0.05 15.40 -41.73
CA ARG B 474 1.33 15.03 -41.67
C ARG B 474 1.91 14.59 -43.04
N GLN B 475 3.09 15.09 -43.37
CA GLN B 475 3.78 14.69 -44.53
C GLN B 475 5.26 14.80 -44.30
N GLU B 476 6.05 14.03 -45.05
CA GLU B 476 7.49 13.97 -44.76
C GLU B 476 8.31 15.08 -45.39
N SER B 477 9.42 15.49 -44.74
CA SER B 477 10.18 16.64 -45.20
C SER B 477 10.64 16.57 -46.65
N ASP B 478 11.01 15.39 -47.10
CA ASP B 478 11.48 15.27 -48.45
C ASP B 478 10.42 15.63 -49.52
N ARG B 479 9.15 15.46 -49.20
CA ARG B 479 8.12 15.82 -50.14
C ARG B 479 8.06 17.32 -50.29
N HIS B 480 8.32 18.05 -49.21
CA HIS B 480 8.32 19.54 -49.31
C HIS B 480 9.57 19.98 -50.09
N THR B 481 10.69 19.28 -49.91
CA THR B 481 11.91 19.59 -50.66
C THR B 481 11.68 19.40 -52.12
N GLU B 482 11.02 18.31 -52.46
CA GLU B 482 10.71 18.05 -53.84
C GLU B 482 9.81 19.10 -54.51
N VAL B 483 8.71 19.46 -53.86
CA VAL B 483 7.87 20.55 -54.30
C VAL B 483 8.69 21.83 -54.52
N LEU B 484 9.48 22.25 -53.52
CA LEU B 484 10.27 23.47 -53.68
C LEU B 484 11.31 23.34 -54.81
N ASP B 485 11.81 22.14 -55.04
CA ASP B 485 12.82 21.95 -56.08
C ASP B 485 12.13 22.15 -57.44
N ALA B 486 10.96 21.59 -57.58
CA ALA B 486 10.17 21.79 -58.84
C ALA B 486 9.96 23.29 -59.09
N ILE B 487 9.68 24.06 -58.01
CA ILE B 487 9.51 25.49 -58.16
C ILE B 487 10.80 26.17 -58.55
N THR B 488 11.88 25.97 -57.78
CA THR B 488 13.12 26.65 -58.11
C THR B 488 13.59 26.37 -59.53
N GLN B 489 13.48 25.14 -59.95
CA GLN B 489 13.97 24.83 -61.29
C GLN B 489 13.08 25.41 -62.35
N HIS B 490 11.76 25.37 -62.16
CA HIS B 490 10.90 26.05 -63.14
C HIS B 490 11.18 27.55 -63.16
N LEU B 491 11.51 28.14 -62.02
CA LEU B 491 11.82 29.54 -62.06
C LEU B 491 13.16 29.78 -62.74
N GLY B 492 13.92 28.73 -63.04
CA GLY B 492 15.24 28.95 -63.63
C GLY B 492 16.30 29.43 -62.65
N ILE B 493 16.11 29.32 -61.34
CA ILE B 493 17.16 29.81 -60.41
C ILE B 493 18.03 28.74 -59.79
N GLY B 494 17.91 27.50 -60.23
CA GLY B 494 18.71 26.42 -59.64
C GLY B 494 17.81 25.39 -58.97
N SER B 495 18.44 24.56 -58.13
CA SER B 495 17.75 23.41 -57.58
C SER B 495 17.81 23.46 -56.09
N TYR B 496 16.66 23.70 -55.47
CA TYR B 496 16.60 23.75 -53.97
C TYR B 496 17.22 22.53 -53.36
N ARG B 497 17.07 21.40 -54.02
CA ARG B 497 17.57 20.21 -53.42
C ARG B 497 19.13 20.27 -53.33
N GLU B 498 19.78 20.93 -54.28
CA GLU B 498 21.24 21.01 -54.33
C GLU B 498 21.77 22.03 -53.37
N TRP B 499 20.90 22.83 -52.79
CA TRP B 499 21.36 23.87 -51.90
C TRP B 499 21.68 23.45 -50.47
N SER B 500 22.69 24.09 -49.92
CA SER B 500 23.08 23.89 -48.53
C SER B 500 21.98 24.41 -47.62
N GLU B 501 22.10 24.06 -46.34
CA GLU B 501 21.14 24.47 -45.33
C GLU B 501 21.10 25.97 -45.20
N GLU B 502 22.28 26.58 -45.24
CA GLU B 502 22.31 28.07 -45.16
C GLU B 502 21.61 28.76 -46.33
N LYS B 503 21.79 28.21 -47.54
CA LYS B 503 21.24 28.81 -48.73
C LYS B 503 19.70 28.61 -48.69
N ARG B 504 19.29 27.42 -48.32
CA ARG B 504 17.84 27.14 -48.15
C ARG B 504 17.20 28.12 -47.19
N GLN B 505 17.82 28.34 -46.05
CA GLN B 505 17.29 29.36 -45.12
C GLN B 505 17.19 30.73 -45.70
N GLU B 506 18.26 31.16 -46.33
CA GLU B 506 18.30 32.47 -46.91
C GLU B 506 17.17 32.69 -47.96
N TRP B 507 17.08 31.78 -48.93
CA TRP B 507 16.07 31.85 -49.99
C TRP B 507 14.66 31.75 -49.38
N LEU B 508 14.43 30.85 -48.43
CA LEU B 508 13.12 30.79 -47.78
C LEU B 508 12.70 32.08 -47.07
N LEU B 509 13.59 32.70 -46.32
CA LEU B 509 13.25 33.95 -45.65
C LEU B 509 13.00 35.06 -46.65
N ALA B 510 13.76 35.09 -47.74
CA ALA B 510 13.51 36.10 -48.78
C ALA B 510 12.13 35.92 -49.37
N GLU B 511 11.75 34.70 -49.70
CA GLU B 511 10.43 34.47 -50.30
C GLU B 511 9.28 34.56 -49.33
N LEU B 512 9.54 34.32 -48.03
CA LEU B 512 8.52 34.50 -47.01
C LEU B 512 8.11 35.96 -46.86
N SER B 513 8.96 36.89 -47.24
CA SER B 513 8.54 38.29 -47.44
C SER B 513 8.46 38.66 -48.93
N GLY B 514 8.30 37.70 -49.83
CA GLY B 514 8.35 38.05 -51.25
C GLY B 514 7.11 38.88 -51.66
N LYS B 515 7.21 39.56 -52.77
CA LYS B 515 6.13 40.41 -53.24
C LYS B 515 5.35 39.77 -54.38
N ARG B 516 5.77 38.60 -54.86
CA ARG B 516 4.97 37.97 -55.89
C ARG B 516 4.89 36.52 -55.68
N PRO B 517 3.80 35.90 -56.18
CA PRO B 517 3.66 34.51 -55.89
C PRO B 517 4.73 33.69 -56.57
N LEU B 518 5.01 32.54 -55.95
CA LEU B 518 5.98 31.60 -56.47
C LEU B 518 5.49 30.73 -57.61
N ILE B 519 4.23 30.37 -57.57
CA ILE B 519 3.75 29.30 -58.40
C ILE B 519 2.89 29.81 -59.55
N GLY B 520 3.40 29.60 -60.75
CA GLY B 520 2.73 29.97 -61.98
C GLY B 520 1.92 28.81 -62.56
N PRO B 521 1.09 29.08 -63.56
CA PRO B 521 0.12 28.04 -63.97
C PRO B 521 0.79 26.92 -64.71
N ASP B 522 1.95 27.14 -65.30
CA ASP B 522 2.64 26.07 -65.97
C ASP B 522 3.74 25.38 -65.19
N LEU B 523 3.76 25.52 -63.88
CA LEU B 523 4.72 24.81 -63.10
C LEU B 523 4.55 23.33 -63.46
N PRO B 524 5.61 22.66 -63.93
CA PRO B 524 5.49 21.21 -64.08
C PRO B 524 5.36 20.51 -62.74
N LYS B 525 4.46 19.57 -62.68
CA LYS B 525 4.15 18.83 -61.46
C LYS B 525 4.03 17.31 -61.69
N THR B 526 4.91 16.52 -61.08
CA THR B 526 4.68 15.09 -60.97
C THR B 526 3.45 14.89 -60.07
N GLU B 527 2.92 13.69 -60.06
CA GLU B 527 1.77 13.35 -59.26
C GLU B 527 2.02 13.59 -57.75
N GLU B 528 3.21 13.27 -57.27
CA GLU B 528 3.52 13.50 -55.82
C GLU B 528 3.53 14.99 -55.46
N VAL B 529 4.10 15.79 -56.36
CA VAL B 529 4.20 17.21 -56.16
C VAL B 529 2.80 17.80 -56.22
N LYS B 530 2.01 17.41 -57.17
CA LYS B 530 0.64 17.92 -57.26
C LYS B 530 -0.15 17.57 -56.02
N ASP B 531 -0.05 16.30 -55.61
CA ASP B 531 -0.74 15.79 -54.43
C ASP B 531 -0.37 16.64 -53.19
N CYS B 532 0.89 17.02 -53.06
CA CYS B 532 1.32 17.79 -51.90
C CYS B 532 0.80 19.26 -52.00
N LEU B 533 0.89 19.90 -53.16
CA LEU B 533 0.34 21.25 -53.36
C LEU B 533 -1.19 21.31 -53.15
N ASP B 534 -1.88 20.33 -53.65
CA ASP B 534 -3.32 20.31 -53.54
C ASP B 534 -3.78 20.11 -52.08
N THR B 535 -2.93 19.57 -51.24
CA THR B 535 -3.29 19.44 -49.84
C THR B 535 -3.37 20.87 -49.29
N PHE B 536 -2.41 21.71 -49.68
CA PHE B 536 -2.42 23.10 -49.20
C PHE B 536 -3.62 23.82 -49.66
N LYS B 537 -4.07 23.47 -50.86
CA LYS B 537 -5.31 24.04 -51.40
C LYS B 537 -6.53 23.66 -50.56
N VAL B 538 -6.62 22.42 -50.16
CA VAL B 538 -7.70 22.04 -49.28
C VAL B 538 -7.60 22.82 -48.01
N LEU B 539 -6.39 23.05 -47.48
CA LEU B 539 -6.24 23.77 -46.20
C LEU B 539 -6.69 25.21 -46.35
N ALA B 540 -6.47 25.79 -47.52
CA ALA B 540 -6.87 27.16 -47.74
C ALA B 540 -8.37 27.29 -47.89
N GLU B 541 -9.05 26.23 -48.35
CA GLU B 541 -10.50 26.28 -48.63
C GLU B 541 -11.36 25.90 -47.48
N LEU B 542 -10.92 25.03 -46.59
CA LEU B 542 -11.78 24.59 -45.54
C LEU B 542 -11.62 25.47 -44.31
N PRO B 543 -12.59 25.46 -43.42
CA PRO B 543 -12.52 26.31 -42.23
C PRO B 543 -11.39 25.90 -41.29
N SER B 544 -10.82 26.89 -40.61
CA SER B 544 -9.64 26.66 -39.87
C SER B 544 -9.92 25.81 -38.63
N ASP B 545 -11.15 25.87 -38.13
CA ASP B 545 -11.50 24.99 -37.00
C ASP B 545 -11.53 23.50 -37.37
N CYS B 546 -11.31 23.15 -38.63
CA CYS B 546 -11.17 21.72 -38.95
C CYS B 546 -9.81 21.19 -38.61
N PHE B 547 -8.82 22.06 -38.49
CA PHE B 547 -7.41 21.60 -38.52
C PHE B 547 -6.67 21.92 -37.26
N GLY B 548 -5.67 21.11 -37.01
CA GLY B 548 -4.73 21.30 -35.93
C GLY B 548 -3.37 21.64 -36.45
N ALA B 549 -2.42 20.77 -36.19
CA ALA B 549 -0.98 21.01 -36.56
C ALA B 549 -0.62 20.46 -37.94
N TYR B 550 0.42 21.03 -38.55
CA TYR B 550 1.05 20.44 -39.73
C TYR B 550 2.36 19.82 -39.24
N ILE B 551 2.37 18.51 -39.17
CA ILE B 551 3.48 17.74 -38.65
C ILE B 551 4.41 17.42 -39.80
N ILE B 552 5.69 17.64 -39.59
CA ILE B 552 6.69 17.26 -40.60
C ILE B 552 7.39 15.99 -40.16
N SER B 553 7.06 14.88 -40.81
CA SER B 553 7.83 13.63 -40.61
C SER B 553 9.25 13.78 -41.09
N MET B 554 10.19 13.08 -40.41
CA MET B 554 11.58 13.06 -40.84
C MET B 554 12.13 14.48 -40.86
N ALA B 555 11.78 15.29 -39.89
CA ALA B 555 12.32 16.62 -39.90
C ALA B 555 13.78 16.53 -39.45
N THR B 556 14.66 17.35 -40.07
CA THR B 556 16.05 17.47 -39.59
C THR B 556 16.53 18.86 -39.39
N SER B 557 15.88 19.86 -39.93
CA SER B 557 16.51 21.14 -40.01
C SER B 557 15.50 22.31 -39.86
N THR B 558 16.06 23.48 -39.62
CA THR B 558 15.32 24.71 -39.66
C THR B 558 14.55 24.86 -40.97
N SER B 559 15.20 24.55 -42.11
CA SER B 559 14.63 24.89 -43.39
C SER B 559 13.40 24.02 -43.63
N ASP B 560 13.38 22.80 -43.09
CA ASP B 560 12.23 21.95 -43.20
C ASP B 560 10.95 22.61 -42.72
N VAL B 561 11.05 23.35 -41.65
CA VAL B 561 9.93 24.01 -41.01
C VAL B 561 9.58 25.23 -41.84
N LEU B 562 10.58 26.03 -42.19
CA LEU B 562 10.32 27.20 -43.07
C LEU B 562 9.73 26.82 -44.45
N ALA B 563 10.09 25.66 -44.97
CA ALA B 563 9.53 25.18 -46.21
C ALA B 563 8.02 25.05 -46.19
N VAL B 564 7.48 24.50 -45.12
CA VAL B 564 6.05 24.37 -44.97
C VAL B 564 5.39 25.72 -44.72
N GLU B 565 6.07 26.58 -43.99
CA GLU B 565 5.58 27.93 -43.77
C GLU B 565 5.43 28.67 -45.09
N LEU B 566 6.42 28.51 -45.99
CA LEU B 566 6.34 29.18 -47.26
C LEU B 566 5.21 28.66 -48.13
N LEU B 567 5.00 27.34 -48.18
CA LEU B 567 3.87 26.80 -48.94
C LEU B 567 2.50 27.28 -48.44
N GLN B 568 2.32 27.35 -47.12
CA GLN B 568 1.12 27.89 -46.56
C GLN B 568 0.94 29.36 -46.88
N ARG B 569 2.02 30.10 -46.88
CA ARG B 569 1.93 31.54 -47.24
C ARG B 569 1.56 31.68 -48.74
N GLU B 570 2.16 30.84 -49.56
CA GLU B 570 1.89 30.88 -51.02
C GLU B 570 0.42 30.62 -51.30
N TYR B 571 -0.20 29.73 -50.56
CA TYR B 571 -1.61 29.49 -50.70
C TYR B 571 -2.41 30.50 -49.91
N HIS B 572 -1.80 31.53 -49.35
CA HIS B 572 -2.56 32.59 -48.72
C HIS B 572 -3.57 32.04 -47.64
N ILE B 573 -3.21 30.98 -46.93
CA ILE B 573 -4.07 30.37 -45.93
C ILE B 573 -4.28 31.40 -44.86
N LYS B 574 -5.53 31.69 -44.54
CA LYS B 574 -5.81 32.83 -43.66
C LYS B 574 -5.31 32.56 -42.21
N HIS B 575 -5.52 31.35 -41.69
CA HIS B 575 -4.97 30.93 -40.40
C HIS B 575 -4.03 29.72 -40.61
N PRO B 576 -2.76 29.98 -40.89
CA PRO B 576 -1.85 28.91 -41.19
C PRO B 576 -1.79 27.97 -40.05
N LEU B 577 -1.70 26.69 -40.33
CA LEU B 577 -1.51 25.71 -39.29
C LEU B 577 -0.15 25.89 -38.67
N ARG B 578 -0.04 25.65 -37.37
CA ARG B 578 1.27 25.68 -36.71
C ARG B 578 2.12 24.54 -37.26
N VAL B 579 3.41 24.78 -37.45
CA VAL B 579 4.30 23.82 -38.05
C VAL B 579 5.11 23.13 -36.98
N VAL B 580 5.05 21.79 -36.99
CA VAL B 580 5.56 20.99 -35.91
C VAL B 580 6.55 19.93 -36.50
N PRO B 581 7.87 20.10 -36.25
CA PRO B 581 8.80 19.09 -36.69
C PRO B 581 8.69 17.81 -35.85
N LEU B 582 8.83 16.65 -36.52
CA LEU B 582 8.97 15.33 -35.87
C LEU B 582 10.42 14.85 -36.13
N PHE B 583 11.29 14.96 -35.12
CA PHE B 583 12.70 14.55 -35.24
C PHE B 583 12.73 13.11 -34.77
N GLU B 584 13.02 12.23 -35.72
CA GLU B 584 12.94 10.80 -35.55
C GLU B 584 14.23 10.07 -35.17
N LYS B 585 15.27 10.17 -35.97
CA LYS B 585 16.47 9.44 -35.60
C LYS B 585 17.24 10.11 -34.52
N LEU B 586 18.11 9.32 -33.93
CA LEU B 586 18.94 9.79 -32.88
C LEU B 586 19.75 11.00 -33.32
N ALA B 587 20.37 10.88 -34.50
CA ALA B 587 21.09 12.06 -35.04
C ALA B 587 20.17 13.28 -35.23
N ASP B 588 18.91 13.06 -35.59
CA ASP B 588 18.02 14.18 -35.78
C ASP B 588 17.70 14.80 -34.40
N LEU B 589 17.45 13.95 -33.42
CA LEU B 589 17.21 14.43 -32.07
C LEU B 589 18.40 15.28 -31.61
N GLU B 590 19.61 14.82 -31.86
CA GLU B 590 20.83 15.60 -31.46
C GLU B 590 20.99 16.91 -32.17
N ALA B 591 20.56 16.99 -33.41
CA ALA B 591 20.54 18.28 -34.13
C ALA B 591 19.32 19.15 -33.84
N ALA B 592 18.31 18.60 -33.19
CA ALA B 592 17.10 19.43 -32.97
C ALA B 592 17.36 20.72 -32.22
N PRO B 593 18.18 20.67 -31.16
CA PRO B 593 18.33 21.95 -30.42
C PRO B 593 18.86 23.09 -31.25
N ALA B 594 19.90 22.87 -32.05
CA ALA B 594 20.38 23.96 -32.92
C ALA B 594 19.32 24.35 -33.95
N ALA B 595 18.57 23.39 -34.43
CA ALA B 595 17.54 23.77 -35.38
C ALA B 595 16.48 24.72 -34.75
N MET B 596 16.07 24.39 -33.53
CA MET B 596 15.02 25.17 -32.84
CA MET B 596 15.02 25.18 -32.88
C MET B 596 15.59 26.51 -32.50
N THR B 597 16.80 26.53 -31.99
CA THR B 597 17.47 27.82 -31.67
C THR B 597 17.52 28.71 -32.87
N ARG B 598 17.83 28.14 -34.03
CA ARG B 598 17.92 29.01 -35.24
C ARG B 598 16.51 29.52 -35.61
N LEU B 599 15.50 28.65 -35.53
CA LEU B 599 14.14 29.16 -35.80
C LEU B 599 13.76 30.28 -34.89
N PHE B 600 14.06 30.11 -33.60
CA PHE B 600 13.59 31.06 -32.62
C PHE B 600 14.39 32.39 -32.73
N SER B 601 15.56 32.37 -33.34
CA SER B 601 16.34 33.55 -33.62
C SER B 601 15.87 34.37 -34.78
N MET B 602 14.99 33.85 -35.62
CA MET B 602 14.62 34.50 -36.89
C MET B 602 13.40 35.33 -36.62
N ASP B 603 13.48 36.64 -36.87
CA ASP B 603 12.34 37.53 -36.60
C ASP B 603 11.07 37.12 -37.29
N TRP B 604 11.17 36.68 -38.55
CA TRP B 604 9.97 36.35 -39.30
C TRP B 604 9.23 35.22 -38.53
N TYR B 605 9.98 34.21 -38.13
CA TYR B 605 9.41 33.07 -37.48
C TYR B 605 8.85 33.42 -36.08
N ARG B 606 9.64 34.08 -35.27
CA ARG B 606 9.15 34.56 -33.95
C ARG B 606 7.88 35.30 -34.04
N ASN B 607 7.77 36.13 -35.07
CA ASN B 607 6.56 36.89 -35.24
C ASN B 607 5.39 35.98 -35.62
N ARG B 608 5.67 35.04 -36.49
CA ARG B 608 4.67 34.11 -36.95
C ARG B 608 4.10 33.28 -35.80
N ILE B 609 4.94 32.75 -34.93
CA ILE B 609 4.44 31.75 -33.97
C ILE B 609 3.86 32.39 -32.71
N ASP B 610 4.13 33.67 -32.49
CA ASP B 610 3.39 34.41 -31.46
C ASP B 610 3.58 33.76 -30.09
N GLY B 611 4.84 33.48 -29.70
CA GLY B 611 5.12 32.98 -28.35
C GLY B 611 4.86 31.49 -28.12
N LYS B 612 4.54 30.70 -29.16
CA LYS B 612 4.22 29.27 -29.01
C LYS B 612 4.80 28.36 -30.06
N GLN B 613 5.31 27.19 -29.62
CA GLN B 613 5.86 26.21 -30.53
C GLN B 613 5.51 24.84 -30.04
N GLU B 614 5.16 23.95 -30.95
CA GLU B 614 4.97 22.56 -30.65
C GLU B 614 6.04 21.77 -31.39
N VAL B 615 6.60 20.74 -30.74
CA VAL B 615 7.58 19.84 -31.33
C VAL B 615 7.08 18.44 -31.05
N MET B 616 7.21 17.52 -32.01
CA MET B 616 6.77 16.15 -31.81
C MET B 616 7.93 15.22 -31.63
N ILE B 617 7.80 14.26 -30.71
CA ILE B 617 8.74 13.16 -30.56
C ILE B 617 8.01 11.85 -30.87
N GLY B 618 8.73 10.89 -31.42
CA GLY B 618 8.17 9.58 -31.72
C GLY B 618 9.00 8.48 -31.10
N TYR B 619 8.54 7.98 -29.94
CA TYR B 619 9.27 6.90 -29.26
C TYR B 619 9.58 5.71 -30.13
N SER B 620 8.58 5.18 -30.80
CA SER B 620 8.80 3.96 -31.67
C SER B 620 9.68 4.25 -32.85
N ASP B 621 9.57 5.44 -33.39
CA ASP B 621 10.48 5.90 -34.47
C ASP B 621 11.98 5.91 -34.04
N SER B 622 12.24 6.54 -32.91
CA SER B 622 13.56 6.67 -32.37
C SER B 622 14.11 5.37 -31.93
N GLY B 623 13.24 4.53 -31.40
CA GLY B 623 13.61 3.18 -31.01
C GLY B 623 13.96 2.25 -32.16
N LYS B 624 13.32 2.43 -33.31
CA LYS B 624 13.71 1.67 -34.51
C LYS B 624 15.13 2.06 -34.94
N ASP B 625 15.52 3.33 -34.77
CA ASP B 625 16.81 3.76 -35.18
C ASP B 625 17.96 3.29 -34.26
N ALA B 626 17.70 3.24 -32.96
CA ALA B 626 18.76 3.18 -31.96
C ALA B 626 18.54 2.22 -30.81
N GLY B 627 17.39 1.57 -30.81
CA GLY B 627 17.03 0.68 -29.75
C GLY B 627 16.22 1.48 -28.79
N ARG B 628 15.30 0.83 -28.08
CA ARG B 628 14.30 1.55 -27.21
C ARG B 628 14.94 2.16 -25.93
N PHE B 629 15.92 1.49 -25.37
CA PHE B 629 16.62 2.02 -24.22
C PHE B 629 17.24 3.38 -24.53
N SER B 630 17.98 3.45 -25.62
CA SER B 630 18.68 4.70 -25.94
C SER B 630 17.76 5.77 -26.45
N ALA B 631 16.70 5.36 -27.12
CA ALA B 631 15.71 6.34 -27.51
C ALA B 631 15.05 6.91 -26.31
N ALA B 632 14.76 6.07 -25.33
CA ALA B 632 14.07 6.62 -24.13
C ALA B 632 14.96 7.69 -23.45
N TRP B 633 16.21 7.39 -23.28
CA TRP B 633 17.08 8.28 -22.54
C TRP B 633 17.33 9.49 -23.39
N GLN B 634 17.58 9.32 -24.69
CA GLN B 634 17.82 10.48 -25.50
C GLN B 634 16.60 11.42 -25.56
N LEU B 635 15.42 10.86 -25.63
CA LEU B 635 14.20 11.69 -25.60
C LEU B 635 14.02 12.44 -24.27
N TYR B 636 14.38 11.82 -23.15
CA TYR B 636 14.39 12.55 -21.91
C TYR B 636 15.31 13.77 -22.04
N LYS B 637 16.54 13.56 -22.52
CA LYS B 637 17.54 14.69 -22.63
C LYS B 637 17.16 15.71 -23.64
N THR B 638 16.65 15.30 -24.79
CA THR B 638 16.29 16.27 -25.82
C THR B 638 15.11 17.16 -25.33
N GLN B 639 14.13 16.57 -24.67
CA GLN B 639 13.07 17.37 -24.08
C GLN B 639 13.59 18.39 -23.05
N GLU B 640 14.50 17.98 -22.18
CA GLU B 640 15.11 18.96 -21.27
C GLU B 640 15.73 20.13 -22.04
N GLN B 641 16.49 19.78 -23.06
CA GLN B 641 17.28 20.80 -23.79
C GLN B 641 16.35 21.72 -24.56
N ILE B 642 15.33 21.15 -25.19
CA ILE B 642 14.36 22.07 -25.89
C ILE B 642 13.55 22.97 -24.98
N VAL B 643 13.20 22.45 -23.79
CA VAL B 643 12.50 23.23 -22.84
C VAL B 643 13.35 24.46 -22.44
N LYS B 644 14.63 24.25 -22.24
CA LYS B 644 15.51 25.33 -21.82
C LYS B 644 15.69 26.36 -22.90
N ILE B 645 15.85 25.87 -24.11
CA ILE B 645 15.93 26.80 -25.22
C ILE B 645 14.66 27.63 -25.43
N ALA B 646 13.51 26.97 -25.32
CA ALA B 646 12.27 27.74 -25.36
C ALA B 646 12.19 28.83 -24.30
N LYS B 647 12.53 28.47 -23.07
CA LYS B 647 12.52 29.49 -21.98
C LYS B 647 13.37 30.67 -22.32
N GLU B 648 14.57 30.39 -22.76
CA GLU B 648 15.52 31.43 -23.07
C GLU B 648 14.95 32.36 -24.09
N PHE B 649 14.20 31.84 -25.08
CA PHE B 649 13.64 32.70 -26.14
C PHE B 649 12.25 33.20 -25.80
N GLY B 650 11.78 32.95 -24.59
CA GLY B 650 10.41 33.38 -24.21
C GLY B 650 9.30 32.74 -25.01
N VAL B 651 9.52 31.51 -25.44
CA VAL B 651 8.49 30.76 -26.14
C VAL B 651 7.91 29.65 -25.28
N LYS B 652 6.59 29.49 -25.33
CA LYS B 652 5.94 28.39 -24.65
C LYS B 652 5.99 27.12 -25.56
N LEU B 653 6.43 26.04 -25.01
CA LEU B 653 6.69 24.81 -25.77
C LEU B 653 5.70 23.76 -25.41
N VAL B 654 5.09 23.14 -26.41
CA VAL B 654 4.35 21.92 -26.23
C VAL B 654 5.07 20.76 -26.85
N ILE B 655 5.21 19.67 -26.11
CA ILE B 655 5.80 18.46 -26.64
C ILE B 655 4.70 17.53 -26.96
N PHE B 656 4.57 17.18 -28.24
CA PHE B 656 3.54 16.23 -28.68
C PHE B 656 4.12 14.83 -28.67
N HIS B 657 3.58 14.01 -27.78
CA HIS B 657 3.96 12.64 -27.64
C HIS B 657 3.38 11.74 -28.69
N GLY B 658 4.23 11.25 -29.57
CA GLY B 658 3.82 10.26 -30.59
C GLY B 658 3.70 8.91 -29.96
N ARG B 659 3.47 7.91 -30.76
CA ARG B 659 3.25 6.62 -30.21
C ARG B 659 4.50 5.93 -29.60
N GLY B 660 4.25 4.94 -28.75
CA GLY B 660 5.29 3.98 -28.31
C GLY B 660 5.86 4.33 -26.94
N GLY B 661 5.43 5.41 -26.35
CA GLY B 661 5.97 5.80 -25.04
C GLY B 661 5.15 5.22 -23.86
N THR B 662 5.72 5.32 -22.66
CA THR B 662 5.03 4.90 -21.46
C THR B 662 3.74 5.66 -21.29
N VAL B 663 3.69 6.91 -21.77
CA VAL B 663 2.44 7.65 -21.75
C VAL B 663 1.35 7.15 -22.71
N GLY B 664 1.67 6.30 -23.68
CA GLY B 664 0.60 5.72 -24.51
C GLY B 664 0.07 4.38 -23.99
N ARG B 665 0.47 3.91 -22.79
CA ARG B 665 -0.05 2.63 -22.29
C ARG B 665 -1.55 2.60 -22.02
N GLY B 666 -2.07 3.68 -21.55
CA GLY B 666 -3.46 3.64 -21.03
C GLY B 666 -3.59 2.95 -19.68
N GLY B 667 -4.68 3.18 -19.00
CA GLY B 667 -4.86 2.70 -17.62
C GLY B 667 -3.95 3.44 -16.66
N GLY B 668 -3.86 2.93 -15.45
CA GLY B 668 -3.07 3.60 -14.42
C GLY B 668 -1.65 3.87 -14.83
N PRO B 669 -1.06 2.96 -15.60
CA PRO B 669 0.35 3.24 -15.90
C PRO B 669 0.59 4.57 -16.59
N THR B 670 -0.42 5.05 -17.31
CA THR B 670 -0.34 6.34 -17.94
C THR B 670 -0.24 7.44 -16.94
N HIS B 671 -0.86 7.24 -15.80
CA HIS B 671 -0.85 8.30 -14.78
C HIS B 671 0.60 8.57 -14.32
N LEU B 672 1.29 7.52 -13.90
CA LEU B 672 2.65 7.72 -13.46
C LEU B 672 3.57 8.14 -14.61
N ALA B 673 3.37 7.54 -15.82
CA ALA B 673 4.12 7.98 -16.94
C ALA B 673 4.07 9.49 -17.09
N LEU B 674 2.87 10.08 -16.99
CA LEU B 674 2.76 11.53 -17.20
C LEU B 674 3.58 12.24 -16.11
N LEU B 675 3.45 11.82 -14.85
CA LEU B 675 4.11 12.43 -13.76
C LEU B 675 5.64 12.31 -13.84
N SER B 676 6.12 11.32 -14.60
CA SER B 676 7.57 11.06 -14.84
C SER B 676 8.31 11.94 -15.82
N GLN B 677 7.54 12.71 -16.57
CA GLN B 677 8.10 13.65 -17.52
C GLN B 677 9.10 14.55 -16.91
N PRO B 678 10.11 14.92 -17.70
CA PRO B 678 11.11 15.84 -17.22
C PRO B 678 10.43 17.12 -16.82
N PRO B 679 11.00 17.81 -15.82
CA PRO B 679 10.35 19.06 -15.33
C PRO B 679 10.10 20.07 -16.41
N ASP B 680 8.96 20.78 -16.27
CA ASP B 680 8.50 21.83 -17.17
C ASP B 680 8.21 21.39 -18.60
N THR B 681 8.16 20.10 -18.89
CA THR B 681 7.87 19.69 -20.25
C THR B 681 6.37 19.67 -20.51
N ILE B 682 5.55 19.76 -19.47
CA ILE B 682 4.11 19.84 -19.66
C ILE B 682 3.67 21.28 -19.60
N ASN B 683 3.95 21.93 -18.47
CA ASN B 683 3.66 23.32 -18.29
C ASN B 683 2.26 23.72 -18.76
N GLY B 684 1.26 23.01 -18.30
CA GLY B 684 -0.11 23.41 -18.53
C GLY B 684 -0.73 22.94 -19.82
N SER B 685 0.03 22.30 -20.71
CA SER B 685 -0.44 21.88 -22.00
C SER B 685 0.10 20.49 -22.38
N LEU B 686 -0.78 19.53 -22.36
CA LEU B 686 -0.45 18.15 -22.69
C LEU B 686 -1.00 17.86 -24.07
N ARG B 687 -0.19 17.22 -24.90
CA ARG B 687 -0.67 16.70 -26.16
C ARG B 687 -0.11 15.33 -26.34
N VAL B 688 -0.96 14.31 -26.44
CA VAL B 688 -0.51 12.87 -26.50
C VAL B 688 -1.35 12.11 -27.51
N THR B 689 -0.74 11.11 -28.08
CA THR B 689 -1.37 10.21 -28.99
C THR B 689 -2.13 9.15 -28.22
N VAL B 690 -3.41 8.95 -28.53
CA VAL B 690 -4.08 7.76 -28.07
C VAL B 690 -4.04 6.76 -29.22
N GLN B 691 -3.21 5.72 -29.07
CA GLN B 691 -2.96 4.76 -30.11
C GLN B 691 -4.21 3.96 -30.36
N GLY B 692 -4.45 3.64 -31.63
CA GLY B 692 -5.61 2.87 -32.07
C GLY B 692 -5.72 1.57 -31.36
N GLU B 693 -4.62 0.99 -30.96
CA GLU B 693 -4.79 -0.32 -30.33
C GLU B 693 -5.09 -0.20 -28.80
N VAL B 694 -5.22 1.04 -28.33
CA VAL B 694 -5.42 1.29 -26.89
C VAL B 694 -6.83 1.90 -26.70
N ILE B 695 -7.43 2.40 -27.76
CA ILE B 695 -8.66 3.20 -27.69
C ILE B 695 -9.75 2.41 -27.02
N GLU B 696 -9.92 1.13 -27.38
CA GLU B 696 -10.93 0.26 -26.81
C GLU B 696 -10.82 0.18 -25.28
N GLN B 697 -9.62 0.01 -24.77
CA GLN B 697 -9.39 -0.09 -23.30
C GLN B 697 -9.60 1.30 -22.62
N SER B 698 -9.20 2.34 -23.29
CA SER B 698 -9.23 3.67 -22.70
C SER B 698 -10.66 4.26 -22.65
N PHE B 699 -11.46 3.95 -23.67
CA PHE B 699 -12.73 4.63 -23.88
C PHE B 699 -13.93 3.78 -24.14
N GLY B 700 -13.76 2.44 -24.27
CA GLY B 700 -14.93 1.59 -24.51
C GLY B 700 -15.97 1.44 -23.43
N GLU B 701 -15.55 1.34 -22.19
CA GLU B 701 -16.48 1.17 -21.09
C GLU B 701 -16.56 2.55 -20.44
N GLU B 702 -17.71 2.96 -20.02
CA GLU B 702 -17.87 4.33 -19.52
C GLU B 702 -17.09 4.73 -18.26
N HIS B 703 -16.90 3.80 -17.32
CA HIS B 703 -16.10 4.09 -16.16
C HIS B 703 -14.66 4.28 -16.55
N LEU B 704 -14.17 3.45 -17.48
CA LEU B 704 -12.78 3.58 -17.90
C LEU B 704 -12.59 4.86 -18.69
N CYS B 705 -13.63 5.23 -19.43
CA CYS B 705 -13.55 6.46 -20.22
C CYS B 705 -13.41 7.61 -19.23
N PHE B 706 -14.26 7.62 -18.23
CA PHE B 706 -14.17 8.70 -17.19
C PHE B 706 -12.76 8.75 -16.53
N ARG B 707 -12.21 7.58 -16.19
CA ARG B 707 -10.97 7.51 -15.42
C ARG B 707 -9.76 7.85 -16.31
N THR B 708 -9.91 7.60 -17.60
CA THR B 708 -8.91 8.05 -18.57
C THR B 708 -8.88 9.59 -18.64
N LEU B 709 -10.02 10.21 -18.82
CA LEU B 709 -10.04 11.68 -18.89
C LEU B 709 -9.48 12.26 -17.61
N GLN B 710 -9.87 11.66 -16.49
CA GLN B 710 -9.46 12.11 -15.16
C GLN B 710 -7.94 12.06 -14.95
N ARG B 711 -7.29 10.95 -15.30
CA ARG B 711 -5.85 10.82 -15.02
C ARG B 711 -5.04 11.76 -15.94
N PHE B 712 -5.45 11.92 -17.16
CA PHE B 712 -4.86 12.97 -18.01
C PHE B 712 -4.95 14.37 -17.41
N CYS B 713 -6.15 14.77 -16.97
CA CYS B 713 -6.32 16.09 -16.41
C CYS B 713 -5.58 16.18 -15.07
N ALA B 714 -5.61 15.14 -14.20
CA ALA B 714 -5.00 15.24 -12.90
C ALA B 714 -3.51 15.27 -12.99
N ALA B 715 -2.94 14.43 -13.81
CA ALA B 715 -1.47 14.35 -13.91
C ALA B 715 -0.90 15.58 -14.54
N THR B 716 -1.57 16.05 -15.59
CA THR B 716 -1.12 17.27 -16.25
C THR B 716 -1.06 18.38 -15.22
N LEU B 717 -2.14 18.50 -14.43
CA LEU B 717 -2.18 19.55 -13.41
C LEU B 717 -1.07 19.42 -12.39
N GLU B 718 -0.89 18.20 -11.87
CA GLU B 718 0.08 17.98 -10.83
C GLU B 718 1.52 18.27 -11.26
N HIS B 719 1.84 17.83 -12.45
CA HIS B 719 3.20 17.84 -12.89
C HIS B 719 3.88 19.23 -12.91
N GLY B 720 3.17 20.20 -13.45
CA GLY B 720 3.62 21.56 -13.51
C GLY B 720 3.85 22.17 -12.15
N MET B 721 3.25 21.60 -11.10
CA MET B 721 3.45 22.10 -9.73
C MET B 721 4.23 21.11 -8.89
N ASN B 722 4.53 19.92 -9.40
CA ASN B 722 5.21 18.89 -8.63
C ASN B 722 6.05 17.98 -9.53
N PRO B 723 7.10 18.51 -10.15
CA PRO B 723 7.97 17.76 -11.03
C PRO B 723 8.62 16.54 -10.33
N PRO B 724 8.90 15.46 -11.05
CA PRO B 724 9.63 14.38 -10.41
C PRO B 724 11.06 14.85 -10.05
N ILE B 725 11.77 14.08 -9.25
CA ILE B 725 13.16 14.36 -8.93
C ILE B 725 13.98 14.35 -10.19
N SER B 726 14.94 15.22 -10.25
CA SER B 726 15.82 15.22 -11.40
C SER B 726 16.88 14.20 -11.07
N PRO B 727 17.45 13.57 -12.08
CA PRO B 727 18.38 12.50 -11.78
C PRO B 727 19.72 12.93 -11.19
N ARG B 728 20.28 12.06 -10.36
CA ARG B 728 21.60 12.24 -9.82
C ARG B 728 22.62 12.19 -10.93
N PRO B 729 23.73 12.92 -10.75
CA PRO B 729 24.74 12.95 -11.79
C PRO B 729 25.31 11.57 -12.10
N GLU B 730 25.55 10.76 -11.07
CA GLU B 730 25.99 9.38 -11.28
C GLU B 730 25.01 8.62 -12.16
N TRP B 731 23.72 8.88 -11.97
CA TRP B 731 22.67 8.21 -12.79
C TRP B 731 22.71 8.66 -14.26
N ARG B 732 22.82 9.96 -14.50
CA ARG B 732 23.01 10.41 -15.90
C ARG B 732 24.17 9.73 -16.54
N GLU B 733 25.30 9.71 -15.81
CA GLU B 733 26.51 9.19 -16.44
C GLU B 733 26.35 7.71 -16.79
N LEU B 734 25.83 6.93 -15.88
CA LEU B 734 25.59 5.55 -16.15
C LEU B 734 24.57 5.39 -17.28
N MET B 735 23.49 6.18 -17.28
CA MET B 735 22.57 6.15 -18.43
C MET B 735 23.30 6.42 -19.75
N ASP B 736 24.15 7.43 -19.78
CA ASP B 736 24.91 7.74 -21.04
C ASP B 736 25.76 6.54 -21.47
N GLN B 737 26.49 5.94 -20.51
CA GLN B 737 27.32 4.80 -20.80
C GLN B 737 26.48 3.66 -21.29
N MET B 738 25.34 3.42 -20.64
CA MET B 738 24.49 2.27 -21.01
C MET B 738 23.90 2.45 -22.43
N ALA B 739 23.57 3.69 -22.79
CA ALA B 739 23.03 3.97 -24.10
C ALA B 739 24.01 3.67 -25.22
N VAL B 740 25.30 3.98 -25.02
CA VAL B 740 26.30 3.74 -26.07
C VAL B 740 26.30 2.23 -26.34
N VAL B 741 26.29 1.45 -25.27
CA VAL B 741 26.33 -0.02 -25.40
C VAL B 741 25.03 -0.58 -25.98
N ALA B 742 23.89 -0.04 -25.51
CA ALA B 742 22.61 -0.53 -25.99
C ALA B 742 22.43 -0.31 -27.51
N THR B 743 22.69 0.88 -27.92
CA THR B 743 22.69 1.25 -29.33
C THR B 743 23.59 0.38 -30.15
N GLU B 744 24.82 0.13 -29.65
CA GLU B 744 25.76 -0.71 -30.38
C GLU B 744 25.23 -2.14 -30.52
N GLU B 745 24.64 -2.68 -29.48
CA GLU B 745 24.10 -4.02 -29.61
C GLU B 745 22.89 -4.01 -30.55
N TYR B 746 21.98 -3.08 -30.34
CA TYR B 746 20.78 -3.03 -31.22
C TYR B 746 21.15 -2.89 -32.68
N ARG B 747 22.04 -1.94 -32.99
CA ARG B 747 22.44 -1.69 -34.36
C ARG B 747 23.30 -2.79 -34.96
N SER B 748 24.05 -3.55 -34.16
CA SER B 748 24.86 -4.61 -34.78
C SER B 748 24.00 -5.80 -35.15
N VAL B 749 22.97 -6.09 -34.39
CA VAL B 749 21.96 -7.08 -34.79
C VAL B 749 21.08 -6.62 -35.93
N VAL B 750 20.53 -5.42 -35.84
CA VAL B 750 19.45 -5.00 -36.75
C VAL B 750 19.99 -4.47 -38.08
N PHE B 751 21.08 -3.72 -38.05
CA PHE B 751 21.61 -3.10 -39.25
C PHE B 751 22.87 -3.71 -39.80
N LYS B 752 23.76 -4.23 -38.97
CA LYS B 752 25.05 -4.67 -39.45
C LYS B 752 25.11 -6.16 -39.73
N GLU B 753 24.37 -7.01 -39.04
CA GLU B 753 24.26 -8.44 -39.41
C GLU B 753 23.68 -8.65 -40.82
N PRO B 754 24.49 -9.02 -41.77
CA PRO B 754 23.95 -9.06 -43.14
C PRO B 754 22.76 -9.99 -43.38
N ARG B 755 22.47 -10.93 -42.49
CA ARG B 755 21.33 -11.77 -42.68
C ARG B 755 20.16 -11.50 -41.73
N PHE B 756 20.19 -10.37 -41.04
CA PHE B 756 19.09 -10.07 -40.17
C PHE B 756 17.83 -9.88 -40.99
N VAL B 757 17.92 -9.16 -42.08
CA VAL B 757 16.75 -8.90 -42.86
C VAL B 757 16.11 -10.17 -43.36
N GLU B 758 16.93 -11.07 -43.86
CA GLU B 758 16.44 -12.36 -44.33
C GLU B 758 15.80 -13.19 -43.20
N TYR B 759 16.37 -13.12 -42.01
CA TYR B 759 15.83 -13.88 -40.89
C TYR B 759 14.47 -13.30 -40.47
N PHE B 760 14.39 -11.97 -40.42
CA PHE B 760 13.15 -11.21 -40.17
C PHE B 760 12.00 -11.53 -41.15
N ARG B 761 12.31 -11.59 -42.41
CA ARG B 761 11.33 -12.02 -43.41
C ARG B 761 10.87 -13.44 -43.28
N LEU B 762 11.64 -14.32 -42.69
CA LEU B 762 11.18 -15.69 -42.56
C LEU B 762 10.49 -15.86 -41.23
N ALA B 763 11.03 -15.28 -40.17
CA ALA B 763 10.55 -15.58 -38.83
C ALA B 763 9.26 -14.84 -38.47
N THR B 764 8.92 -13.80 -39.22
CA THR B 764 7.75 -12.97 -38.92
C THR B 764 6.85 -12.90 -40.11
N PRO B 765 5.61 -12.47 -39.93
CA PRO B 765 4.69 -12.26 -41.05
C PRO B 765 4.80 -10.88 -41.67
N GLU B 766 5.92 -10.22 -41.44
CA GLU B 766 6.14 -8.90 -41.94
C GLU B 766 5.79 -8.70 -43.42
N LEU B 767 6.21 -9.62 -44.30
CA LEU B 767 6.02 -9.43 -45.72
C LEU B 767 4.55 -9.50 -46.07
N GLU B 768 3.83 -10.35 -45.35
CA GLU B 768 2.44 -10.61 -45.66
C GLU B 768 1.60 -9.44 -45.18
N PHE B 769 1.91 -8.92 -44.02
CA PHE B 769 1.29 -7.69 -43.53
C PHE B 769 1.45 -6.58 -44.56
N GLY B 770 2.67 -6.38 -45.06
CA GLY B 770 2.97 -5.34 -46.03
C GLY B 770 2.24 -5.45 -47.36
N ARG B 771 1.93 -6.64 -47.84
CA ARG B 771 1.20 -6.70 -49.09
C ARG B 771 -0.30 -6.76 -48.82
N LYS B 772 -0.80 -6.02 -47.81
CA LYS B 772 -2.26 -5.91 -47.61
C LYS B 772 -2.75 -4.47 -47.29
N GLY B 785 15.46 -0.72 -49.15
CA GLY B 785 16.37 -0.07 -48.17
C GLY B 785 16.34 -0.57 -46.72
N GLY B 786 15.92 -1.84 -46.51
CA GLY B 786 16.06 -2.53 -45.23
C GLY B 786 15.12 -2.06 -44.11
N ILE B 787 15.52 -2.27 -42.88
CA ILE B 787 14.74 -1.90 -41.72
C ILE B 787 14.57 -0.38 -41.60
N GLU B 788 15.59 0.34 -42.05
CA GLU B 788 15.64 1.76 -41.95
C GLU B 788 14.49 2.38 -42.71
N SER B 789 14.13 1.80 -43.84
CA SER B 789 13.05 2.36 -44.62
C SER B 789 11.74 1.63 -44.29
N LEU B 790 11.79 0.59 -43.46
CA LEU B 790 10.57 0.03 -42.92
C LEU B 790 10.00 1.02 -41.88
N ARG B 791 8.69 1.24 -41.91
CA ARG B 791 8.01 2.09 -40.94
C ARG B 791 7.90 1.46 -39.55
N ALA B 792 7.84 2.31 -38.54
CA ALA B 792 7.84 1.85 -37.18
C ALA B 792 6.66 0.91 -36.82
N ILE B 793 5.47 1.12 -37.36
CA ILE B 793 4.34 0.27 -36.94
C ILE B 793 4.49 -1.17 -37.43
N PRO B 794 4.86 -1.38 -38.71
CA PRO B 794 5.16 -2.79 -39.20
C PRO B 794 6.32 -3.45 -38.49
N TRP B 795 7.32 -2.68 -38.14
CA TRP B 795 8.43 -3.21 -37.35
C TRP B 795 7.91 -3.74 -36.03
N ILE B 796 7.20 -2.89 -35.26
CA ILE B 796 6.73 -3.35 -33.95
C ILE B 796 5.70 -4.49 -34.14
N PHE B 797 4.79 -4.29 -35.06
CA PHE B 797 3.68 -5.22 -35.23
C PHE B 797 4.14 -6.68 -35.60
N SER B 798 5.10 -6.77 -36.50
CA SER B 798 5.61 -8.06 -37.00
C SER B 798 6.20 -8.92 -35.90
N TRP B 799 6.92 -8.31 -34.97
CA TRP B 799 7.56 -9.02 -33.90
C TRP B 799 6.59 -9.28 -32.73
N THR B 800 5.57 -8.45 -32.62
CA THR B 800 4.51 -8.65 -31.64
C THR B 800 3.71 -9.87 -32.01
N GLN B 801 3.47 -10.01 -33.29
CA GLN B 801 2.74 -11.17 -33.79
C GLN B 801 3.39 -12.49 -33.39
N THR B 802 4.73 -12.57 -33.36
CA THR B 802 5.39 -13.87 -33.02
C THR B 802 5.64 -14.07 -31.51
N ARG B 803 5.14 -13.13 -30.73
CA ARG B 803 5.32 -13.08 -29.29
C ARG B 803 6.72 -12.91 -28.85
N PHE B 804 7.55 -12.32 -29.71
CA PHE B 804 8.97 -12.22 -29.45
C PHE B 804 9.36 -10.79 -29.03
N HIS B 805 8.80 -9.78 -29.69
CA HIS B 805 8.91 -8.38 -29.27
C HIS B 805 10.33 -7.85 -29.26
N LEU B 806 11.18 -8.35 -30.17
CA LEU B 806 12.55 -7.83 -30.26
C LEU B 806 12.71 -6.28 -30.23
N PRO B 807 11.82 -5.51 -30.91
CA PRO B 807 12.01 -4.08 -30.98
C PRO B 807 11.92 -3.40 -29.63
N VAL B 808 11.31 -4.02 -28.64
CA VAL B 808 11.11 -3.40 -27.36
C VAL B 808 12.29 -3.60 -26.44
N TRP B 809 12.84 -4.81 -26.37
CA TRP B 809 13.86 -5.14 -25.40
C TRP B 809 15.30 -5.18 -25.91
N LEU B 810 15.50 -5.27 -27.20
CA LEU B 810 16.84 -5.49 -27.69
C LEU B 810 17.69 -4.26 -27.38
N GLY B 811 18.83 -4.50 -26.73
CA GLY B 811 19.75 -3.49 -26.31
C GLY B 811 19.76 -3.32 -24.79
N PHE B 812 18.64 -3.58 -24.14
CA PHE B 812 18.61 -3.50 -22.65
C PHE B 812 19.58 -4.48 -22.01
N GLY B 813 19.66 -5.67 -22.58
CA GLY B 813 20.54 -6.71 -22.08
C GLY B 813 22.00 -6.33 -22.02
N ALA B 814 22.53 -5.84 -23.11
CA ALA B 814 23.94 -5.44 -23.13
C ALA B 814 24.16 -4.28 -22.19
N ALA B 815 23.22 -3.34 -22.18
CA ALA B 815 23.32 -2.23 -21.30
C ALA B 815 23.46 -2.71 -19.86
N PHE B 816 22.56 -3.58 -19.45
CA PHE B 816 22.58 -4.06 -18.04
C PHE B 816 23.82 -4.85 -17.68
N LYS B 817 24.15 -5.81 -18.54
CA LYS B 817 25.28 -6.61 -18.32
C LYS B 817 26.53 -5.81 -18.28
N HIS B 818 26.70 -4.93 -19.24
CA HIS B 818 27.93 -4.16 -19.24
C HIS B 818 28.02 -3.29 -17.96
N ALA B 819 26.93 -2.62 -17.61
CA ALA B 819 26.96 -1.83 -16.40
C ALA B 819 27.33 -2.63 -15.12
N ILE B 820 26.72 -3.80 -14.96
CA ILE B 820 26.91 -4.66 -13.78
C ILE B 820 28.33 -5.23 -13.73
N GLN B 821 28.82 -5.74 -14.87
CA GLN B 821 30.20 -6.23 -14.99
C GLN B 821 31.29 -5.18 -14.89
N LYS B 822 31.01 -3.94 -15.27
CA LYS B 822 32.03 -2.92 -15.16
C LYS B 822 32.25 -2.58 -13.69
N ASP B 823 31.19 -2.62 -12.91
CA ASP B 823 31.25 -2.31 -11.52
C ASP B 823 30.04 -2.91 -10.77
N SER B 824 30.31 -3.87 -9.89
CA SER B 824 29.25 -4.61 -9.20
C SER B 824 28.27 -3.69 -8.48
N LYS B 825 28.78 -2.58 -7.93
CA LYS B 825 27.94 -1.51 -7.37
C LYS B 825 26.84 -0.98 -8.31
N ASN B 826 26.99 -1.14 -9.60
CA ASN B 826 25.98 -0.62 -10.50
C ASN B 826 24.67 -1.36 -10.37
N LEU B 827 24.69 -2.61 -9.89
CA LEU B 827 23.41 -3.32 -9.72
C LEU B 827 22.55 -2.58 -8.72
N GLN B 828 23.18 -2.17 -7.60
CA GLN B 828 22.49 -1.41 -6.57
C GLN B 828 22.10 -0.03 -7.07
N MET B 829 22.97 0.64 -7.83
CA MET B 829 22.60 1.93 -8.34
C MET B 829 21.33 1.82 -9.23
N LEU B 830 21.30 0.81 -10.09
CA LEU B 830 20.15 0.56 -10.96
C LEU B 830 18.88 0.23 -10.20
N GLN B 831 19.02 -0.52 -9.11
CA GLN B 831 17.87 -0.84 -8.28
C GLN B 831 17.37 0.42 -7.60
N GLU B 832 18.28 1.29 -7.17
CA GLU B 832 17.87 2.54 -6.56
C GLU B 832 17.15 3.43 -7.59
N MET B 833 17.61 3.42 -8.83
CA MET B 833 16.97 4.15 -9.88
C MET B 833 15.56 3.60 -10.11
N TYR B 834 15.42 2.28 -10.14
CA TYR B 834 14.10 1.68 -10.31
C TYR B 834 13.13 2.09 -9.18
N LYS B 835 13.61 2.14 -7.96
CA LYS B 835 12.79 2.40 -6.83
C LYS B 835 12.46 3.87 -6.69
N THR B 836 13.35 4.72 -7.16
CA THR B 836 13.34 6.12 -6.81
C THR B 836 13.14 7.11 -7.95
N TRP B 837 13.39 6.70 -9.18
CA TRP B 837 13.45 7.64 -10.29
C TRP B 837 12.27 7.31 -11.20
N PRO B 838 11.24 8.15 -11.19
CA PRO B 838 10.06 7.72 -11.93
C PRO B 838 10.30 7.38 -13.39
N PHE B 839 11.09 8.17 -14.11
CA PHE B 839 11.39 7.80 -15.51
C PHE B 839 11.90 6.40 -15.62
N PHE B 840 12.80 6.01 -14.73
CA PHE B 840 13.44 4.74 -14.91
C PHE B 840 12.39 3.67 -14.56
N ARG B 841 11.68 3.88 -13.47
CA ARG B 841 10.66 2.97 -13.10
C ARG B 841 9.71 2.73 -14.25
N VAL B 842 9.13 3.80 -14.83
CA VAL B 842 8.13 3.52 -15.87
C VAL B 842 8.71 2.87 -17.11
N THR B 843 9.98 3.15 -17.39
CA THR B 843 10.61 2.68 -18.65
C THR B 843 10.80 1.16 -18.47
N ILE B 844 11.24 0.74 -17.27
CA ILE B 844 11.37 -0.70 -17.02
C ILE B 844 10.02 -1.40 -17.00
N ASP B 845 9.02 -0.81 -16.37
CA ASP B 845 7.72 -1.43 -16.27
C ASP B 845 7.13 -1.73 -17.60
N LEU B 846 7.32 -0.85 -18.57
CA LEU B 846 6.72 -1.08 -19.90
C LEU B 846 7.38 -2.31 -20.53
N VAL B 847 8.72 -2.36 -20.48
CA VAL B 847 9.42 -3.59 -20.96
C VAL B 847 9.02 -4.86 -20.24
N GLU B 848 8.80 -4.78 -18.93
CA GLU B 848 8.39 -5.92 -18.19
C GLU B 848 6.99 -6.41 -18.62
N MET B 849 6.07 -5.49 -18.83
CA MET B 849 4.73 -5.85 -19.37
C MET B 849 4.87 -6.59 -20.71
N VAL B 850 5.76 -6.11 -21.57
CA VAL B 850 5.99 -6.73 -22.88
C VAL B 850 6.59 -8.14 -22.75
N PHE B 851 7.55 -8.33 -21.85
CA PHE B 851 7.98 -9.68 -21.50
C PHE B 851 6.83 -10.59 -21.02
N ALA B 852 5.93 -10.06 -20.22
CA ALA B 852 4.79 -10.86 -19.79
C ALA B 852 3.89 -11.29 -21.01
N LYS B 853 3.86 -10.52 -22.07
CA LYS B 853 3.15 -10.89 -23.26
C LYS B 853 3.99 -11.71 -24.21
N GLY B 854 5.25 -12.02 -23.83
CA GLY B 854 6.15 -12.69 -24.72
C GLY B 854 6.17 -14.15 -24.45
N ASN B 855 6.48 -14.93 -25.47
CA ASN B 855 6.69 -16.35 -25.26
C ASN B 855 7.68 -16.85 -26.32
N PRO B 856 8.92 -17.00 -25.91
CA PRO B 856 9.94 -17.37 -26.88
C PRO B 856 9.71 -18.75 -27.52
N GLY B 857 8.94 -19.63 -26.88
CA GLY B 857 8.48 -20.91 -27.53
C GLY B 857 7.71 -20.74 -28.86
N ILE B 858 7.04 -19.60 -29.03
CA ILE B 858 6.32 -19.36 -30.25
C ILE B 858 7.34 -19.05 -31.32
N ALA B 859 8.28 -18.19 -30.95
CA ALA B 859 9.31 -17.85 -31.91
C ALA B 859 10.11 -19.09 -32.30
N ALA B 860 10.36 -20.02 -31.35
CA ALA B 860 11.08 -21.27 -31.69
C ALA B 860 10.27 -22.14 -32.66
N LEU B 861 8.98 -22.18 -32.48
CA LEU B 861 8.15 -22.97 -33.41
C LEU B 861 8.20 -22.33 -34.80
N ASN B 862 8.08 -21.02 -34.86
CA ASN B 862 8.23 -20.33 -36.14
C ASN B 862 9.60 -20.60 -36.82
N ASP B 863 10.67 -20.56 -36.04
CA ASP B 863 12.00 -20.88 -36.60
C ASP B 863 11.97 -22.26 -37.24
N LYS B 864 11.47 -23.24 -36.50
CA LYS B 864 11.41 -24.60 -37.01
C LYS B 864 10.55 -24.78 -38.28
N LEU B 865 9.43 -24.06 -38.37
CA LEU B 865 8.51 -24.16 -39.52
C LEU B 865 8.86 -23.29 -40.69
N LEU B 866 9.40 -22.13 -40.42
CA LEU B 866 9.52 -21.10 -41.43
C LEU B 866 10.93 -20.72 -41.81
N VAL B 867 11.90 -20.94 -40.96
CA VAL B 867 13.24 -20.39 -41.16
C VAL B 867 14.08 -21.50 -41.72
N SER B 868 14.98 -21.19 -42.65
CA SER B 868 15.85 -22.25 -43.19
C SER B 868 16.84 -22.69 -42.11
N GLU B 869 17.29 -23.93 -42.21
CA GLU B 869 18.18 -24.52 -41.24
C GLU B 869 19.44 -23.68 -40.88
N ASP B 870 20.05 -23.08 -41.88
CA ASP B 870 21.27 -22.31 -41.66
C ASP B 870 21.08 -21.04 -40.89
N LEU B 871 19.85 -20.55 -40.75
CA LEU B 871 19.60 -19.40 -39.92
C LEU B 871 19.09 -19.76 -38.54
N ARG B 872 18.74 -21.03 -38.31
CA ARG B 872 18.21 -21.40 -37.01
C ARG B 872 19.10 -21.09 -35.79
N PRO B 873 20.43 -21.05 -35.94
CA PRO B 873 21.32 -20.65 -34.82
C PRO B 873 21.29 -19.19 -34.52
N PHE B 874 21.15 -18.40 -35.55
CA PHE B 874 20.88 -17.02 -35.33
C PHE B 874 19.62 -16.80 -34.50
N GLY B 875 18.55 -17.52 -34.87
CA GLY B 875 17.27 -17.34 -34.14
C GLY B 875 17.47 -17.83 -32.70
N GLU B 876 18.16 -18.95 -32.53
CA GLU B 876 18.48 -19.38 -31.20
C GLU B 876 19.24 -18.34 -30.36
N SER B 877 20.22 -17.65 -30.93
CA SER B 877 21.02 -16.72 -30.16
C SER B 877 20.18 -15.52 -29.78
N LEU B 878 19.21 -15.13 -30.59
CA LEU B 878 18.28 -14.08 -30.19
C LEU B 878 17.46 -14.50 -29.03
N ARG B 879 17.01 -15.74 -29.04
CA ARG B 879 16.25 -16.23 -27.88
C ARG B 879 17.10 -16.25 -26.64
N ALA B 880 18.36 -16.64 -26.79
CA ALA B 880 19.24 -16.56 -25.61
C ALA B 880 19.36 -15.11 -25.07
N ASN B 881 19.34 -14.09 -25.95
CA ASN B 881 19.47 -12.68 -25.54
C ASN B 881 18.19 -12.24 -24.82
N TYR B 882 17.05 -12.69 -25.35
CA TYR B 882 15.76 -12.43 -24.72
C TYR B 882 15.73 -12.86 -23.27
N GLU B 883 16.11 -14.12 -23.07
CA GLU B 883 16.14 -14.71 -21.73
C GLU B 883 17.08 -13.92 -20.81
N GLU B 884 18.31 -13.71 -21.27
CA GLU B 884 19.26 -13.01 -20.45
C GLU B 884 18.77 -11.57 -20.15
N THR B 885 18.24 -10.87 -21.14
CA THR B 885 17.76 -9.54 -20.94
C THR B 885 16.61 -9.53 -19.91
N LYS B 886 15.66 -10.44 -20.04
CA LYS B 886 14.55 -10.56 -19.10
C LYS B 886 15.06 -10.79 -17.70
N ASN B 887 16.06 -11.64 -17.56
CA ASN B 887 16.57 -11.92 -16.23
C ASN B 887 17.30 -10.76 -15.61
N TYR B 888 18.08 -10.00 -16.36
CA TYR B 888 18.64 -8.75 -15.80
C TYR B 888 17.55 -7.78 -15.39
N LEU B 889 16.54 -7.61 -16.24
CA LEU B 889 15.46 -6.72 -15.87
C LEU B 889 14.78 -7.16 -14.57
N LEU B 890 14.48 -8.45 -14.43
CA LEU B 890 13.87 -8.95 -13.22
C LEU B 890 14.75 -8.61 -12.01
N LYS B 891 16.05 -8.82 -12.14
CA LYS B 891 16.96 -8.54 -11.06
C LYS B 891 16.96 -7.07 -10.68
N ILE B 892 16.94 -6.20 -11.67
CA ILE B 892 16.92 -4.78 -11.41
C ILE B 892 15.59 -4.31 -10.76
N ALA B 893 14.49 -4.92 -11.16
CA ALA B 893 13.20 -4.59 -10.61
C ALA B 893 12.94 -5.23 -9.29
N GLY B 894 13.74 -6.20 -8.90
CA GLY B 894 13.56 -6.83 -7.61
C GLY B 894 12.42 -7.81 -7.66
N HIS B 895 12.20 -8.43 -8.80
CA HIS B 895 11.11 -9.39 -8.95
C HIS B 895 11.66 -10.77 -9.24
N LYS B 896 11.08 -11.79 -8.60
CA LYS B 896 11.33 -13.19 -8.95
C LYS B 896 10.63 -13.52 -10.25
N ASP B 897 9.39 -13.06 -10.42
CA ASP B 897 8.55 -13.38 -11.56
C ASP B 897 8.12 -12.11 -12.31
N LEU B 898 7.77 -12.25 -13.58
CA LEU B 898 7.26 -11.12 -14.33
C LEU B 898 5.99 -10.52 -13.69
N LEU B 899 6.01 -9.22 -13.48
CA LEU B 899 4.88 -8.47 -13.04
C LEU B 899 4.46 -8.84 -11.65
N GLU B 900 5.40 -9.20 -10.77
CA GLU B 900 4.94 -9.45 -9.44
C GLU B 900 4.51 -8.15 -8.77
N GLY B 901 5.01 -7.02 -9.24
CA GLY B 901 4.38 -5.72 -8.93
C GLY B 901 2.84 -5.69 -9.12
N ASP B 902 2.32 -6.26 -10.21
CA ASP B 902 1.02 -5.89 -10.72
C ASP B 902 0.19 -7.14 -11.03
N PRO B 903 -0.24 -7.86 -10.01
CA PRO B 903 -0.89 -9.09 -10.26
C PRO B 903 -2.21 -8.99 -11.07
N TYR B 904 -2.91 -7.86 -11.01
CA TYR B 904 -4.19 -7.76 -11.78
C TYR B 904 -3.96 -7.69 -13.26
N LEU B 905 -2.91 -6.99 -13.64
CA LEU B 905 -2.46 -6.95 -15.02
C LEU B 905 -1.91 -8.29 -15.47
N LYS B 906 -1.15 -8.93 -14.62
CA LYS B 906 -0.65 -10.29 -14.98
C LYS B 906 -1.78 -11.26 -15.14
N GLN B 907 -2.77 -11.19 -14.24
CA GLN B 907 -3.92 -12.06 -14.38
C GLN B 907 -4.60 -11.87 -15.74
N GLY B 908 -4.77 -10.64 -16.21
CA GLY B 908 -5.52 -10.41 -17.48
C GLY B 908 -4.74 -10.99 -18.66
N ILE B 909 -3.44 -10.75 -18.66
CA ILE B 909 -2.57 -11.29 -19.68
C ILE B 909 -2.57 -12.82 -19.70
N ARG B 910 -2.51 -13.42 -18.54
CA ARG B 910 -2.49 -14.88 -18.51
C ARG B 910 -3.80 -15.44 -19.02
N LEU B 911 -4.95 -14.86 -18.63
CA LEU B 911 -6.21 -15.41 -19.11
C LEU B 911 -6.32 -15.38 -20.66
N ARG B 912 -5.68 -14.42 -21.30
CA ARG B 912 -5.77 -14.31 -22.74
C ARG B 912 -4.81 -15.27 -23.47
N ASP B 913 -3.71 -15.64 -22.81
CA ASP B 913 -2.65 -16.37 -23.45
C ASP B 913 -3.10 -17.63 -24.23
N PRO B 914 -3.95 -18.48 -23.69
CA PRO B 914 -4.24 -19.68 -24.47
C PRO B 914 -4.88 -19.34 -25.79
N TYR B 915 -5.70 -18.28 -25.82
CA TYR B 915 -6.42 -17.93 -27.06
C TYR B 915 -5.39 -17.44 -28.05
N ILE B 916 -4.49 -16.62 -27.57
CA ILE B 916 -3.51 -16.03 -28.47
C ILE B 916 -2.61 -17.16 -29.02
N THR B 917 -2.21 -18.04 -28.14
CA THR B 917 -1.35 -19.13 -28.54
C THR B 917 -1.95 -20.01 -29.64
N THR B 918 -3.23 -20.31 -29.52
CA THR B 918 -3.88 -21.05 -30.56
C THR B 918 -3.80 -20.27 -31.87
N LEU B 919 -4.04 -18.97 -31.83
CA LEU B 919 -3.92 -18.20 -33.05
C LEU B 919 -2.46 -18.18 -33.58
N ASN B 920 -1.45 -18.15 -32.72
CA ASN B 920 -0.05 -18.10 -33.18
C ASN B 920 0.25 -19.35 -33.95
N VAL B 921 -0.19 -20.49 -33.41
CA VAL B 921 0.09 -21.76 -34.06
C VAL B 921 -0.66 -21.81 -35.39
N CYS B 922 -1.94 -21.44 -35.40
CA CYS B 922 -2.70 -21.48 -36.65
C CYS B 922 -2.00 -20.64 -37.69
N GLN B 923 -1.56 -19.46 -37.26
CA GLN B 923 -0.87 -18.59 -38.17
C GLN B 923 0.44 -19.19 -38.75
N ALA B 924 1.23 -19.82 -37.87
CA ALA B 924 2.52 -20.34 -38.28
C ALA B 924 2.32 -21.36 -39.41
N TYR B 925 1.35 -22.23 -39.26
CA TYR B 925 1.17 -23.26 -40.29
C TYR B 925 0.48 -22.67 -41.51
N THR B 926 -0.31 -21.64 -41.30
CA THR B 926 -0.89 -20.97 -42.43
C THR B 926 0.19 -20.33 -43.34
N LEU B 927 1.13 -19.61 -42.70
CA LEU B 927 2.26 -18.95 -43.40
C LEU B 927 3.06 -20.02 -44.16
N LYS B 928 3.33 -21.14 -43.51
CA LYS B 928 3.97 -22.20 -44.19
C LYS B 928 3.23 -22.60 -45.47
N ARG B 929 1.93 -22.78 -45.40
CA ARG B 929 1.18 -23.21 -46.57
C ARG B 929 1.19 -22.20 -47.66
N ILE B 930 1.09 -20.95 -47.27
CA ILE B 930 1.11 -19.85 -48.19
C ILE B 930 2.46 -19.70 -48.81
N ARG B 931 3.55 -19.88 -48.05
CA ARG B 931 4.88 -19.73 -48.64
C ARG B 931 5.32 -20.91 -49.44
N ASP B 932 4.80 -22.08 -49.16
CA ASP B 932 5.32 -23.28 -49.78
C ASP B 932 4.14 -24.03 -50.43
N PRO B 933 3.90 -23.76 -51.72
CA PRO B 933 2.80 -24.42 -52.36
C PRO B 933 2.92 -25.95 -52.44
N ASN B 934 4.11 -26.51 -52.12
CA ASN B 934 4.27 -27.97 -52.02
C ASN B 934 4.27 -28.50 -50.59
N TYR B 935 3.99 -27.66 -49.59
CA TYR B 935 3.75 -28.22 -48.25
C TYR B 935 2.27 -28.65 -48.12
N HIS B 936 2.06 -29.93 -47.86
CA HIS B 936 0.75 -30.54 -47.64
C HIS B 936 0.77 -31.56 -46.51
N VAL B 937 -0.39 -31.76 -45.92
CA VAL B 937 -0.58 -32.65 -44.81
C VAL B 937 -1.90 -33.31 -45.07
N THR B 938 -2.09 -34.51 -44.56
CA THR B 938 -3.42 -35.10 -44.59
C THR B 938 -4.44 -34.27 -43.80
N LEU B 939 -5.53 -33.97 -44.49
CA LEU B 939 -6.60 -33.12 -44.02
C LEU B 939 -7.72 -33.96 -43.45
N ARG B 940 -8.22 -33.59 -42.27
CA ARG B 940 -9.38 -34.23 -41.73
C ARG B 940 -10.64 -33.97 -42.54
N PRO B 941 -11.54 -34.96 -42.62
CA PRO B 941 -12.86 -34.69 -43.22
C PRO B 941 -13.45 -33.41 -42.57
N HIS B 942 -14.15 -32.60 -43.34
CA HIS B 942 -14.68 -31.30 -42.91
C HIS B 942 -15.49 -31.48 -41.63
N ILE B 943 -15.18 -30.72 -40.60
CA ILE B 943 -15.82 -30.88 -39.29
C ILE B 943 -17.10 -30.07 -39.07
N SER B 944 -17.15 -28.84 -39.57
CA SER B 944 -18.27 -27.94 -39.28
C SER B 944 -19.47 -28.23 -40.13
N LYS B 945 -20.64 -28.06 -39.56
CA LYS B 945 -21.85 -27.90 -40.32
C LYS B 945 -22.11 -26.40 -40.56
N GLU B 946 -23.13 -26.15 -41.38
CA GLU B 946 -23.76 -24.85 -41.56
C GLU B 946 -25.26 -25.08 -41.17
N TYR B 947 -26.19 -24.26 -41.64
CA TYR B 947 -27.64 -24.47 -41.44
C TYR B 947 -28.03 -24.47 -39.97
N ALA B 968 -14.90 -18.08 -52.34
CA ALA B 968 -14.18 -19.27 -51.90
C ALA B 968 -13.03 -18.82 -51.00
N PRO B 969 -13.30 -18.73 -49.67
CA PRO B 969 -12.29 -18.17 -48.78
C PRO B 969 -11.04 -19.03 -48.75
N GLY B 970 -9.87 -18.40 -48.73
CA GLY B 970 -8.61 -19.08 -48.69
C GLY B 970 -7.70 -18.92 -47.49
N LEU B 971 -6.45 -19.23 -47.75
CA LEU B 971 -5.42 -19.12 -46.77
C LEU B 971 -5.21 -17.70 -46.37
N GLU B 972 -5.32 -16.77 -47.30
CA GLU B 972 -5.00 -15.39 -46.94
C GLU B 972 -6.09 -14.87 -45.96
N ASP B 973 -7.31 -15.30 -46.11
CA ASP B 973 -8.43 -14.98 -45.19
C ASP B 973 -8.13 -15.49 -43.78
N THR B 974 -7.64 -16.74 -43.69
CA THR B 974 -7.29 -17.27 -42.37
C THR B 974 -6.18 -16.48 -41.72
N LEU B 975 -5.18 -16.18 -42.52
CA LEU B 975 -4.10 -15.34 -42.02
C LEU B 975 -4.59 -14.01 -41.47
N ILE B 976 -5.49 -13.33 -42.17
CA ILE B 976 -5.89 -11.97 -41.75
C ILE B 976 -6.61 -12.05 -40.39
N LEU B 977 -7.45 -13.08 -40.24
CA LEU B 977 -8.12 -13.41 -38.99
C LEU B 977 -7.16 -13.64 -37.84
N THR B 978 -6.12 -14.45 -38.05
CA THR B 978 -5.12 -14.68 -37.00
C THR B 978 -4.40 -13.39 -36.64
N MET B 979 -4.06 -12.60 -37.65
CA MET B 979 -3.29 -11.39 -37.40
C MET B 979 -4.15 -10.43 -36.62
N LYS B 980 -5.42 -10.25 -37.01
CA LYS B 980 -6.28 -9.37 -36.21
C LYS B 980 -6.51 -9.87 -34.80
N GLY B 981 -6.76 -11.15 -34.62
CA GLY B 981 -7.00 -11.66 -33.29
C GLY B 981 -5.77 -11.54 -32.42
N ILE B 982 -4.61 -11.85 -32.97
CA ILE B 982 -3.39 -11.76 -32.17
C ILE B 982 -3.17 -10.33 -31.74
N ALA B 983 -3.35 -9.39 -32.65
CA ALA B 983 -3.18 -7.96 -32.31
C ALA B 983 -4.24 -7.50 -31.31
N ALA B 984 -5.47 -7.98 -31.42
CA ALA B 984 -6.44 -7.60 -30.39
C ALA B 984 -6.06 -8.19 -28.99
N GLY B 985 -5.48 -9.39 -28.96
CA GLY B 985 -5.04 -9.91 -27.68
C GLY B 985 -3.79 -9.22 -27.15
N MET B 986 -2.89 -8.74 -28.02
CA MET B 986 -1.64 -8.13 -27.52
C MET B 986 -1.80 -6.68 -27.11
N GLN B 987 -2.73 -5.99 -27.73
CA GLN B 987 -2.89 -4.59 -27.52
C GLN B 987 -1.54 -3.88 -27.67
N ASN B 988 -1.19 -2.97 -26.74
CA ASN B 988 -0.05 -2.14 -26.93
C ASN B 988 1.18 -2.82 -26.42
N THR B 989 2.29 -2.65 -27.15
CA THR B 989 3.60 -3.04 -26.64
C THR B 989 4.59 -1.89 -26.82
N GLY B 990 5.30 -1.88 -27.93
CA GLY B 990 6.30 -0.83 -28.15
C GLY B 990 5.81 0.26 -29.09
#